data_5XND
#
_entry.id   5XND
#
loop_
_entity.id
_entity.type
_entity.pdbx_description
1 polymer 'Parvalbumin beta'
2 non-polymer 'CALCIUM ION'
#
_entity_poly.entity_id   1
_entity_poly.type   'polypeptide(L)'
_entity_poly.pdbx_seq_one_letter_code
;GPLGSMAFASVLKDAEVTAALDGCKAAGSFDHKKFFKACGLSGKSTDEVKKAFAIIDQDKSGFIEEEELKLFLQNFKAGA
RALSDAETKAFLKAGDSDGDGKIGIDEFAAMIKG
;
_entity_poly.pdbx_strand_id   A
#
# COMPACT_ATOMS: atom_id res chain seq x y z
N SER A 5 -7.25 -6.02 -8.62
CA SER A 5 -7.06 -5.96 -10.07
C SER A 5 -6.13 -4.79 -10.42
N MET A 6 -5.73 -4.76 -11.68
CA MET A 6 -4.85 -3.71 -12.15
C MET A 6 -5.57 -2.36 -12.19
N ALA A 7 -5.69 -1.77 -11.01
CA ALA A 7 -6.35 -0.48 -10.89
C ALA A 7 -5.32 0.64 -11.06
N PHE A 8 -4.30 0.58 -10.22
CA PHE A 8 -3.24 1.58 -10.28
C PHE A 8 -2.69 1.72 -11.69
N ALA A 9 -2.91 0.68 -12.49
CA ALA A 9 -2.44 0.68 -13.86
C ALA A 9 -2.88 1.98 -14.55
N SER A 10 -3.92 2.57 -14.01
CA SER A 10 -4.44 3.81 -14.56
C SER A 10 -3.65 5.00 -14.03
N VAL A 11 -3.51 5.04 -12.71
CA VAL A 11 -2.77 6.10 -12.07
C VAL A 11 -1.31 6.04 -12.50
N LEU A 12 -0.66 4.94 -12.14
CA LEU A 12 0.73 4.74 -12.49
C LEU A 12 0.83 3.74 -13.64
N LYS A 13 2.07 3.43 -14.00
CA LYS A 13 2.32 2.50 -15.08
C LYS A 13 2.24 1.06 -14.54
N ASP A 14 1.33 0.29 -15.14
CA ASP A 14 1.16 -1.09 -14.73
C ASP A 14 2.50 -1.82 -14.76
N ALA A 15 3.34 -1.38 -15.68
CA ALA A 15 4.66 -1.98 -15.83
C ALA A 15 5.56 -1.51 -14.69
N GLU A 16 5.27 -0.31 -14.20
CA GLU A 16 6.04 0.26 -13.10
C GLU A 16 5.72 -0.47 -11.80
N VAL A 17 4.44 -0.45 -11.44
CA VAL A 17 4.00 -1.10 -10.21
C VAL A 17 4.36 -2.58 -10.26
N THR A 18 4.39 -3.10 -11.49
CA THR A 18 4.73 -4.51 -11.69
C THR A 18 6.02 -4.86 -10.96
N ALA A 19 7.06 -4.10 -11.27
CA ALA A 19 8.36 -4.31 -10.66
C ALA A 19 8.25 -4.07 -9.15
N ALA A 20 7.24 -3.30 -8.78
CA ALA A 20 7.02 -2.99 -7.38
C ALA A 20 6.27 -4.15 -6.72
N LEU A 21 5.65 -4.96 -7.55
CA LEU A 21 4.90 -6.11 -7.07
C LEU A 21 5.82 -7.32 -6.99
N ASP A 22 6.82 -7.34 -7.86
CA ASP A 22 7.77 -8.43 -7.89
C ASP A 22 8.87 -8.17 -6.85
N GLY A 23 8.95 -6.93 -6.41
CA GLY A 23 9.94 -6.54 -5.42
C GLY A 23 9.52 -6.98 -4.02
N CYS A 24 8.24 -7.33 -3.90
CA CYS A 24 7.70 -7.76 -2.62
C CYS A 24 7.44 -9.27 -2.71
N LYS A 25 7.34 -9.76 -3.93
CA LYS A 25 7.09 -11.17 -4.16
C LYS A 25 7.91 -12.00 -3.17
N ALA A 26 9.06 -11.45 -2.80
CA ALA A 26 9.94 -12.12 -1.85
C ALA A 26 9.34 -12.03 -0.45
N ALA A 27 9.03 -13.20 0.09
CA ALA A 27 8.45 -13.27 1.43
C ALA A 27 9.31 -12.44 2.39
N GLY A 28 8.64 -11.90 3.40
CA GLY A 28 9.33 -11.09 4.40
C GLY A 28 10.40 -10.21 3.75
N SER A 29 10.14 -9.84 2.50
CA SER A 29 11.07 -9.00 1.76
C SER A 29 10.33 -7.76 1.22
N PHE A 30 9.06 -7.67 1.57
CA PHE A 30 8.25 -6.55 1.13
C PHE A 30 8.75 -5.24 1.74
N ASP A 31 9.02 -4.28 0.87
CA ASP A 31 9.50 -2.98 1.31
C ASP A 31 8.56 -1.90 0.78
N HIS A 32 7.47 -1.70 1.49
CA HIS A 32 6.49 -0.69 1.11
C HIS A 32 7.21 0.56 0.61
N LYS A 33 8.06 1.10 1.48
CA LYS A 33 8.81 2.29 1.13
C LYS A 33 9.35 2.17 -0.30
N LYS A 34 9.99 1.04 -0.56
CA LYS A 34 10.54 0.79 -1.88
C LYS A 34 9.42 0.74 -2.91
N PHE A 35 8.30 0.15 -2.48
CA PHE A 35 7.14 0.03 -3.35
C PHE A 35 6.65 1.42 -3.80
N PHE A 36 6.22 2.20 -2.82
CA PHE A 36 5.72 3.53 -3.11
C PHE A 36 6.78 4.37 -3.83
N LYS A 37 8.02 4.16 -3.43
CA LYS A 37 9.14 4.89 -4.03
C LYS A 37 9.38 4.35 -5.43
N ALA A 38 8.99 3.10 -5.64
CA ALA A 38 9.17 2.47 -6.93
C ALA A 38 8.18 3.06 -7.94
N CYS A 39 6.90 2.89 -7.63
CA CYS A 39 5.86 3.42 -8.51
C CYS A 39 5.96 4.94 -8.52
N GLY A 40 6.63 5.46 -7.50
CA GLY A 40 6.81 6.90 -7.39
C GLY A 40 5.83 7.49 -6.38
N LEU A 41 4.89 6.66 -5.96
CA LEU A 41 3.87 7.09 -5.00
C LEU A 41 4.54 7.97 -3.94
N SER A 42 5.74 7.57 -3.56
CA SER A 42 6.49 8.31 -2.55
C SER A 42 6.97 9.65 -3.13
N GLY A 43 6.49 10.72 -2.52
CA GLY A 43 6.86 12.05 -2.96
C GLY A 43 5.75 12.67 -3.82
N LYS A 44 4.92 11.81 -4.39
CA LYS A 44 3.83 12.26 -5.23
C LYS A 44 2.98 13.26 -4.46
N SER A 45 1.85 13.61 -5.05
CA SER A 45 0.94 14.57 -4.43
C SER A 45 0.04 13.85 -3.41
N THR A 46 -0.19 14.53 -2.31
CA THR A 46 -1.02 13.97 -1.25
C THR A 46 -2.47 13.83 -1.73
N ASP A 47 -2.73 14.41 -2.90
CA ASP A 47 -4.06 14.35 -3.48
C ASP A 47 -4.27 12.99 -4.13
N GLU A 48 -3.36 12.65 -5.03
CA GLU A 48 -3.43 11.38 -5.74
C GLU A 48 -3.42 10.23 -4.74
N VAL A 49 -2.57 10.37 -3.72
CA VAL A 49 -2.45 9.35 -2.70
C VAL A 49 -3.85 8.91 -2.25
N LYS A 50 -4.66 9.90 -1.91
CA LYS A 50 -6.02 9.64 -1.47
C LYS A 50 -6.73 8.78 -2.52
N LYS A 51 -6.36 8.99 -3.77
CA LYS A 51 -6.96 8.24 -4.86
C LYS A 51 -6.30 6.87 -4.95
N ALA A 52 -5.08 6.79 -4.44
CA ALA A 52 -4.35 5.54 -4.46
C ALA A 52 -4.80 4.68 -3.27
N PHE A 53 -5.36 5.33 -2.28
CA PHE A 53 -5.83 4.64 -1.10
C PHE A 53 -7.11 3.84 -1.41
N ALA A 54 -7.77 4.23 -2.48
CA ALA A 54 -8.99 3.56 -2.89
C ALA A 54 -8.64 2.25 -3.60
N ILE A 55 -7.65 2.34 -4.48
CA ILE A 55 -7.20 1.18 -5.23
C ILE A 55 -7.17 -0.04 -4.29
N ILE A 56 -6.57 0.16 -3.13
CA ILE A 56 -6.46 -0.90 -2.14
C ILE A 56 -7.83 -1.18 -1.55
N ASP A 57 -8.39 -0.16 -0.90
CA ASP A 57 -9.69 -0.29 -0.29
C ASP A 57 -10.62 -1.09 -1.21
N GLN A 58 -10.82 -2.34 -0.84
CA GLN A 58 -11.68 -3.23 -1.62
C GLN A 58 -13.10 -3.22 -1.06
N ASP A 59 -13.20 -2.89 0.20
CA ASP A 59 -14.52 -2.84 0.87
C ASP A 59 -14.88 -1.40 1.24
N LYS A 60 -14.05 -0.45 0.86
CA LYS A 60 -14.31 0.95 1.17
C LYS A 60 -14.84 1.05 2.61
N SER A 61 -14.12 0.40 3.51
CA SER A 61 -14.51 0.42 4.91
C SER A 61 -14.19 1.78 5.53
N GLY A 62 -13.57 2.62 4.73
CA GLY A 62 -13.21 3.96 5.19
C GLY A 62 -11.75 4.00 5.68
N PHE A 63 -11.30 2.85 6.17
CA PHE A 63 -9.94 2.74 6.67
C PHE A 63 -9.29 1.44 6.20
N ILE A 64 -8.03 1.28 6.59
CA ILE A 64 -7.28 0.08 6.20
C ILE A 64 -6.86 -0.66 7.46
N GLU A 65 -7.82 -1.37 8.04
CA GLU A 65 -7.56 -2.13 9.25
C GLU A 65 -6.28 -2.97 9.10
N GLU A 66 -5.77 -3.42 10.23
CA GLU A 66 -4.56 -4.22 10.23
C GLU A 66 -4.72 -5.43 9.32
N GLU A 67 -5.98 -5.82 9.12
CA GLU A 67 -6.28 -6.96 8.27
C GLU A 67 -6.22 -6.56 6.79
N GLU A 68 -6.44 -5.28 6.56
CA GLU A 68 -6.42 -4.75 5.20
C GLU A 68 -4.99 -4.38 4.81
N LEU A 69 -4.18 -4.08 5.82
CA LEU A 69 -2.80 -3.71 5.58
C LEU A 69 -2.11 -4.82 4.78
N LYS A 70 -2.26 -6.03 5.26
CA LYS A 70 -1.66 -7.19 4.60
C LYS A 70 -2.22 -7.30 3.18
N LEU A 71 -3.32 -6.59 2.95
CA LEU A 71 -3.96 -6.61 1.65
C LEU A 71 -3.42 -5.44 0.82
N PHE A 72 -2.20 -5.04 1.13
CA PHE A 72 -1.56 -3.95 0.41
C PHE A 72 -0.97 -4.43 -0.91
N LEU A 73 -1.26 -5.68 -1.24
CA LEU A 73 -0.75 -6.27 -2.47
C LEU A 73 -1.94 -6.66 -3.35
N GLN A 74 -3.13 -6.55 -2.79
CA GLN A 74 -4.34 -6.89 -3.52
C GLN A 74 -4.90 -5.65 -4.21
N ASN A 75 -4.19 -4.54 -4.06
CA ASN A 75 -4.60 -3.29 -4.68
C ASN A 75 -4.13 -3.26 -6.13
N PHE A 76 -2.87 -3.64 -6.32
CA PHE A 76 -2.28 -3.66 -7.65
C PHE A 76 -2.66 -4.93 -8.39
N LYS A 77 -3.52 -5.72 -7.76
CA LYS A 77 -3.96 -6.98 -8.36
C LYS A 77 -5.00 -7.62 -7.45
N ALA A 78 -5.89 -8.39 -8.06
CA ALA A 78 -6.93 -9.07 -7.32
C ALA A 78 -6.56 -10.55 -7.17
N GLY A 79 -5.48 -10.78 -6.46
CA GLY A 79 -5.01 -12.16 -6.23
C GLY A 79 -3.72 -12.15 -5.42
N ALA A 80 -2.90 -11.15 -5.67
CA ALA A 80 -1.63 -11.02 -4.98
C ALA A 80 -1.81 -11.42 -3.51
N ARG A 81 -0.83 -12.15 -3.01
CA ARG A 81 -0.87 -12.60 -1.63
C ARG A 81 -1.01 -11.42 -0.68
N ALA A 82 -0.85 -11.70 0.60
CA ALA A 82 -0.96 -10.66 1.62
C ALA A 82 0.29 -10.68 2.50
N LEU A 83 0.84 -9.50 2.73
CA LEU A 83 2.03 -9.37 3.55
C LEU A 83 1.92 -10.32 4.75
N SER A 84 3.07 -10.81 5.18
CA SER A 84 3.12 -11.72 6.31
C SER A 84 2.56 -11.04 7.55
N ASP A 85 2.62 -11.76 8.66
CA ASP A 85 2.12 -11.24 9.92
C ASP A 85 3.04 -10.11 10.41
N ALA A 86 4.30 -10.22 10.03
CA ALA A 86 5.28 -9.23 10.42
C ALA A 86 5.29 -8.09 9.38
N GLU A 87 5.38 -8.49 8.13
CA GLU A 87 5.40 -7.52 7.04
C GLU A 87 4.29 -6.49 7.24
N THR A 88 3.11 -6.99 7.58
CA THR A 88 1.97 -6.12 7.80
C THR A 88 2.17 -5.27 9.06
N LYS A 89 2.94 -5.82 9.98
CA LYS A 89 3.23 -5.14 11.22
C LYS A 89 4.16 -3.95 10.95
N ALA A 90 5.19 -4.21 10.16
CA ALA A 90 6.15 -3.19 9.82
C ALA A 90 5.45 -2.08 9.02
N PHE A 91 4.70 -2.51 8.02
CA PHE A 91 3.98 -1.58 7.17
C PHE A 91 2.90 -0.84 7.97
N LEU A 92 2.62 -1.35 9.16
CA LEU A 92 1.64 -0.76 10.03
C LEU A 92 2.28 0.39 10.82
N LYS A 93 3.23 0.01 11.67
CA LYS A 93 3.94 0.99 12.48
C LYS A 93 4.64 2.00 11.57
N ALA A 94 4.91 1.55 10.35
CA ALA A 94 5.59 2.40 9.38
C ALA A 94 4.65 3.54 8.97
N GLY A 95 3.36 3.26 9.03
CA GLY A 95 2.35 4.25 8.66
C GLY A 95 1.58 4.71 9.89
N ASP A 96 0.77 3.81 10.43
CA ASP A 96 -0.03 4.12 11.59
C ASP A 96 0.85 4.77 12.66
N SER A 97 0.50 5.99 13.01
CA SER A 97 1.26 6.73 14.01
C SER A 97 0.54 6.67 15.36
N ASP A 98 -0.54 5.91 15.38
CA ASP A 98 -1.33 5.78 16.63
C ASP A 98 -1.45 4.30 17.00
N GLY A 99 -1.05 3.40 16.11
CA GLY A 99 -1.15 1.97 16.38
C GLY A 99 -2.48 1.63 17.03
N ASP A 100 -3.55 1.86 16.28
CA ASP A 100 -4.89 1.58 16.77
C ASP A 100 -5.40 0.30 16.14
N GLY A 101 -4.81 -0.04 15.00
CA GLY A 101 -5.20 -1.24 14.27
C GLY A 101 -5.76 -0.89 12.89
N LYS A 102 -5.67 0.38 12.55
CA LYS A 102 -6.15 0.84 11.27
C LYS A 102 -5.23 1.95 10.75
N ILE A 103 -5.21 2.11 9.44
CA ILE A 103 -4.39 3.13 8.81
C ILE A 103 -5.26 3.99 7.89
N GLY A 104 -5.55 5.19 8.36
CA GLY A 104 -6.37 6.12 7.60
C GLY A 104 -5.60 6.65 6.38
N ILE A 105 -6.18 7.64 5.74
CA ILE A 105 -5.57 8.24 4.57
C ILE A 105 -4.42 9.16 5.00
N ASP A 106 -4.74 10.05 5.93
CA ASP A 106 -3.76 10.98 6.44
C ASP A 106 -2.50 10.20 6.87
N GLU A 107 -2.73 8.96 7.28
CA GLU A 107 -1.63 8.12 7.71
C GLU A 107 -1.00 7.40 6.51
N PHE A 108 -1.86 7.03 5.57
CA PHE A 108 -1.41 6.34 4.37
C PHE A 108 -0.52 7.25 3.52
N ALA A 109 -0.83 8.55 3.57
CA ALA A 109 -0.07 9.53 2.82
C ALA A 109 1.15 9.96 3.63
N ALA A 110 1.23 9.45 4.85
CA ALA A 110 2.33 9.78 5.73
C ALA A 110 3.50 8.83 5.44
N MET A 111 3.21 7.54 5.50
CA MET A 111 4.23 6.53 5.25
C MET A 111 4.93 6.79 3.91
N ILE A 112 4.28 7.56 3.07
CA ILE A 112 4.82 7.89 1.76
C ILE A 112 5.44 9.29 1.81
N LYS A 113 4.72 10.21 2.44
CA LYS A 113 5.19 11.57 2.55
C LYS A 113 6.50 11.60 3.35
N GLY A 114 6.70 10.54 4.14
CA GLY A 114 7.90 10.43 4.95
C GLY A 114 8.37 8.98 5.01
N SER A 5 -8.54 -6.53 -13.66
CA SER A 5 -8.84 -5.11 -13.77
C SER A 5 -7.95 -4.32 -12.80
N MET A 6 -7.01 -3.60 -13.37
CA MET A 6 -6.09 -2.80 -12.57
C MET A 6 -6.56 -1.35 -12.49
N ALA A 7 -6.57 -0.83 -11.28
CA ALA A 7 -6.99 0.55 -11.05
C ALA A 7 -5.81 1.49 -11.29
N PHE A 8 -4.71 1.20 -10.61
CA PHE A 8 -3.52 2.01 -10.74
C PHE A 8 -3.11 2.15 -12.21
N ALA A 9 -3.62 1.25 -13.03
CA ALA A 9 -3.33 1.26 -14.45
C ALA A 9 -3.39 2.70 -14.96
N SER A 10 -4.22 3.50 -14.29
CA SER A 10 -4.37 4.88 -14.67
C SER A 10 -3.58 5.79 -13.72
N VAL A 11 -3.70 5.47 -12.43
CA VAL A 11 -3.01 6.24 -11.41
C VAL A 11 -1.50 6.09 -11.60
N LEU A 12 -1.03 4.86 -11.46
CA LEU A 12 0.39 4.57 -11.63
C LEU A 12 0.60 3.83 -12.95
N LYS A 13 1.85 3.44 -13.17
CA LYS A 13 2.21 2.73 -14.38
C LYS A 13 2.04 1.22 -14.16
N ASP A 14 1.06 0.66 -14.84
CA ASP A 14 0.78 -0.76 -14.73
C ASP A 14 2.03 -1.55 -15.10
N ALA A 15 2.94 -0.86 -15.79
CA ALA A 15 4.18 -1.50 -16.21
C ALA A 15 5.21 -1.40 -15.09
N GLU A 16 5.07 -0.35 -14.28
CA GLU A 16 5.97 -0.12 -13.17
C GLU A 16 5.48 -0.87 -11.93
N VAL A 17 4.28 -0.50 -11.49
CA VAL A 17 3.69 -1.14 -10.33
C VAL A 17 3.99 -2.63 -10.34
N THR A 18 3.71 -3.25 -11.47
CA THR A 18 3.95 -4.67 -11.63
C THR A 18 5.36 -5.03 -11.17
N ALA A 19 6.33 -4.29 -11.69
CA ALA A 19 7.71 -4.52 -11.34
C ALA A 19 7.89 -4.34 -9.83
N ALA A 20 7.12 -3.41 -9.28
CA ALA A 20 7.17 -3.14 -7.85
C ALA A 20 6.50 -4.28 -7.09
N LEU A 21 5.59 -4.96 -7.78
CA LEU A 21 4.87 -6.07 -7.18
C LEU A 21 5.81 -7.28 -7.07
N ASP A 22 6.56 -7.50 -8.15
CA ASP A 22 7.49 -8.62 -8.18
C ASP A 22 8.72 -8.29 -7.32
N GLY A 23 8.86 -7.00 -7.02
CA GLY A 23 9.97 -6.54 -6.22
C GLY A 23 9.78 -6.93 -4.75
N CYS A 24 8.64 -7.53 -4.47
CA CYS A 24 8.32 -7.96 -3.12
C CYS A 24 7.65 -9.34 -3.20
N LYS A 25 7.95 -10.05 -4.28
CA LYS A 25 7.39 -11.37 -4.48
C LYS A 25 7.81 -12.28 -3.33
N ALA A 26 9.09 -12.23 -3.01
CA ALA A 26 9.63 -13.05 -1.93
C ALA A 26 9.16 -12.48 -0.59
N ALA A 27 8.45 -13.33 0.15
CA ALA A 27 7.93 -12.94 1.45
C ALA A 27 9.10 -12.60 2.38
N GLY A 28 8.91 -11.56 3.17
CA GLY A 28 9.93 -11.12 4.11
C GLY A 28 10.85 -10.09 3.47
N SER A 29 10.92 -10.14 2.15
CA SER A 29 11.76 -9.21 1.40
C SER A 29 10.91 -8.05 0.87
N PHE A 30 9.72 -7.94 1.42
CA PHE A 30 8.81 -6.88 1.01
C PHE A 30 9.00 -5.62 1.86
N ASP A 31 8.80 -4.48 1.22
CA ASP A 31 8.95 -3.21 1.91
C ASP A 31 7.91 -2.22 1.38
N HIS A 32 7.19 -1.61 2.30
CA HIS A 32 6.16 -0.65 1.94
C HIS A 32 6.82 0.61 1.39
N LYS A 33 7.60 1.26 2.25
CA LYS A 33 8.29 2.48 1.85
C LYS A 33 8.97 2.25 0.49
N LYS A 34 9.53 1.07 0.34
CA LYS A 34 10.21 0.72 -0.90
C LYS A 34 9.20 0.66 -2.04
N PHE A 35 8.17 -0.15 -1.84
CA PHE A 35 7.12 -0.30 -2.83
C PHE A 35 6.72 1.05 -3.43
N PHE A 36 6.20 1.90 -2.56
CA PHE A 36 5.77 3.23 -2.97
C PHE A 36 6.89 3.96 -3.72
N LYS A 37 8.12 3.58 -3.40
CA LYS A 37 9.27 4.19 -4.02
C LYS A 37 9.59 3.45 -5.33
N ALA A 38 9.14 2.19 -5.39
CA ALA A 38 9.36 1.38 -6.57
C ALA A 38 8.30 1.70 -7.62
N CYS A 39 7.14 2.12 -7.12
CA CYS A 39 6.03 2.47 -8.00
C CYS A 39 6.08 3.97 -8.28
N GLY A 40 6.66 4.69 -7.32
CA GLY A 40 6.76 6.14 -7.44
C GLY A 40 5.78 6.84 -6.52
N LEU A 41 4.84 6.07 -6.00
CA LEU A 41 3.83 6.61 -5.10
C LEU A 41 4.49 7.59 -4.13
N SER A 42 5.77 7.33 -3.85
CA SER A 42 6.52 8.18 -2.95
C SER A 42 6.69 9.57 -3.55
N GLY A 43 7.17 9.60 -4.79
CA GLY A 43 7.37 10.85 -5.49
C GLY A 43 6.08 11.33 -6.16
N LYS A 44 5.01 10.60 -5.88
CA LYS A 44 3.71 10.94 -6.45
C LYS A 44 3.12 12.12 -5.67
N SER A 45 1.90 12.46 -6.03
CA SER A 45 1.21 13.57 -5.37
C SER A 45 0.24 13.03 -4.32
N THR A 46 0.08 13.81 -3.26
CA THR A 46 -0.81 13.43 -2.18
C THR A 46 -2.25 13.33 -2.68
N ASP A 47 -2.46 13.85 -3.88
CA ASP A 47 -3.78 13.82 -4.48
C ASP A 47 -4.14 12.39 -4.87
N GLU A 48 -3.35 11.84 -5.79
CA GLU A 48 -3.57 10.48 -6.26
C GLU A 48 -3.59 9.52 -5.07
N VAL A 49 -2.73 9.78 -4.10
CA VAL A 49 -2.63 8.95 -2.93
C VAL A 49 -4.04 8.70 -2.37
N LYS A 50 -4.81 9.78 -2.30
CA LYS A 50 -6.17 9.69 -1.79
C LYS A 50 -6.98 8.74 -2.68
N LYS A 51 -6.61 8.71 -3.95
CA LYS A 51 -7.28 7.84 -4.91
C LYS A 51 -6.65 6.45 -4.87
N ALA A 52 -5.44 6.41 -4.36
CA ALA A 52 -4.71 5.16 -4.26
C ALA A 52 -5.13 4.43 -2.99
N PHE A 53 -5.83 5.15 -2.13
CA PHE A 53 -6.30 4.59 -0.87
C PHE A 53 -7.57 3.75 -1.09
N ALA A 54 -8.24 4.03 -2.19
CA ALA A 54 -9.46 3.32 -2.52
C ALA A 54 -9.11 2.04 -3.28
N ILE A 55 -7.99 2.10 -4.00
CA ILE A 55 -7.53 0.97 -4.77
C ILE A 55 -7.38 -0.25 -3.85
N ILE A 56 -6.76 0.00 -2.69
CA ILE A 56 -6.54 -1.06 -1.73
C ILE A 56 -7.88 -1.46 -1.10
N ASP A 57 -8.46 -0.51 -0.38
CA ASP A 57 -9.74 -0.76 0.27
C ASP A 57 -10.68 -1.46 -0.71
N GLN A 58 -10.84 -2.76 -0.50
CA GLN A 58 -11.71 -3.56 -1.35
C GLN A 58 -13.16 -3.46 -0.88
N ASP A 59 -13.32 -3.00 0.33
CA ASP A 59 -14.68 -2.85 0.91
C ASP A 59 -14.95 -1.38 1.24
N LYS A 60 -13.95 -0.53 1.10
CA LYS A 60 -14.13 0.88 1.40
C LYS A 60 -14.79 1.03 2.77
N SER A 61 -14.15 0.43 3.77
CA SER A 61 -14.66 0.50 5.12
C SER A 61 -14.41 1.89 5.72
N GLY A 62 -13.61 2.66 5.01
CA GLY A 62 -13.29 4.01 5.45
C GLY A 62 -11.85 4.08 5.99
N PHE A 63 -11.31 2.91 6.30
CA PHE A 63 -9.96 2.82 6.83
C PHE A 63 -9.23 1.60 6.27
N ILE A 64 -8.03 1.40 6.76
CA ILE A 64 -7.21 0.27 6.32
C ILE A 64 -6.75 -0.53 7.55
N GLU A 65 -7.67 -1.36 8.05
CA GLU A 65 -7.36 -2.18 9.20
C GLU A 65 -6.03 -2.91 9.01
N GLU A 66 -5.54 -3.47 10.10
CA GLU A 66 -4.28 -4.20 10.06
C GLU A 66 -4.40 -5.42 9.15
N GLU A 67 -5.60 -5.99 9.13
CA GLU A 67 -5.86 -7.16 8.32
C GLU A 67 -5.96 -6.77 6.84
N GLU A 68 -6.22 -5.49 6.63
CA GLU A 68 -6.34 -4.97 5.27
C GLU A 68 -5.01 -4.39 4.80
N LEU A 69 -4.14 -4.13 5.78
CA LEU A 69 -2.83 -3.58 5.47
C LEU A 69 -2.05 -4.56 4.60
N LYS A 70 -2.10 -5.82 4.99
CA LYS A 70 -1.40 -6.86 4.26
C LYS A 70 -2.00 -6.97 2.86
N LEU A 71 -3.15 -6.35 2.68
CA LEU A 71 -3.83 -6.37 1.40
C LEU A 71 -3.38 -5.16 0.57
N PHE A 72 -2.26 -4.59 1.00
CA PHE A 72 -1.71 -3.44 0.30
C PHE A 72 -1.31 -3.80 -1.13
N LEU A 73 -1.30 -5.10 -1.40
CA LEU A 73 -0.94 -5.60 -2.72
C LEU A 73 -2.20 -5.95 -3.49
N GLN A 74 -3.31 -6.01 -2.75
CA GLN A 74 -4.59 -6.34 -3.36
C GLN A 74 -5.11 -5.15 -4.18
N ASN A 75 -4.35 -4.07 -4.14
CA ASN A 75 -4.73 -2.87 -4.87
C ASN A 75 -4.26 -3.00 -6.33
N PHE A 76 -3.02 -3.44 -6.47
CA PHE A 76 -2.43 -3.61 -7.79
C PHE A 76 -2.79 -4.98 -8.38
N LYS A 77 -3.69 -5.67 -7.69
CA LYS A 77 -4.13 -6.99 -8.12
C LYS A 77 -5.24 -7.47 -7.20
N ALA A 78 -6.13 -8.28 -7.77
CA ALA A 78 -7.24 -8.83 -7.01
C ALA A 78 -6.91 -10.27 -6.59
N GLY A 79 -5.62 -10.56 -6.58
CA GLY A 79 -5.15 -11.89 -6.19
C GLY A 79 -3.70 -11.85 -5.74
N ALA A 80 -3.29 -10.68 -5.28
CA ALA A 80 -1.92 -10.49 -4.80
C ALA A 80 -1.75 -11.27 -3.50
N ARG A 81 -0.48 -11.44 -3.12
CA ARG A 81 -0.16 -12.16 -1.91
C ARG A 81 -0.35 -11.26 -0.69
N ALA A 82 -0.55 -11.89 0.46
CA ALA A 82 -0.74 -11.15 1.69
C ALA A 82 0.59 -11.02 2.42
N LEU A 83 0.84 -9.82 2.92
CA LEU A 83 2.07 -9.54 3.64
C LEU A 83 2.05 -10.28 4.99
N SER A 84 3.19 -10.88 5.31
CA SER A 84 3.31 -11.62 6.56
C SER A 84 3.09 -10.68 7.74
N ASP A 85 2.49 -11.23 8.80
CA ASP A 85 2.22 -10.46 9.98
C ASP A 85 3.41 -9.55 10.29
N ALA A 86 4.58 -10.01 9.90
CA ALA A 86 5.80 -9.24 10.12
C ALA A 86 5.78 -8.01 9.22
N GLU A 87 5.83 -8.25 7.92
CA GLU A 87 5.83 -7.18 6.95
C GLU A 87 4.69 -6.20 7.24
N THR A 88 3.51 -6.75 7.42
CA THR A 88 2.34 -5.94 7.72
C THR A 88 2.55 -5.16 9.03
N LYS A 89 3.21 -5.81 9.97
CA LYS A 89 3.48 -5.20 11.25
C LYS A 89 4.30 -3.92 11.04
N ALA A 90 5.37 -4.07 10.27
CA ALA A 90 6.25 -2.95 9.99
C ALA A 90 5.52 -1.97 9.06
N PHE A 91 4.46 -2.46 8.45
CA PHE A 91 3.68 -1.65 7.54
C PHE A 91 2.68 -0.77 8.31
N LEU A 92 2.21 -1.30 9.42
CA LEU A 92 1.27 -0.58 10.25
C LEU A 92 1.99 0.53 11.02
N LYS A 93 2.89 0.11 11.89
CA LYS A 93 3.66 1.05 12.68
C LYS A 93 4.39 2.02 11.75
N ALA A 94 4.53 1.61 10.50
CA ALA A 94 5.20 2.43 9.51
C ALA A 94 4.42 3.74 9.32
N GLY A 95 3.14 3.58 9.02
CA GLY A 95 2.28 4.74 8.82
C GLY A 95 1.54 5.10 10.10
N ASP A 96 0.79 4.13 10.61
CA ASP A 96 0.02 4.33 11.83
C ASP A 96 0.98 4.70 12.97
N SER A 97 0.75 5.89 13.51
CA SER A 97 1.58 6.39 14.61
C SER A 97 0.86 6.18 15.94
N ASP A 98 -0.43 5.98 15.85
CA ASP A 98 -1.24 5.76 17.08
C ASP A 98 -1.36 4.26 17.36
N GLY A 99 -1.06 3.42 16.39
CA GLY A 99 -1.15 1.98 16.58
C GLY A 99 -2.54 1.59 17.08
N ASP A 100 -3.54 1.91 16.27
CA ASP A 100 -4.91 1.58 16.62
C ASP A 100 -5.35 0.35 15.84
N GLY A 101 -4.65 0.09 14.74
CA GLY A 101 -4.96 -1.06 13.90
C GLY A 101 -5.54 -0.61 12.56
N LYS A 102 -5.67 0.70 12.41
CA LYS A 102 -6.21 1.26 11.19
C LYS A 102 -5.29 2.38 10.70
N ILE A 103 -5.25 2.53 9.38
CA ILE A 103 -4.42 3.55 8.77
C ILE A 103 -5.25 4.37 7.79
N GLY A 104 -5.62 5.57 8.22
CA GLY A 104 -6.41 6.46 7.39
C GLY A 104 -5.62 6.92 6.17
N ILE A 105 -6.12 7.98 5.54
CA ILE A 105 -5.48 8.53 4.37
C ILE A 105 -4.31 9.42 4.80
N ASP A 106 -4.51 10.10 5.91
CA ASP A 106 -3.49 10.99 6.45
C ASP A 106 -2.30 10.17 6.92
N GLU A 107 -2.58 8.95 7.33
CA GLU A 107 -1.55 8.05 7.81
C GLU A 107 -0.94 7.27 6.64
N PHE A 108 -1.80 6.90 5.70
CA PHE A 108 -1.37 6.16 4.53
C PHE A 108 -0.58 7.05 3.57
N ALA A 109 -0.96 8.32 3.56
CA ALA A 109 -0.30 9.29 2.70
C ALA A 109 0.93 9.86 3.41
N ALA A 110 1.10 9.43 4.66
CA ALA A 110 2.22 9.89 5.46
C ALA A 110 3.44 9.01 5.17
N MET A 111 3.23 7.71 5.33
CA MET A 111 4.30 6.75 5.10
C MET A 111 4.95 6.97 3.73
N ILE A 112 4.20 7.64 2.86
CA ILE A 112 4.68 7.93 1.51
C ILE A 112 5.23 9.35 1.47
N LYS A 113 4.50 10.26 2.09
CA LYS A 113 4.89 11.66 2.13
C LYS A 113 6.18 11.79 2.94
N GLY A 114 6.47 10.75 3.71
CA GLY A 114 7.66 10.74 4.54
C GLY A 114 8.18 9.32 4.75
N SER A 5 -8.46 -5.98 -10.47
CA SER A 5 -8.77 -4.77 -11.22
C SER A 5 -7.52 -3.90 -11.34
N MET A 6 -7.36 -3.29 -12.50
CA MET A 6 -6.22 -2.41 -12.74
C MET A 6 -6.61 -0.95 -12.61
N ALA A 7 -6.58 -0.46 -11.38
CA ALA A 7 -6.93 0.92 -11.11
C ALA A 7 -5.70 1.81 -11.34
N PHE A 8 -4.64 1.47 -10.62
CA PHE A 8 -3.39 2.21 -10.73
C PHE A 8 -3.01 2.44 -12.20
N ALA A 9 -3.53 1.56 -13.05
CA ALA A 9 -3.26 1.64 -14.47
C ALA A 9 -3.35 3.11 -14.92
N SER A 10 -4.17 3.86 -14.20
CA SER A 10 -4.36 5.27 -14.51
C SER A 10 -3.52 6.13 -13.56
N VAL A 11 -3.55 5.75 -12.29
CA VAL A 11 -2.80 6.47 -11.28
C VAL A 11 -1.30 6.37 -11.58
N LEU A 12 -0.81 5.15 -11.54
CA LEU A 12 0.60 4.91 -11.81
C LEU A 12 0.73 4.08 -13.08
N LYS A 13 1.97 3.73 -13.39
CA LYS A 13 2.26 2.94 -14.58
C LYS A 13 2.02 1.46 -14.28
N ASP A 14 1.14 0.86 -15.05
CA ASP A 14 0.81 -0.55 -14.89
C ASP A 14 2.08 -1.39 -15.06
N ALA A 15 3.05 -0.79 -15.74
CA ALA A 15 4.32 -1.46 -15.99
C ALA A 15 5.25 -1.24 -14.79
N GLU A 16 4.93 -0.21 -14.01
CA GLU A 16 5.73 0.12 -12.85
C GLU A 16 5.23 -0.66 -11.63
N VAL A 17 4.00 -0.34 -11.24
CA VAL A 17 3.40 -1.01 -10.09
C VAL A 17 3.75 -2.49 -10.12
N THR A 18 3.47 -3.12 -11.24
CA THR A 18 3.76 -4.53 -11.41
C THR A 18 5.15 -4.86 -10.87
N ALA A 19 6.12 -4.08 -11.33
CA ALA A 19 7.50 -4.29 -10.90
C ALA A 19 7.57 -4.22 -9.37
N ALA A 20 6.79 -3.32 -8.82
CA ALA A 20 6.76 -3.15 -7.37
C ALA A 20 6.27 -4.44 -6.73
N LEU A 21 5.24 -5.02 -7.33
CA LEU A 21 4.68 -6.26 -6.82
C LEU A 21 5.78 -7.32 -6.72
N ASP A 22 6.46 -7.53 -7.84
CA ASP A 22 7.54 -8.50 -7.89
C ASP A 22 8.67 -8.06 -6.95
N GLY A 23 8.59 -6.80 -6.54
CA GLY A 23 9.59 -6.25 -5.65
C GLY A 23 9.48 -6.87 -4.25
N CYS A 24 8.36 -7.52 -4.00
CA CYS A 24 8.12 -8.15 -2.73
C CYS A 24 7.58 -9.56 -2.98
N LYS A 25 7.98 -10.12 -4.12
CA LYS A 25 7.55 -11.45 -4.49
C LYS A 25 7.87 -12.43 -3.36
N ALA A 26 9.10 -12.31 -2.86
CA ALA A 26 9.54 -13.18 -1.78
C ALA A 26 8.84 -12.76 -0.48
N ALA A 27 8.63 -13.75 0.38
CA ALA A 27 7.98 -13.51 1.65
C ALA A 27 9.01 -13.05 2.68
N GLY A 28 8.53 -12.30 3.66
CA GLY A 28 9.40 -11.79 4.71
C GLY A 28 10.40 -10.77 4.14
N SER A 29 10.19 -10.41 2.88
CA SER A 29 11.06 -9.45 2.22
C SER A 29 10.23 -8.28 1.69
N PHE A 30 9.08 -8.07 2.32
CA PHE A 30 8.20 -7.00 1.91
C PHE A 30 8.74 -5.64 2.37
N ASP A 31 8.57 -4.65 1.50
CA ASP A 31 9.04 -3.31 1.80
C ASP A 31 8.06 -2.28 1.20
N HIS A 32 7.13 -1.86 2.03
CA HIS A 32 6.14 -0.89 1.60
C HIS A 32 6.84 0.41 1.19
N LYS A 33 7.55 0.99 2.14
CA LYS A 33 8.27 2.23 1.89
C LYS A 33 8.89 2.18 0.49
N LYS A 34 9.76 1.19 0.30
CA LYS A 34 10.42 1.03 -0.99
C LYS A 34 9.37 0.95 -2.10
N PHE A 35 8.44 0.04 -1.92
CA PHE A 35 7.37 -0.13 -2.90
C PHE A 35 6.86 1.21 -3.40
N PHE A 36 6.30 1.98 -2.48
CA PHE A 36 5.76 3.29 -2.81
C PHE A 36 6.80 4.14 -3.54
N LYS A 37 8.07 3.82 -3.28
CA LYS A 37 9.16 4.53 -3.91
C LYS A 37 9.49 3.89 -5.25
N ALA A 38 9.13 2.62 -5.37
CA ALA A 38 9.37 1.88 -6.59
C ALA A 38 8.28 2.21 -7.62
N CYS A 39 7.10 2.48 -7.09
CA CYS A 39 5.96 2.81 -7.94
C CYS A 39 5.95 4.32 -8.16
N GLY A 40 6.51 5.03 -7.19
CA GLY A 40 6.57 6.49 -7.26
C GLY A 40 5.57 7.13 -6.29
N LEU A 41 4.66 6.30 -5.80
CA LEU A 41 3.65 6.77 -4.87
C LEU A 41 4.29 7.75 -3.88
N SER A 42 5.58 7.53 -3.62
CA SER A 42 6.31 8.38 -2.70
C SER A 42 6.51 9.77 -3.32
N GLY A 43 7.16 9.78 -4.47
CA GLY A 43 7.42 11.03 -5.16
C GLY A 43 6.14 11.57 -5.82
N LYS A 44 5.08 10.77 -5.73
CA LYS A 44 3.81 11.16 -6.31
C LYS A 44 3.22 12.31 -5.49
N SER A 45 1.99 12.68 -5.85
CA SER A 45 1.32 13.77 -5.17
C SER A 45 0.37 13.21 -4.12
N THR A 46 0.22 13.96 -3.04
CA THR A 46 -0.66 13.56 -1.96
C THR A 46 -2.11 13.48 -2.44
N ASP A 47 -2.33 14.03 -3.63
CA ASP A 47 -3.67 14.04 -4.21
C ASP A 47 -4.03 12.62 -4.64
N GLU A 48 -3.22 12.08 -5.56
CA GLU A 48 -3.46 10.74 -6.06
C GLU A 48 -3.46 9.74 -4.90
N VAL A 49 -2.55 9.95 -3.97
CA VAL A 49 -2.44 9.08 -2.81
C VAL A 49 -3.83 8.73 -2.30
N LYS A 50 -4.65 9.77 -2.16
CA LYS A 50 -6.02 9.59 -1.69
C LYS A 50 -6.73 8.55 -2.56
N LYS A 51 -6.54 8.70 -3.86
CA LYS A 51 -7.15 7.78 -4.81
C LYS A 51 -6.40 6.45 -4.79
N ALA A 52 -5.17 6.51 -4.29
CA ALA A 52 -4.34 5.32 -4.20
C ALA A 52 -4.72 4.53 -2.95
N PHE A 53 -5.51 5.18 -2.10
CA PHE A 53 -5.94 4.54 -0.86
C PHE A 53 -7.20 3.70 -1.09
N ALA A 54 -7.89 4.01 -2.19
CA ALA A 54 -9.11 3.29 -2.52
C ALA A 54 -8.74 2.01 -3.27
N ILE A 55 -7.80 2.15 -4.19
CA ILE A 55 -7.34 1.01 -4.98
C ILE A 55 -7.25 -0.22 -4.08
N ILE A 56 -6.62 -0.03 -2.94
CA ILE A 56 -6.46 -1.12 -1.98
C ILE A 56 -7.81 -1.44 -1.35
N ASP A 57 -8.33 -0.48 -0.61
CA ASP A 57 -9.61 -0.65 0.05
C ASP A 57 -10.60 -1.33 -0.91
N GLN A 58 -10.80 -2.62 -0.68
CA GLN A 58 -11.72 -3.39 -1.53
C GLN A 58 -13.15 -3.29 -0.99
N ASP A 59 -13.25 -3.20 0.30
CA ASP A 59 -14.58 -3.09 0.95
C ASP A 59 -14.90 -1.63 1.27
N LYS A 60 -13.94 -0.74 1.06
CA LYS A 60 -14.15 0.67 1.35
C LYS A 60 -14.74 0.82 2.75
N SER A 61 -14.04 0.26 3.72
CA SER A 61 -14.48 0.31 5.10
C SER A 61 -14.22 1.71 5.66
N GLY A 62 -13.54 2.53 4.87
CA GLY A 62 -13.23 3.89 5.28
C GLY A 62 -11.85 3.95 5.93
N PHE A 63 -11.25 2.79 6.10
CA PHE A 63 -9.92 2.70 6.70
C PHE A 63 -9.16 1.49 6.16
N ILE A 64 -7.95 1.32 6.69
CA ILE A 64 -7.11 0.21 6.27
C ILE A 64 -6.64 -0.56 7.50
N GLU A 65 -7.51 -1.43 7.98
CA GLU A 65 -7.20 -2.24 9.15
C GLU A 65 -5.81 -2.87 9.01
N GLU A 66 -5.40 -3.56 10.06
CA GLU A 66 -4.10 -4.21 10.07
C GLU A 66 -4.11 -5.42 9.13
N GLU A 67 -5.29 -6.00 8.97
CA GLU A 67 -5.45 -7.15 8.11
C GLU A 67 -5.55 -6.71 6.64
N GLU A 68 -5.93 -5.46 6.46
CA GLU A 68 -6.07 -4.91 5.12
C GLU A 68 -4.72 -4.37 4.62
N LEU A 69 -3.85 -4.07 5.58
CA LEU A 69 -2.54 -3.56 5.25
C LEU A 69 -1.78 -4.58 4.42
N LYS A 70 -1.94 -5.84 4.79
CA LYS A 70 -1.28 -6.93 4.09
C LYS A 70 -1.88 -7.05 2.69
N LEU A 71 -3.00 -6.38 2.49
CA LEU A 71 -3.68 -6.41 1.21
C LEU A 71 -3.24 -5.20 0.38
N PHE A 72 -2.03 -4.74 0.67
CA PHE A 72 -1.47 -3.60 -0.04
C PHE A 72 -1.14 -3.97 -1.49
N LEU A 73 -1.17 -5.26 -1.76
CA LEU A 73 -0.87 -5.75 -3.10
C LEU A 73 -2.18 -6.09 -3.82
N GLN A 74 -3.26 -6.14 -3.03
CA GLN A 74 -4.56 -6.46 -3.58
C GLN A 74 -5.09 -5.29 -4.42
N ASN A 75 -4.33 -4.20 -4.39
CA ASN A 75 -4.71 -3.01 -5.13
C ASN A 75 -4.25 -3.16 -6.58
N PHE A 76 -3.01 -3.62 -6.74
CA PHE A 76 -2.45 -3.82 -8.06
C PHE A 76 -2.87 -5.16 -8.65
N LYS A 77 -3.82 -5.79 -7.97
CA LYS A 77 -4.32 -7.08 -8.41
C LYS A 77 -5.38 -7.58 -7.43
N ALA A 78 -6.35 -8.29 -7.97
CA ALA A 78 -7.44 -8.82 -7.16
C ALA A 78 -7.10 -10.26 -6.74
N GLY A 79 -5.81 -10.52 -6.62
CA GLY A 79 -5.34 -11.83 -6.23
C GLY A 79 -3.86 -11.80 -5.82
N ALA A 80 -3.46 -10.64 -5.30
CA ALA A 80 -2.08 -10.47 -4.86
C ALA A 80 -1.86 -11.24 -3.57
N ARG A 81 -0.60 -11.55 -3.30
CA ARG A 81 -0.24 -12.28 -2.10
C ARG A 81 -0.36 -11.37 -0.88
N ALA A 82 -0.46 -12.02 0.28
CA ALA A 82 -0.58 -11.29 1.54
C ALA A 82 0.76 -11.30 2.26
N LEU A 83 1.04 -10.22 2.95
CA LEU A 83 2.28 -10.09 3.69
C LEU A 83 2.19 -10.90 4.99
N SER A 84 3.33 -11.06 5.62
CA SER A 84 3.38 -11.82 6.87
C SER A 84 2.87 -10.97 8.03
N ASP A 85 2.64 -11.62 9.15
CA ASP A 85 2.14 -10.94 10.33
C ASP A 85 3.17 -9.89 10.78
N ALA A 86 4.42 -10.13 10.40
CA ALA A 86 5.49 -9.22 10.75
C ALA A 86 5.55 -8.09 9.71
N GLU A 87 5.61 -8.50 8.44
CA GLU A 87 5.68 -7.53 7.36
C GLU A 87 4.54 -6.51 7.47
N THR A 88 3.32 -7.03 7.54
CA THR A 88 2.15 -6.19 7.65
C THR A 88 2.26 -5.29 8.89
N LYS A 89 2.94 -5.80 9.89
CA LYS A 89 3.14 -5.06 11.13
C LYS A 89 4.04 -3.86 10.86
N ALA A 90 5.27 -4.16 10.47
CA ALA A 90 6.25 -3.13 10.18
C ALA A 90 5.61 -2.08 9.27
N PHE A 91 4.60 -2.51 8.54
CA PHE A 91 3.89 -1.63 7.62
C PHE A 91 2.89 -0.75 8.38
N LEU A 92 2.20 -1.38 9.33
CA LEU A 92 1.21 -0.67 10.12
C LEU A 92 1.89 0.47 10.88
N LYS A 93 2.77 0.10 11.78
CA LYS A 93 3.49 1.08 12.58
C LYS A 93 4.18 2.08 11.64
N ALA A 94 4.57 1.58 10.47
CA ALA A 94 5.23 2.41 9.48
C ALA A 94 4.34 3.61 9.15
N GLY A 95 3.04 3.36 9.13
CA GLY A 95 2.07 4.40 8.83
C GLY A 95 1.32 4.84 10.09
N ASP A 96 0.46 3.95 10.56
CA ASP A 96 -0.32 4.23 11.75
C ASP A 96 0.59 4.84 12.83
N SER A 97 0.26 6.04 13.24
CA SER A 97 1.04 6.73 14.25
C SER A 97 0.34 6.62 15.61
N ASP A 98 -0.89 6.19 15.57
CA ASP A 98 -1.68 6.02 16.83
C ASP A 98 -1.77 4.54 17.19
N GLY A 99 -1.35 3.66 16.30
CA GLY A 99 -1.41 2.23 16.58
C GLY A 99 -2.78 1.83 17.12
N ASP A 100 -3.79 2.04 16.29
CA ASP A 100 -5.16 1.71 16.67
C ASP A 100 -5.59 0.44 15.95
N GLY A 101 -4.92 0.15 14.85
CA GLY A 101 -5.22 -1.03 14.06
C GLY A 101 -5.76 -0.65 12.68
N LYS A 102 -5.88 0.65 12.46
CA LYS A 102 -6.38 1.16 11.19
C LYS A 102 -5.42 2.23 10.66
N ILE A 103 -5.44 2.40 9.35
CA ILE A 103 -4.59 3.39 8.71
C ILE A 103 -5.43 4.23 7.75
N GLY A 104 -5.65 5.48 8.15
CA GLY A 104 -6.44 6.39 7.34
C GLY A 104 -5.63 6.89 6.14
N ILE A 105 -6.11 7.97 5.54
CA ILE A 105 -5.45 8.55 4.39
C ILE A 105 -4.32 9.46 4.86
N ASP A 106 -4.55 10.11 5.99
CA ASP A 106 -3.56 11.01 6.55
C ASP A 106 -2.37 10.20 7.07
N GLU A 107 -2.66 8.97 7.47
CA GLU A 107 -1.63 8.08 7.98
C GLU A 107 -1.00 7.30 6.83
N PHE A 108 -1.81 6.98 5.85
CA PHE A 108 -1.35 6.24 4.69
C PHE A 108 -0.54 7.13 3.74
N ALA A 109 -0.92 8.39 3.72
CA ALA A 109 -0.25 9.36 2.86
C ALA A 109 0.96 9.94 3.61
N ALA A 110 1.10 9.53 4.86
CA ALA A 110 2.19 9.98 5.69
C ALA A 110 3.42 9.11 5.44
N MET A 111 3.22 7.81 5.60
CA MET A 111 4.29 6.85 5.39
C MET A 111 4.97 7.07 4.03
N ILE A 112 4.23 7.72 3.15
CA ILE A 112 4.74 8.00 1.81
C ILE A 112 5.30 9.42 1.76
N LYS A 113 4.56 10.33 2.36
CA LYS A 113 4.96 11.72 2.41
C LYS A 113 6.23 11.86 3.26
N GLY A 114 6.49 10.83 4.04
CA GLY A 114 7.66 10.82 4.90
C GLY A 114 7.86 9.44 5.53
N SER A 5 -7.72 -5.94 -7.77
CA SER A 5 -7.92 -5.65 -9.19
C SER A 5 -6.97 -4.54 -9.63
N MET A 6 -6.44 -4.70 -10.83
CA MET A 6 -5.52 -3.72 -11.39
C MET A 6 -6.21 -2.35 -11.55
N ALA A 7 -6.32 -1.65 -10.43
CA ALA A 7 -6.95 -0.34 -10.43
C ALA A 7 -5.89 0.72 -10.71
N PHE A 8 -4.80 0.65 -9.96
CA PHE A 8 -3.71 1.60 -10.11
C PHE A 8 -3.32 1.75 -11.59
N ALA A 9 -3.62 0.70 -12.35
CA ALA A 9 -3.30 0.71 -13.77
C ALA A 9 -3.64 2.08 -14.36
N SER A 10 -4.62 2.74 -13.75
CA SER A 10 -5.03 4.05 -14.20
C SER A 10 -4.07 5.12 -13.69
N VAL A 11 -3.85 5.10 -12.38
CA VAL A 11 -2.96 6.05 -11.75
C VAL A 11 -1.54 5.83 -12.28
N LEU A 12 -1.02 4.64 -11.98
CA LEU A 12 0.32 4.29 -12.42
C LEU A 12 0.24 3.30 -13.58
N LYS A 13 1.40 2.97 -14.13
CA LYS A 13 1.47 2.04 -15.24
C LYS A 13 1.59 0.61 -14.70
N ASP A 14 0.76 -0.26 -15.23
CA ASP A 14 0.76 -1.65 -14.82
C ASP A 14 2.19 -2.20 -14.91
N ALA A 15 2.91 -1.71 -15.91
CA ALA A 15 4.28 -2.15 -16.13
C ALA A 15 5.18 -1.51 -15.07
N GLU A 16 4.74 -0.36 -14.58
CA GLU A 16 5.49 0.36 -13.57
C GLU A 16 5.33 -0.30 -12.21
N VAL A 17 4.08 -0.32 -11.74
CA VAL A 17 3.77 -0.91 -10.45
C VAL A 17 4.35 -2.33 -10.40
N THR A 18 4.40 -2.96 -11.57
CA THR A 18 4.91 -4.31 -11.67
C THR A 18 6.23 -4.43 -10.90
N ALA A 19 7.15 -3.53 -11.21
CA ALA A 19 8.44 -3.52 -10.56
C ALA A 19 8.25 -3.43 -9.05
N ALA A 20 7.15 -2.80 -8.65
CA ALA A 20 6.85 -2.63 -7.25
C ALA A 20 6.26 -3.95 -6.71
N LEU A 21 5.64 -4.70 -7.60
CA LEU A 21 5.04 -5.97 -7.23
C LEU A 21 6.14 -7.03 -7.16
N ASP A 22 7.17 -6.84 -7.95
CA ASP A 22 8.28 -7.77 -7.99
C ASP A 22 9.23 -7.47 -6.82
N GLY A 23 9.17 -6.23 -6.36
CA GLY A 23 10.01 -5.80 -5.27
C GLY A 23 9.52 -6.36 -3.93
N CYS A 24 8.36 -7.01 -4.00
CA CYS A 24 7.77 -7.61 -2.81
C CYS A 24 7.40 -9.05 -3.13
N LYS A 25 8.10 -9.60 -4.12
CA LYS A 25 7.85 -10.98 -4.53
C LYS A 25 8.42 -11.93 -3.48
N ALA A 26 9.59 -11.55 -2.96
CA ALA A 26 10.25 -12.37 -1.95
C ALA A 26 9.62 -12.09 -0.59
N ALA A 27 9.37 -13.17 0.14
CA ALA A 27 8.77 -13.07 1.46
C ALA A 27 9.76 -12.39 2.41
N GLY A 28 9.30 -11.31 3.02
CA GLY A 28 10.15 -10.57 3.97
C GLY A 28 10.96 -9.51 3.24
N SER A 29 10.83 -9.50 1.91
CA SER A 29 11.56 -8.54 1.09
C SER A 29 10.63 -7.39 0.71
N PHE A 30 9.47 -7.36 1.35
CA PHE A 30 8.49 -6.32 1.08
C PHE A 30 8.81 -5.05 1.88
N ASP A 31 9.26 -4.04 1.15
CA ASP A 31 9.60 -2.76 1.78
C ASP A 31 8.60 -1.70 1.34
N HIS A 32 7.58 -1.50 2.17
CA HIS A 32 6.56 -0.52 1.89
C HIS A 32 7.20 0.74 1.31
N LYS A 33 8.04 1.37 2.13
CA LYS A 33 8.72 2.58 1.71
C LYS A 33 9.21 2.42 0.28
N LYS A 34 10.01 1.37 0.08
CA LYS A 34 10.56 1.09 -1.24
C LYS A 34 9.44 1.15 -2.28
N PHE A 35 8.45 0.29 -2.09
CA PHE A 35 7.32 0.23 -2.99
C PHE A 35 6.89 1.63 -3.44
N PHE A 36 6.46 2.42 -2.46
CA PHE A 36 6.03 3.78 -2.73
C PHE A 36 7.16 4.60 -3.36
N LYS A 37 8.38 4.20 -3.06
CA LYS A 37 9.55 4.88 -3.58
C LYS A 37 9.82 4.40 -5.01
N ALA A 38 9.23 3.26 -5.35
CA ALA A 38 9.39 2.68 -6.67
C ALA A 38 8.37 3.33 -7.62
N CYS A 39 7.10 3.12 -7.31
CA CYS A 39 6.03 3.68 -8.12
C CYS A 39 6.10 5.19 -8.04
N GLY A 40 6.80 5.67 -7.01
CA GLY A 40 6.94 7.11 -6.81
C GLY A 40 5.85 7.64 -5.88
N LEU A 41 4.94 6.75 -5.53
CA LEU A 41 3.83 7.13 -4.65
C LEU A 41 4.35 8.05 -3.56
N SER A 42 5.60 7.84 -3.19
CA SER A 42 6.23 8.65 -2.15
C SER A 42 6.42 10.08 -2.66
N GLY A 43 7.06 10.18 -3.81
CA GLY A 43 7.31 11.49 -4.41
C GLY A 43 6.08 11.98 -5.17
N LYS A 44 5.05 11.16 -5.17
CA LYS A 44 3.82 11.51 -5.86
C LYS A 44 3.13 12.67 -5.13
N SER A 45 1.92 12.97 -5.56
CA SER A 45 1.16 14.05 -4.96
C SER A 45 0.10 13.48 -4.02
N THR A 46 -0.04 14.13 -2.87
CA THR A 46 -1.03 13.70 -1.89
C THR A 46 -2.40 13.57 -2.53
N ASP A 47 -2.57 14.24 -3.66
CA ASP A 47 -3.82 14.20 -4.38
C ASP A 47 -4.13 12.76 -4.80
N GLU A 48 -3.25 12.24 -5.65
CA GLU A 48 -3.41 10.88 -6.13
C GLU A 48 -3.40 9.88 -4.97
N VAL A 49 -2.54 10.18 -4.00
CA VAL A 49 -2.42 9.33 -2.82
C VAL A 49 -3.82 8.93 -2.34
N LYS A 50 -4.66 9.94 -2.17
CA LYS A 50 -6.02 9.71 -1.72
C LYS A 50 -6.75 8.80 -2.72
N LYS A 51 -6.44 9.03 -3.99
CA LYS A 51 -7.06 8.24 -5.05
C LYS A 51 -6.44 6.84 -5.06
N ALA A 52 -5.26 6.74 -4.47
CA ALA A 52 -4.57 5.47 -4.39
C ALA A 52 -5.14 4.64 -3.24
N PHE A 53 -5.51 5.33 -2.18
CA PHE A 53 -6.08 4.67 -1.02
C PHE A 53 -7.39 3.96 -1.36
N ALA A 54 -7.99 4.42 -2.45
CA ALA A 54 -9.25 3.84 -2.91
C ALA A 54 -8.95 2.62 -3.80
N ILE A 55 -7.69 2.51 -4.19
CA ILE A 55 -7.27 1.41 -5.03
C ILE A 55 -7.29 0.11 -4.22
N ILE A 56 -6.53 0.10 -3.15
CA ILE A 56 -6.45 -1.06 -2.28
C ILE A 56 -7.80 -1.27 -1.59
N ASP A 57 -8.10 -0.37 -0.67
CA ASP A 57 -9.36 -0.43 0.07
C ASP A 57 -10.48 -0.82 -0.88
N GLN A 58 -10.89 -2.07 -0.80
CA GLN A 58 -11.95 -2.58 -1.65
C GLN A 58 -13.30 -2.47 -0.93
N ASP A 59 -13.28 -2.80 0.33
CA ASP A 59 -14.53 -2.72 1.14
C ASP A 59 -14.88 -1.26 1.44
N LYS A 60 -13.91 -0.36 1.34
CA LYS A 60 -14.15 1.05 1.60
C LYS A 60 -14.79 1.19 2.99
N SER A 61 -14.52 0.21 3.84
CA SER A 61 -15.05 0.22 5.19
C SER A 61 -14.82 1.59 5.83
N GLY A 62 -13.80 2.27 5.33
CA GLY A 62 -13.47 3.59 5.85
C GLY A 62 -11.96 3.71 6.09
N PHE A 63 -11.45 2.77 6.88
CA PHE A 63 -10.03 2.76 7.20
C PHE A 63 -9.41 1.39 6.89
N ILE A 64 -8.25 1.44 6.26
CA ILE A 64 -7.54 0.21 5.91
C ILE A 64 -7.04 -0.46 7.18
N GLU A 65 -7.92 -1.22 7.81
CA GLU A 65 -7.58 -1.93 9.03
C GLU A 65 -6.35 -2.81 8.81
N GLU A 66 -5.78 -3.26 9.91
CA GLU A 66 -4.61 -4.12 9.85
C GLU A 66 -4.86 -5.31 8.92
N GLU A 67 -6.09 -5.78 8.94
CA GLU A 67 -6.48 -6.91 8.12
C GLU A 67 -6.41 -6.54 6.64
N GLU A 68 -6.59 -5.24 6.38
CA GLU A 68 -6.54 -4.74 5.02
C GLU A 68 -5.10 -4.45 4.60
N LEU A 69 -4.31 -4.05 5.59
CA LEU A 69 -2.91 -3.73 5.34
C LEU A 69 -2.25 -4.89 4.59
N LYS A 70 -2.38 -6.08 5.17
CA LYS A 70 -1.80 -7.26 4.57
C LYS A 70 -2.30 -7.40 3.13
N LEU A 71 -3.40 -6.72 2.85
CA LEU A 71 -3.98 -6.75 1.52
C LEU A 71 -3.46 -5.57 0.71
N PHE A 72 -2.26 -5.15 1.07
CA PHE A 72 -1.63 -4.02 0.38
C PHE A 72 -1.04 -4.47 -0.96
N LEU A 73 -1.25 -5.73 -1.28
CA LEU A 73 -0.76 -6.29 -2.52
C LEU A 73 -1.94 -6.76 -3.37
N GLN A 74 -3.12 -6.72 -2.77
CA GLN A 74 -4.32 -7.13 -3.47
C GLN A 74 -4.93 -5.94 -4.23
N ASN A 75 -4.26 -4.81 -4.12
CA ASN A 75 -4.71 -3.60 -4.79
C ASN A 75 -4.23 -3.61 -6.24
N PHE A 76 -2.95 -3.93 -6.40
CA PHE A 76 -2.35 -3.98 -7.72
C PHE A 76 -2.68 -5.30 -8.43
N LYS A 77 -3.49 -6.10 -7.76
CA LYS A 77 -3.89 -7.39 -8.31
C LYS A 77 -4.92 -8.04 -7.39
N ALA A 78 -5.80 -8.81 -7.99
CA ALA A 78 -6.85 -9.50 -7.24
C ALA A 78 -6.43 -10.95 -6.99
N GLY A 79 -5.11 -11.16 -7.02
CA GLY A 79 -4.57 -12.50 -6.80
C GLY A 79 -3.17 -12.42 -6.20
N ALA A 80 -2.88 -11.29 -5.60
CA ALA A 80 -1.58 -11.08 -4.98
C ALA A 80 -1.61 -11.58 -3.54
N ARG A 81 -0.45 -11.99 -3.06
CA ARG A 81 -0.32 -12.50 -1.70
C ARG A 81 -0.71 -11.42 -0.70
N ALA A 82 -0.44 -11.70 0.56
CA ALA A 82 -0.75 -10.77 1.62
C ALA A 82 0.43 -10.69 2.60
N LEU A 83 0.92 -9.48 2.79
CA LEU A 83 2.06 -9.25 3.68
C LEU A 83 1.90 -10.13 4.92
N SER A 84 2.98 -10.78 5.30
CA SER A 84 2.98 -11.65 6.46
C SER A 84 2.65 -10.84 7.71
N ASP A 85 2.35 -11.57 8.79
CA ASP A 85 2.03 -10.93 10.05
C ASP A 85 3.09 -9.88 10.38
N ALA A 86 4.27 -10.07 9.80
CA ALA A 86 5.38 -9.15 10.03
C ALA A 86 5.30 -8.01 9.00
N GLU A 87 5.41 -8.40 7.74
CA GLU A 87 5.36 -7.43 6.65
C GLU A 87 4.15 -6.51 6.82
N THR A 88 3.16 -7.01 7.56
CA THR A 88 1.96 -6.25 7.80
C THR A 88 2.11 -5.39 9.06
N LYS A 89 2.94 -5.87 9.98
CA LYS A 89 3.17 -5.16 11.22
C LYS A 89 4.09 -3.97 10.95
N ALA A 90 5.07 -4.20 10.10
CA ALA A 90 6.02 -3.15 9.74
C ALA A 90 5.28 -2.04 8.99
N PHE A 91 4.36 -2.45 8.14
CA PHE A 91 3.58 -1.50 7.36
C PHE A 91 2.42 -0.94 8.19
N LEU A 92 2.14 -1.60 9.29
CA LEU A 92 1.07 -1.18 10.18
C LEU A 92 1.58 -0.07 11.10
N LYS A 93 2.69 -0.36 11.75
CA LYS A 93 3.30 0.60 12.66
C LYS A 93 3.93 1.73 11.86
N ALA A 94 4.31 1.40 10.63
CA ALA A 94 4.94 2.38 9.75
C ALA A 94 4.02 3.60 9.62
N GLY A 95 2.86 3.36 9.02
CA GLY A 95 1.90 4.43 8.82
C GLY A 95 1.18 4.77 10.12
N ASP A 96 0.30 3.87 10.55
CA ASP A 96 -0.45 4.07 11.77
C ASP A 96 0.51 4.55 12.87
N SER A 97 0.21 5.74 13.38
CA SER A 97 1.03 6.32 14.44
C SER A 97 0.36 6.12 15.80
N ASP A 98 -0.94 6.24 15.78
CA ASP A 98 -1.72 6.06 17.04
C ASP A 98 -1.75 4.57 17.43
N GLY A 99 -1.29 3.70 16.56
CA GLY A 99 -1.29 2.27 16.84
C GLY A 99 -2.67 1.80 17.29
N ASP A 100 -3.66 2.12 16.47
CA ASP A 100 -5.04 1.74 16.77
C ASP A 100 -5.38 0.45 16.02
N GLY A 101 -4.64 0.22 14.95
CA GLY A 101 -4.86 -0.97 14.13
C GLY A 101 -5.53 -0.61 12.81
N LYS A 102 -5.55 0.68 12.52
CA LYS A 102 -6.15 1.17 11.29
C LYS A 102 -5.24 2.21 10.65
N ILE A 103 -5.26 2.23 9.32
CA ILE A 103 -4.44 3.17 8.58
C ILE A 103 -5.33 4.03 7.67
N GLY A 104 -5.49 5.29 8.06
CA GLY A 104 -6.31 6.20 7.30
C GLY A 104 -5.53 6.78 6.12
N ILE A 105 -6.08 7.86 5.56
CA ILE A 105 -5.44 8.51 4.43
C ILE A 105 -4.35 9.45 4.93
N ASP A 106 -4.65 10.13 6.03
CA ASP A 106 -3.71 11.07 6.63
C ASP A 106 -2.53 10.29 7.22
N GLU A 107 -2.75 9.00 7.39
CA GLU A 107 -1.71 8.14 7.93
C GLU A 107 -0.98 7.40 6.81
N PHE A 108 -1.75 6.99 5.82
CA PHE A 108 -1.20 6.27 4.69
C PHE A 108 -0.47 7.23 3.74
N ALA A 109 -0.92 8.47 3.75
CA ALA A 109 -0.32 9.50 2.91
C ALA A 109 0.89 10.10 3.61
N ALA A 110 1.01 9.79 4.90
CA ALA A 110 2.11 10.29 5.69
C ALA A 110 3.33 9.41 5.48
N MET A 111 3.12 8.11 5.66
CA MET A 111 4.19 7.15 5.49
C MET A 111 4.86 7.30 4.12
N ILE A 112 4.14 7.96 3.21
CA ILE A 112 4.65 8.18 1.88
C ILE A 112 5.20 9.61 1.77
N LYS A 113 4.43 10.55 2.30
CA LYS A 113 4.83 11.95 2.27
C LYS A 113 6.19 12.10 2.95
N GLY A 114 6.44 11.23 3.91
CA GLY A 114 7.69 11.25 4.64
C GLY A 114 8.35 9.87 4.64
N SER A 5 -6.34 -6.70 -14.38
CA SER A 5 -7.20 -6.28 -13.29
C SER A 5 -6.48 -5.25 -12.40
N MET A 6 -5.61 -4.48 -13.05
CA MET A 6 -4.85 -3.47 -12.33
C MET A 6 -5.62 -2.15 -12.26
N ALA A 7 -5.90 -1.73 -11.03
CA ALA A 7 -6.62 -0.49 -10.81
C ALA A 7 -5.70 0.70 -11.06
N PHE A 8 -4.47 0.55 -10.58
CA PHE A 8 -3.47 1.59 -10.74
C PHE A 8 -3.24 1.90 -12.23
N ALA A 9 -3.69 0.98 -13.06
CA ALA A 9 -3.54 1.14 -14.50
C ALA A 9 -3.82 2.60 -14.89
N SER A 10 -4.68 3.22 -14.09
CA SER A 10 -5.05 4.61 -14.33
C SER A 10 -3.99 5.55 -13.75
N VAL A 11 -3.71 5.36 -12.47
CA VAL A 11 -2.72 6.18 -11.79
C VAL A 11 -1.35 5.93 -12.41
N LEU A 12 -0.89 4.69 -12.29
CA LEU A 12 0.40 4.32 -12.84
C LEU A 12 0.21 3.27 -13.93
N LYS A 13 1.32 2.79 -14.46
CA LYS A 13 1.28 1.79 -15.52
C LYS A 13 1.38 0.39 -14.89
N ASP A 14 0.54 -0.50 -15.40
CA ASP A 14 0.52 -1.87 -14.89
C ASP A 14 1.90 -2.51 -15.12
N ALA A 15 2.68 -1.86 -15.98
CA ALA A 15 4.02 -2.35 -16.27
C ALA A 15 4.98 -1.90 -15.18
N GLU A 16 4.61 -0.81 -14.52
CA GLU A 16 5.43 -0.27 -13.46
C GLU A 16 5.09 -0.94 -12.12
N VAL A 17 3.87 -0.67 -11.67
CA VAL A 17 3.40 -1.25 -10.42
C VAL A 17 3.85 -2.71 -10.32
N THR A 18 3.76 -3.39 -11.45
CA THR A 18 4.15 -4.79 -11.50
C THR A 18 5.51 -4.99 -10.82
N ALA A 19 6.49 -4.22 -11.27
CA ALA A 19 7.82 -4.30 -10.70
C ALA A 19 7.74 -4.22 -9.18
N ALA A 20 6.80 -3.42 -8.72
CA ALA A 20 6.60 -3.24 -7.29
C ALA A 20 6.04 -4.53 -6.70
N LEU A 21 5.18 -5.18 -7.47
CA LEU A 21 4.57 -6.43 -7.04
C LEU A 21 5.65 -7.51 -6.94
N ASP A 22 6.60 -7.45 -7.86
CA ASP A 22 7.69 -8.41 -7.88
C ASP A 22 8.84 -7.91 -7.01
N GLY A 23 8.78 -6.62 -6.71
CA GLY A 23 9.80 -5.99 -5.88
C GLY A 23 9.73 -6.51 -4.45
N CYS A 24 8.70 -7.28 -4.17
CA CYS A 24 8.52 -7.84 -2.85
C CYS A 24 8.09 -9.31 -2.99
N LYS A 25 8.47 -9.88 -4.13
CA LYS A 25 8.13 -11.27 -4.41
C LYS A 25 8.67 -12.16 -3.28
N ALA A 26 9.92 -11.91 -2.93
CA ALA A 26 10.57 -12.67 -1.87
C ALA A 26 9.95 -12.29 -0.52
N ALA A 27 9.01 -13.13 -0.09
CA ALA A 27 8.33 -12.90 1.18
C ALA A 27 9.37 -12.56 2.26
N GLY A 28 9.11 -11.47 2.97
CA GLY A 28 10.00 -11.03 4.02
C GLY A 28 10.83 -9.83 3.56
N SER A 29 10.95 -9.70 2.24
CA SER A 29 11.72 -8.62 1.66
C SER A 29 10.79 -7.47 1.28
N PHE A 30 9.58 -7.49 1.85
CA PHE A 30 8.61 -6.47 1.57
C PHE A 30 8.95 -5.16 2.28
N ASP A 31 9.05 -4.11 1.48
CA ASP A 31 9.38 -2.80 2.02
C ASP A 31 8.39 -1.76 1.49
N HIS A 32 7.27 -1.64 2.19
CA HIS A 32 6.23 -0.70 1.80
C HIS A 32 6.88 0.59 1.32
N LYS A 33 7.69 1.18 2.19
CA LYS A 33 8.38 2.42 1.86
C LYS A 33 9.00 2.30 0.47
N LYS A 34 9.65 1.17 0.25
CA LYS A 34 10.30 0.92 -1.04
C LYS A 34 9.24 0.89 -2.14
N PHE A 35 8.30 -0.03 -2.00
CA PHE A 35 7.24 -0.16 -2.97
C PHE A 35 6.76 1.20 -3.46
N PHE A 36 6.21 1.97 -2.53
CA PHE A 36 5.71 3.29 -2.85
C PHE A 36 6.78 4.13 -3.57
N LYS A 37 8.02 3.93 -3.15
CA LYS A 37 9.14 4.65 -3.75
C LYS A 37 9.43 4.06 -5.13
N ALA A 38 9.01 2.82 -5.32
CA ALA A 38 9.22 2.15 -6.58
C ALA A 38 8.26 2.73 -7.63
N CYS A 39 6.97 2.56 -7.36
CA CYS A 39 5.95 3.07 -8.26
C CYS A 39 6.09 4.59 -8.35
N GLY A 40 6.73 5.15 -7.34
CA GLY A 40 6.94 6.59 -7.29
C GLY A 40 5.98 7.24 -6.29
N LEU A 41 5.02 6.45 -5.84
CA LEU A 41 4.04 6.94 -4.89
C LEU A 41 4.73 7.82 -3.85
N SER A 42 5.93 7.41 -3.49
CA SER A 42 6.71 8.15 -2.51
C SER A 42 7.17 9.48 -3.10
N GLY A 43 6.62 10.56 -2.56
CA GLY A 43 6.95 11.89 -3.02
C GLY A 43 5.85 12.46 -3.91
N LYS A 44 5.04 11.56 -4.45
CA LYS A 44 3.94 11.95 -5.31
C LYS A 44 3.07 12.99 -4.58
N SER A 45 1.95 13.32 -5.21
CA SER A 45 1.03 14.29 -4.64
C SER A 45 0.10 13.60 -3.64
N THR A 46 -0.15 14.29 -2.54
CA THR A 46 -1.01 13.76 -1.51
C THR A 46 -2.44 13.59 -2.04
N ASP A 47 -2.67 14.17 -3.21
CA ASP A 47 -3.98 14.09 -3.84
C ASP A 47 -4.17 12.69 -4.44
N GLU A 48 -3.22 12.31 -5.27
CA GLU A 48 -3.27 11.01 -5.93
C GLU A 48 -3.27 9.90 -4.88
N VAL A 49 -2.49 10.12 -3.82
CA VAL A 49 -2.40 9.14 -2.76
C VAL A 49 -3.80 8.72 -2.32
N LYS A 50 -4.60 9.72 -1.96
CA LYS A 50 -5.96 9.47 -1.53
C LYS A 50 -6.63 8.48 -2.49
N LYS A 51 -6.25 8.60 -3.76
CA LYS A 51 -6.80 7.72 -4.78
C LYS A 51 -6.25 6.30 -4.58
N ALA A 52 -4.95 6.22 -4.40
CA ALA A 52 -4.30 4.94 -4.19
C ALA A 52 -4.98 4.21 -3.03
N PHE A 53 -5.32 4.99 -2.01
CA PHE A 53 -5.97 4.42 -0.84
C PHE A 53 -7.29 3.74 -1.21
N ALA A 54 -7.85 4.18 -2.33
CA ALA A 54 -9.10 3.62 -2.81
C ALA A 54 -8.81 2.37 -3.65
N ILE A 55 -7.58 2.29 -4.12
CA ILE A 55 -7.16 1.16 -4.94
C ILE A 55 -7.08 -0.08 -4.06
N ILE A 56 -6.43 0.07 -2.92
CA ILE A 56 -6.28 -1.04 -1.99
C ILE A 56 -7.63 -1.35 -1.34
N ASP A 57 -8.08 -0.41 -0.52
CA ASP A 57 -9.35 -0.56 0.17
C ASP A 57 -10.39 -1.10 -0.81
N GLN A 58 -10.69 -2.38 -0.68
CA GLN A 58 -11.66 -3.02 -1.55
C GLN A 58 -13.07 -2.90 -0.95
N ASP A 59 -13.10 -2.51 0.30
CA ASP A 59 -14.42 -2.35 0.99
C ASP A 59 -14.71 -0.86 1.20
N LYS A 60 -13.69 -0.03 1.22
CA LYS A 60 -13.89 1.41 1.42
C LYS A 60 -14.60 1.63 2.75
N SER A 61 -14.49 0.64 3.62
CA SER A 61 -15.12 0.72 4.93
C SER A 61 -14.99 2.14 5.48
N GLY A 62 -13.76 2.63 5.52
CA GLY A 62 -13.49 3.96 6.02
C GLY A 62 -12.02 4.10 6.45
N PHE A 63 -11.49 3.02 7.01
CA PHE A 63 -10.12 3.01 7.46
C PHE A 63 -9.46 1.67 7.15
N ILE A 64 -8.26 1.75 6.58
CA ILE A 64 -7.51 0.56 6.24
C ILE A 64 -7.07 -0.15 7.52
N GLU A 65 -7.77 -1.23 7.83
CA GLU A 65 -7.46 -2.00 9.02
C GLU A 65 -6.19 -2.82 8.81
N GLU A 66 -5.71 -3.40 9.89
CA GLU A 66 -4.50 -4.21 9.85
C GLU A 66 -4.70 -5.38 8.87
N GLU A 67 -5.95 -5.75 8.69
CA GLU A 67 -6.28 -6.85 7.80
C GLU A 67 -6.25 -6.38 6.34
N GLU A 68 -6.29 -5.06 6.17
CA GLU A 68 -6.26 -4.48 4.84
C GLU A 68 -4.84 -4.05 4.48
N LEU A 69 -4.05 -3.77 5.51
CA LEU A 69 -2.67 -3.36 5.30
C LEU A 69 -1.91 -4.49 4.61
N LYS A 70 -2.40 -5.71 4.82
CA LYS A 70 -1.78 -6.87 4.22
C LYS A 70 -2.28 -7.04 2.78
N LEU A 71 -3.31 -6.29 2.46
CA LEU A 71 -3.90 -6.34 1.13
C LEU A 71 -3.35 -5.19 0.29
N PHE A 72 -2.21 -4.67 0.73
CA PHE A 72 -1.57 -3.57 0.03
C PHE A 72 -1.19 -3.99 -1.39
N LEU A 73 -1.24 -5.28 -1.63
CA LEU A 73 -0.90 -5.82 -2.95
C LEU A 73 -2.19 -6.16 -3.69
N GLN A 74 -3.29 -6.15 -2.96
CA GLN A 74 -4.59 -6.46 -3.55
C GLN A 74 -5.07 -5.28 -4.38
N ASN A 75 -4.28 -4.21 -4.38
CA ASN A 75 -4.63 -3.02 -5.13
C ASN A 75 -4.21 -3.21 -6.60
N PHE A 76 -3.02 -3.75 -6.77
CA PHE A 76 -2.49 -3.99 -8.11
C PHE A 76 -2.97 -5.33 -8.66
N LYS A 77 -3.90 -5.93 -7.94
CA LYS A 77 -4.46 -7.21 -8.34
C LYS A 77 -5.52 -7.64 -7.33
N ALA A 78 -6.51 -8.37 -7.83
CA ALA A 78 -7.60 -8.84 -6.99
C ALA A 78 -7.33 -10.29 -6.59
N GLY A 79 -6.04 -10.61 -6.50
CA GLY A 79 -5.64 -11.96 -6.12
C GLY A 79 -4.18 -11.98 -5.67
N ALA A 80 -3.74 -10.84 -5.15
CA ALA A 80 -2.37 -10.72 -4.67
C ALA A 80 -2.26 -11.32 -3.27
N ARG A 81 -1.07 -11.78 -2.94
CA ARG A 81 -0.82 -12.38 -1.64
C ARG A 81 -1.19 -11.39 -0.52
N ALA A 82 -0.95 -11.82 0.70
CA ALA A 82 -1.25 -11.00 1.86
C ALA A 82 -0.01 -10.91 2.75
N LEU A 83 0.56 -9.71 2.81
CA LEU A 83 1.75 -9.49 3.62
C LEU A 83 1.60 -10.21 4.95
N SER A 84 2.69 -10.82 5.39
CA SER A 84 2.70 -11.55 6.64
C SER A 84 2.53 -10.59 7.82
N ASP A 85 2.14 -11.15 8.96
CA ASP A 85 1.95 -10.34 10.16
C ASP A 85 3.17 -9.45 10.36
N ALA A 86 4.29 -9.87 9.81
CA ALA A 86 5.52 -9.13 9.93
C ALA A 86 5.54 -8.00 8.90
N GLU A 87 5.52 -8.40 7.63
CA GLU A 87 5.52 -7.43 6.55
C GLU A 87 4.41 -6.40 6.73
N THR A 88 3.41 -6.81 7.51
CA THR A 88 2.28 -5.94 7.78
C THR A 88 2.51 -5.14 9.06
N LYS A 89 3.37 -5.69 9.92
CA LYS A 89 3.68 -5.05 11.18
C LYS A 89 4.47 -3.77 10.90
N ALA A 90 5.60 -3.95 10.23
CA ALA A 90 6.46 -2.82 9.91
C ALA A 90 5.68 -1.82 9.03
N PHE A 91 4.58 -2.31 8.49
CA PHE A 91 3.73 -1.49 7.64
C PHE A 91 2.72 -0.69 8.48
N LEU A 92 2.21 -1.35 9.51
CA LEU A 92 1.24 -0.73 10.38
C LEU A 92 1.90 0.44 11.13
N LYS A 93 2.87 0.09 11.97
CA LYS A 93 3.58 1.10 12.74
C LYS A 93 4.20 2.12 11.79
N ALA A 94 4.33 1.71 10.53
CA ALA A 94 4.90 2.58 9.52
C ALA A 94 3.99 3.80 9.33
N GLY A 95 2.74 3.52 9.03
CA GLY A 95 1.76 4.58 8.81
C GLY A 95 0.99 4.88 10.10
N ASP A 96 0.30 3.86 10.60
CA ASP A 96 -0.47 4.01 11.82
C ASP A 96 0.37 4.75 12.86
N SER A 97 -0.18 5.87 13.33
CA SER A 97 0.49 6.68 14.32
C SER A 97 0.21 6.14 15.72
N ASP A 98 -1.06 6.01 16.01
CA ASP A 98 -1.47 5.48 17.34
C ASP A 98 -1.55 3.95 17.31
N GLY A 99 -1.11 3.35 16.21
CA GLY A 99 -1.17 1.90 16.09
C GLY A 99 -2.44 1.34 16.73
N ASP A 100 -3.56 1.91 16.32
CA ASP A 100 -4.85 1.47 16.84
C ASP A 100 -5.30 0.22 16.09
N GLY A 101 -4.76 0.06 14.90
CA GLY A 101 -5.09 -1.09 14.07
C GLY A 101 -5.71 -0.65 12.74
N LYS A 102 -5.78 0.66 12.56
CA LYS A 102 -6.34 1.22 11.35
C LYS A 102 -5.38 2.28 10.80
N ILE A 103 -5.43 2.45 9.48
CA ILE A 103 -4.57 3.42 8.83
C ILE A 103 -5.43 4.29 7.90
N GLY A 104 -5.68 5.52 8.34
CA GLY A 104 -6.48 6.45 7.57
C GLY A 104 -5.72 6.92 6.32
N ILE A 105 -6.22 7.98 5.72
CA ILE A 105 -5.61 8.53 4.53
C ILE A 105 -4.45 9.46 4.94
N ASP A 106 -4.78 10.39 5.82
CA ASP A 106 -3.79 11.34 6.31
C ASP A 106 -2.55 10.59 6.76
N GLU A 107 -2.76 9.37 7.22
CA GLU A 107 -1.67 8.53 7.68
C GLU A 107 -1.04 7.77 6.51
N PHE A 108 -1.90 7.26 5.66
CA PHE A 108 -1.46 6.51 4.49
C PHE A 108 -0.56 7.37 3.59
N ALA A 109 -0.87 8.66 3.58
CA ALA A 109 -0.10 9.59 2.78
C ALA A 109 1.11 10.08 3.57
N ALA A 110 1.16 9.66 4.83
CA ALA A 110 2.25 10.03 5.71
C ALA A 110 3.43 9.10 5.48
N MET A 111 3.15 7.80 5.61
CA MET A 111 4.18 6.79 5.42
C MET A 111 4.90 6.98 4.09
N ILE A 112 4.25 7.71 3.20
CA ILE A 112 4.82 7.98 1.88
C ILE A 112 5.43 9.38 1.88
N LYS A 113 4.70 10.31 2.45
CA LYS A 113 5.15 11.69 2.51
C LYS A 113 6.44 11.76 3.31
N GLY A 114 6.65 10.75 4.14
CA GLY A 114 7.85 10.68 4.96
C GLY A 114 7.94 9.33 5.67
N SER A 5 -8.44 -6.87 -11.43
CA SER A 5 -8.95 -5.83 -10.53
C SER A 5 -7.98 -4.64 -10.51
N MET A 6 -6.78 -4.88 -11.01
CA MET A 6 -5.77 -3.84 -11.05
C MET A 6 -6.38 -2.49 -11.42
N ALA A 7 -6.63 -1.69 -10.40
CA ALA A 7 -7.21 -0.38 -10.60
C ALA A 7 -6.09 0.63 -10.87
N PHE A 8 -4.92 0.32 -10.35
CA PHE A 8 -3.77 1.20 -10.52
C PHE A 8 -3.26 1.15 -11.97
N ALA A 9 -3.88 0.28 -12.75
CA ALA A 9 -3.50 0.13 -14.14
C ALA A 9 -3.74 1.46 -14.88
N SER A 10 -4.49 2.32 -14.23
CA SER A 10 -4.81 3.62 -14.80
C SER A 10 -4.03 4.72 -14.06
N VAL A 11 -3.92 4.54 -12.75
CA VAL A 11 -3.21 5.50 -11.92
C VAL A 11 -1.75 5.53 -12.33
N LEU A 12 -1.09 4.39 -12.15
CA LEU A 12 0.32 4.27 -12.49
C LEU A 12 0.48 3.30 -13.66
N LYS A 13 1.73 3.05 -14.02
CA LYS A 13 2.02 2.15 -15.12
C LYS A 13 1.98 0.70 -14.62
N ASP A 14 1.07 -0.07 -15.18
CA ASP A 14 0.91 -1.46 -14.81
C ASP A 14 2.23 -2.20 -15.07
N ALA A 15 3.03 -1.61 -15.94
CA ALA A 15 4.32 -2.20 -16.29
C ALA A 15 5.37 -1.79 -15.26
N GLU A 16 5.07 -0.70 -14.56
CA GLU A 16 5.97 -0.20 -13.54
C GLU A 16 5.69 -0.87 -12.19
N VAL A 17 4.51 -0.59 -11.67
CA VAL A 17 4.11 -1.16 -10.39
C VAL A 17 4.55 -2.62 -10.32
N THR A 18 4.51 -3.27 -11.48
CA THR A 18 4.90 -4.66 -11.58
C THR A 18 6.19 -4.92 -10.80
N ALA A 19 7.19 -4.08 -11.09
CA ALA A 19 8.47 -4.20 -10.42
C ALA A 19 8.27 -4.11 -8.91
N ALA A 20 7.30 -3.30 -8.52
CA ALA A 20 6.98 -3.12 -7.11
C ALA A 20 6.29 -4.38 -6.58
N LEU A 21 5.70 -5.13 -7.50
CA LEU A 21 5.00 -6.35 -7.15
C LEU A 21 5.99 -7.52 -7.15
N ASP A 22 7.00 -7.40 -8.00
CA ASP A 22 8.00 -8.43 -8.11
C ASP A 22 9.12 -8.16 -7.10
N GLY A 23 9.24 -6.90 -6.72
CA GLY A 23 10.26 -6.50 -5.77
C GLY A 23 9.88 -6.93 -4.35
N CYS A 24 8.62 -7.35 -4.21
CA CYS A 24 8.13 -7.79 -2.91
C CYS A 24 7.93 -9.31 -2.97
N LYS A 25 7.87 -9.81 -4.19
CA LYS A 25 7.68 -11.25 -4.40
C LYS A 25 8.51 -12.02 -3.38
N ALA A 26 9.63 -11.41 -2.99
CA ALA A 26 10.52 -12.02 -2.01
C ALA A 26 9.94 -11.85 -0.61
N ALA A 27 9.48 -12.95 -0.05
CA ALA A 27 8.89 -12.93 1.28
C ALA A 27 9.87 -12.24 2.24
N GLY A 28 9.29 -11.55 3.22
CA GLY A 28 10.10 -10.84 4.20
C GLY A 28 11.09 -9.90 3.52
N SER A 29 10.81 -9.60 2.27
CA SER A 29 11.67 -8.72 1.50
C SER A 29 10.86 -7.52 0.97
N PHE A 30 9.68 -7.37 1.52
CA PHE A 30 8.79 -6.28 1.11
C PHE A 30 9.01 -5.05 2.01
N ASP A 31 9.47 -3.98 1.38
CA ASP A 31 9.72 -2.74 2.09
C ASP A 31 8.77 -1.66 1.58
N HIS A 32 7.65 -1.52 2.28
CA HIS A 32 6.65 -0.53 1.92
C HIS A 32 7.35 0.75 1.47
N LYS A 33 8.28 1.20 2.30
CA LYS A 33 9.02 2.40 2.01
C LYS A 33 9.56 2.34 0.57
N LYS A 34 10.18 1.22 0.25
CA LYS A 34 10.73 1.01 -1.08
C LYS A 34 9.59 0.98 -2.10
N PHE A 35 8.68 0.04 -1.89
CA PHE A 35 7.54 -0.10 -2.79
C PHE A 35 7.02 1.26 -3.24
N PHE A 36 6.54 2.03 -2.28
CA PHE A 36 6.02 3.35 -2.56
C PHE A 36 7.04 4.20 -3.32
N LYS A 37 8.30 3.99 -2.96
CA LYS A 37 9.38 4.73 -3.60
C LYS A 37 9.61 4.18 -5.01
N ALA A 38 9.14 2.96 -5.22
CA ALA A 38 9.27 2.31 -6.51
C ALA A 38 8.26 2.90 -7.49
N CYS A 39 6.99 2.73 -7.15
CA CYS A 39 5.92 3.24 -7.98
C CYS A 39 6.05 4.76 -8.06
N GLY A 40 6.75 5.31 -7.08
CA GLY A 40 6.96 6.74 -7.03
C GLY A 40 5.98 7.40 -6.05
N LEU A 41 5.03 6.61 -5.59
CA LEU A 41 4.04 7.10 -4.65
C LEU A 41 4.72 8.01 -3.62
N SER A 42 5.99 7.70 -3.36
CA SER A 42 6.77 8.47 -2.40
C SER A 42 7.15 9.82 -3.01
N GLY A 43 6.70 10.88 -2.35
CA GLY A 43 6.99 12.22 -2.80
C GLY A 43 5.85 12.76 -3.68
N LYS A 44 5.04 11.82 -4.17
CA LYS A 44 3.93 12.19 -5.02
C LYS A 44 3.06 13.22 -4.30
N SER A 45 1.90 13.49 -4.90
CA SER A 45 0.97 14.45 -4.32
C SER A 45 -0.05 13.74 -3.44
N THR A 46 -0.34 14.34 -2.30
CA THR A 46 -1.30 13.78 -1.37
C THR A 46 -2.64 13.53 -2.07
N ASP A 47 -2.81 14.19 -3.21
CA ASP A 47 -4.04 14.03 -3.97
C ASP A 47 -4.13 12.60 -4.50
N GLU A 48 -3.17 12.24 -5.34
CA GLU A 48 -3.14 10.91 -5.92
C GLU A 48 -3.11 9.86 -4.81
N VAL A 49 -2.31 10.14 -3.80
CA VAL A 49 -2.18 9.23 -2.67
C VAL A 49 -3.57 8.75 -2.25
N LYS A 50 -4.49 9.68 -2.18
CA LYS A 50 -5.86 9.37 -1.79
C LYS A 50 -6.50 8.50 -2.87
N LYS A 51 -6.30 8.91 -4.11
CA LYS A 51 -6.85 8.18 -5.24
C LYS A 51 -6.22 6.79 -5.30
N ALA A 52 -5.07 6.67 -4.66
CA ALA A 52 -4.36 5.39 -4.63
C ALA A 52 -4.87 4.56 -3.46
N PHE A 53 -5.10 5.24 -2.35
CA PHE A 53 -5.60 4.58 -1.15
C PHE A 53 -6.99 3.97 -1.39
N ALA A 54 -7.66 4.50 -2.40
CA ALA A 54 -8.99 4.03 -2.74
C ALA A 54 -8.87 2.81 -3.66
N ILE A 55 -7.64 2.52 -4.05
CA ILE A 55 -7.38 1.39 -4.92
C ILE A 55 -7.44 0.08 -4.12
N ILE A 56 -6.66 0.06 -3.04
CA ILE A 56 -6.61 -1.10 -2.19
C ILE A 56 -7.99 -1.35 -1.58
N ASP A 57 -8.46 -0.34 -0.85
CA ASP A 57 -9.76 -0.43 -0.22
C ASP A 57 -10.76 -1.07 -1.19
N GLN A 58 -11.06 -2.34 -0.95
CA GLN A 58 -11.99 -3.06 -1.78
C GLN A 58 -13.42 -2.91 -1.26
N ASP A 59 -13.51 -2.46 -0.03
CA ASP A 59 -14.84 -2.26 0.60
C ASP A 59 -15.06 -0.77 0.91
N LYS A 60 -13.98 -0.01 0.97
CA LYS A 60 -14.10 1.41 1.27
C LYS A 60 -14.67 1.58 2.68
N SER A 61 -14.39 0.60 3.52
CA SER A 61 -14.87 0.63 4.89
C SER A 61 -14.64 2.02 5.50
N GLY A 62 -13.63 2.69 4.99
CA GLY A 62 -13.29 4.02 5.47
C GLY A 62 -11.84 4.07 5.98
N PHE A 63 -11.27 2.89 6.15
CA PHE A 63 -9.90 2.79 6.64
C PHE A 63 -9.25 1.48 6.16
N ILE A 64 -7.97 1.36 6.46
CA ILE A 64 -7.22 0.16 6.08
C ILE A 64 -6.75 -0.56 7.34
N GLU A 65 -7.61 -1.44 7.82
CA GLU A 65 -7.29 -2.21 9.02
C GLU A 65 -6.18 -3.21 8.73
N GLU A 66 -5.53 -3.67 9.79
CA GLU A 66 -4.46 -4.63 9.66
C GLU A 66 -4.78 -5.67 8.59
N GLU A 67 -6.07 -5.99 8.50
CA GLU A 67 -6.52 -6.97 7.52
C GLU A 67 -6.21 -6.48 6.10
N GLU A 68 -6.71 -5.29 5.79
CA GLU A 68 -6.51 -4.71 4.49
C GLU A 68 -5.02 -4.40 4.28
N LEU A 69 -4.35 -4.13 5.39
CA LEU A 69 -2.93 -3.82 5.35
C LEU A 69 -2.20 -4.90 4.56
N LYS A 70 -2.27 -6.12 5.09
CA LYS A 70 -1.62 -7.25 4.46
C LYS A 70 -2.13 -7.38 3.01
N LEU A 71 -3.26 -6.75 2.76
CA LEU A 71 -3.88 -6.80 1.44
C LEU A 71 -3.39 -5.59 0.62
N PHE A 72 -2.19 -5.14 0.96
CA PHE A 72 -1.61 -3.99 0.27
C PHE A 72 -1.03 -4.41 -1.08
N LEU A 73 -1.25 -5.68 -1.42
CA LEU A 73 -0.75 -6.21 -2.67
C LEU A 73 -1.94 -6.66 -3.53
N GLN A 74 -3.11 -6.67 -2.91
CA GLN A 74 -4.32 -7.07 -3.60
C GLN A 74 -4.96 -5.87 -4.30
N ASN A 75 -4.31 -4.72 -4.15
CA ASN A 75 -4.80 -3.51 -4.76
C ASN A 75 -4.33 -3.44 -6.21
N PHE A 76 -3.05 -3.75 -6.40
CA PHE A 76 -2.46 -3.73 -7.73
C PHE A 76 -2.75 -5.04 -8.47
N LYS A 77 -3.55 -5.88 -7.83
CA LYS A 77 -3.91 -7.16 -8.43
C LYS A 77 -4.94 -7.86 -7.53
N ALA A 78 -5.79 -8.64 -8.17
CA ALA A 78 -6.83 -9.37 -7.44
C ALA A 78 -6.39 -10.83 -7.27
N GLY A 79 -5.09 -11.04 -7.35
CA GLY A 79 -4.54 -12.37 -7.21
C GLY A 79 -3.16 -12.32 -6.55
N ALA A 80 -2.88 -11.19 -5.92
CA ALA A 80 -1.60 -11.02 -5.24
C ALA A 80 -1.59 -11.81 -3.94
N ARG A 81 -0.54 -11.61 -3.17
CA ARG A 81 -0.40 -12.30 -1.89
C ARG A 81 -0.59 -11.32 -0.74
N ALA A 82 -0.66 -11.87 0.46
CA ALA A 82 -0.85 -11.07 1.66
C ALA A 82 0.45 -11.05 2.46
N LEU A 83 0.91 -9.83 2.75
CA LEU A 83 2.14 -9.67 3.50
C LEU A 83 2.07 -10.51 4.79
N SER A 84 3.24 -10.92 5.25
CA SER A 84 3.31 -11.73 6.46
C SER A 84 2.84 -10.91 7.67
N ASP A 85 2.64 -11.62 8.78
CA ASP A 85 2.20 -10.97 10.00
C ASP A 85 3.25 -9.97 10.46
N ALA A 86 4.49 -10.22 10.05
CA ALA A 86 5.60 -9.35 10.41
C ALA A 86 5.71 -8.23 9.38
N GLU A 87 5.49 -8.59 8.13
CA GLU A 87 5.57 -7.63 7.05
C GLU A 87 4.51 -6.54 7.23
N THR A 88 3.30 -6.98 7.54
CA THR A 88 2.20 -6.05 7.75
C THR A 88 2.40 -5.27 9.04
N LYS A 89 3.21 -5.83 9.93
CA LYS A 89 3.49 -5.19 11.20
C LYS A 89 4.26 -3.90 10.96
N ALA A 90 5.44 -4.05 10.37
CA ALA A 90 6.29 -2.90 10.08
C ALA A 90 5.55 -1.96 9.12
N PHE A 91 4.49 -2.48 8.52
CA PHE A 91 3.71 -1.71 7.58
C PHE A 91 2.71 -0.82 8.32
N LEU A 92 2.20 -1.35 9.42
CA LEU A 92 1.23 -0.61 10.23
C LEU A 92 1.93 0.58 10.89
N LYS A 93 2.85 0.25 11.78
CA LYS A 93 3.60 1.28 12.50
C LYS A 93 4.31 2.18 11.49
N ALA A 94 4.45 1.66 10.28
CA ALA A 94 5.10 2.43 9.22
C ALA A 94 4.27 3.67 8.91
N GLY A 95 2.96 3.50 9.00
CA GLY A 95 2.04 4.60 8.72
C GLY A 95 1.29 5.02 9.99
N ASP A 96 0.52 4.09 10.51
CA ASP A 96 -0.25 4.35 11.72
C ASP A 96 0.69 4.75 12.84
N SER A 97 0.86 6.06 12.99
CA SER A 97 1.74 6.59 14.01
C SER A 97 0.99 6.66 15.35
N ASP A 98 -0.22 6.18 15.33
CA ASP A 98 -1.05 6.19 16.56
C ASP A 98 -1.42 4.75 16.95
N GLY A 99 -1.06 3.78 16.13
CA GLY A 99 -1.38 2.39 16.42
C GLY A 99 -2.76 2.27 17.07
N ASP A 100 -3.78 2.52 16.26
CA ASP A 100 -5.15 2.45 16.75
C ASP A 100 -5.77 1.13 16.28
N GLY A 101 -5.20 0.58 15.21
CA GLY A 101 -5.69 -0.67 14.66
C GLY A 101 -6.18 -0.48 13.22
N LYS A 102 -6.10 0.75 12.76
CA LYS A 102 -6.53 1.09 11.42
C LYS A 102 -5.60 2.15 10.83
N ILE A 103 -5.54 2.18 9.51
CA ILE A 103 -4.70 3.14 8.82
C ILE A 103 -5.56 3.99 7.88
N GLY A 104 -5.73 5.25 8.25
CA GLY A 104 -6.52 6.17 7.45
C GLY A 104 -5.71 6.72 6.28
N ILE A 105 -6.20 7.81 5.72
CA ILE A 105 -5.54 8.43 4.59
C ILE A 105 -4.38 9.29 5.09
N ASP A 106 -4.60 9.91 6.24
CA ASP A 106 -3.58 10.75 6.85
C ASP A 106 -2.45 9.88 7.38
N GLU A 107 -2.77 8.61 7.59
CA GLU A 107 -1.79 7.66 8.10
C GLU A 107 -1.14 6.90 6.94
N PHE A 108 -1.94 6.61 5.92
CA PHE A 108 -1.46 5.90 4.76
C PHE A 108 -0.66 6.83 3.84
N ALA A 109 -1.04 8.10 3.86
CA ALA A 109 -0.38 9.10 3.04
C ALA A 109 0.84 9.65 3.79
N ALA A 110 0.96 9.22 5.04
CA ALA A 110 2.07 9.67 5.87
C ALA A 110 3.30 8.82 5.56
N MET A 111 3.13 7.52 5.70
CA MET A 111 4.21 6.59 5.44
C MET A 111 4.90 6.91 4.10
N ILE A 112 4.16 7.59 3.25
CA ILE A 112 4.69 7.96 1.94
C ILE A 112 5.11 9.43 1.96
N LYS A 113 4.23 10.26 2.52
CA LYS A 113 4.51 11.68 2.61
C LYS A 113 5.80 11.89 3.41
N GLY A 114 6.17 10.87 4.15
CA GLY A 114 7.39 10.93 4.95
C GLY A 114 7.82 9.54 5.41
N SER A 5 -8.14 -3.61 -7.62
CA SER A 5 -8.17 -4.46 -8.80
C SER A 5 -7.55 -3.73 -9.98
N MET A 6 -6.24 -3.91 -10.14
CA MET A 6 -5.52 -3.28 -11.23
C MET A 6 -6.04 -1.86 -11.49
N ALA A 7 -6.34 -1.17 -10.39
CA ALA A 7 -6.85 0.19 -10.49
C ALA A 7 -5.69 1.15 -10.78
N PHE A 8 -4.58 0.89 -10.10
CA PHE A 8 -3.40 1.72 -10.26
C PHE A 8 -3.02 1.83 -11.74
N ALA A 9 -3.52 0.89 -12.52
CA ALA A 9 -3.23 0.88 -13.95
C ALA A 9 -3.57 2.24 -14.55
N SER A 10 -4.43 2.97 -13.84
CA SER A 10 -4.84 4.29 -14.28
C SER A 10 -4.00 5.36 -13.58
N VAL A 11 -3.90 5.22 -12.27
CA VAL A 11 -3.13 6.17 -11.48
C VAL A 11 -1.66 6.11 -11.88
N LEU A 12 -1.07 4.94 -11.67
CA LEU A 12 0.32 4.73 -12.01
C LEU A 12 0.41 3.83 -13.25
N LYS A 13 1.65 3.57 -13.65
CA LYS A 13 1.88 2.72 -14.82
C LYS A 13 1.85 1.25 -14.39
N ASP A 14 0.93 0.52 -15.01
CA ASP A 14 0.79 -0.89 -14.70
C ASP A 14 2.10 -1.61 -15.00
N ALA A 15 2.88 -1.01 -15.89
CA ALA A 15 4.15 -1.59 -16.27
C ALA A 15 5.21 -1.21 -15.24
N GLU A 16 4.90 -0.16 -14.47
CA GLU A 16 5.80 0.30 -13.44
C GLU A 16 5.56 -0.46 -12.13
N VAL A 17 4.38 -0.25 -11.58
CA VAL A 17 4.02 -0.90 -10.33
C VAL A 17 4.43 -2.37 -10.39
N THR A 18 4.38 -2.92 -11.60
CA THR A 18 4.75 -4.31 -11.81
C THR A 18 6.03 -4.64 -11.05
N ALA A 19 7.04 -3.81 -11.26
CA ALA A 19 8.32 -4.01 -10.60
C ALA A 19 8.13 -3.91 -9.09
N ALA A 20 7.17 -3.10 -8.69
CA ALA A 20 6.88 -2.91 -7.28
C ALA A 20 6.17 -4.15 -6.74
N LEU A 21 5.60 -4.92 -7.66
CA LEU A 21 4.89 -6.13 -7.29
C LEU A 21 5.88 -7.30 -7.27
N ASP A 22 6.74 -7.33 -8.27
CA ASP A 22 7.74 -8.38 -8.36
C ASP A 22 8.77 -8.21 -7.24
N GLY A 23 8.96 -6.96 -6.85
CA GLY A 23 9.91 -6.65 -5.80
C GLY A 23 9.37 -7.06 -4.42
N CYS A 24 8.13 -7.52 -4.43
CA CYS A 24 7.48 -7.95 -3.20
C CYS A 24 6.91 -9.35 -3.42
N LYS A 25 7.48 -10.04 -4.39
CA LYS A 25 7.06 -11.39 -4.71
C LYS A 25 7.77 -12.38 -3.78
N ALA A 26 8.82 -11.89 -3.14
CA ALA A 26 9.59 -12.71 -2.23
C ALA A 26 9.09 -12.49 -0.81
N ALA A 27 8.49 -13.52 -0.25
CA ALA A 27 7.96 -13.45 1.10
C ALA A 27 9.04 -12.87 2.03
N GLY A 28 8.58 -12.02 2.94
CA GLY A 28 9.50 -11.39 3.89
C GLY A 28 10.56 -10.57 3.16
N SER A 29 10.21 -10.12 1.96
CA SER A 29 11.12 -9.34 1.16
C SER A 29 10.43 -8.05 0.69
N PHE A 30 9.23 -7.85 1.21
CA PHE A 30 8.45 -6.67 0.85
C PHE A 30 8.77 -5.50 1.79
N ASP A 31 8.87 -4.32 1.19
CA ASP A 31 9.16 -3.12 1.96
C ASP A 31 8.26 -1.98 1.49
N HIS A 32 7.17 -1.79 2.22
CA HIS A 32 6.21 -0.74 1.89
C HIS A 32 6.97 0.51 1.44
N LYS A 33 7.85 0.98 2.32
CA LYS A 33 8.64 2.17 2.03
C LYS A 33 9.25 2.04 0.64
N LYS A 34 9.79 0.86 0.37
CA LYS A 34 10.40 0.60 -0.92
C LYS A 34 9.35 0.71 -2.03
N PHE A 35 8.35 -0.16 -1.94
CA PHE A 35 7.28 -0.16 -2.91
C PHE A 35 6.90 1.26 -3.33
N PHE A 36 6.41 2.02 -2.35
CA PHE A 36 6.01 3.40 -2.59
C PHE A 36 7.16 4.20 -3.19
N LYS A 37 8.37 3.89 -2.72
CA LYS A 37 9.56 4.57 -3.20
C LYS A 37 9.89 4.10 -4.62
N ALA A 38 9.30 2.96 -4.97
CA ALA A 38 9.53 2.38 -6.29
C ALA A 38 8.62 3.08 -7.30
N CYS A 39 7.32 2.95 -7.08
CA CYS A 39 6.34 3.56 -7.97
C CYS A 39 6.50 5.08 -7.88
N GLY A 40 7.11 5.52 -6.79
CA GLY A 40 7.33 6.94 -6.57
C GLY A 40 6.21 7.55 -5.73
N LEU A 41 5.20 6.73 -5.46
CA LEU A 41 4.06 7.16 -4.67
C LEU A 41 4.56 8.01 -3.49
N SER A 42 5.77 7.70 -3.06
CA SER A 42 6.38 8.42 -1.95
C SER A 42 6.61 9.88 -2.34
N GLY A 43 7.22 10.07 -3.50
CA GLY A 43 7.50 11.40 -3.98
C GLY A 43 6.34 11.94 -4.82
N LYS A 44 5.26 11.18 -4.82
CA LYS A 44 4.07 11.56 -5.58
C LYS A 44 3.38 12.73 -4.86
N SER A 45 2.19 13.05 -5.35
CA SER A 45 1.41 14.13 -4.77
C SER A 45 0.37 13.57 -3.81
N THR A 46 0.01 14.40 -2.84
CA THR A 46 -0.97 13.99 -1.84
C THR A 46 -2.35 13.85 -2.48
N ASP A 47 -2.44 14.29 -3.73
CA ASP A 47 -3.69 14.22 -4.46
C ASP A 47 -3.93 12.77 -4.91
N GLU A 48 -3.02 12.29 -5.76
CA GLU A 48 -3.13 10.94 -6.27
C GLU A 48 -3.14 9.93 -5.12
N VAL A 49 -2.35 10.24 -4.10
CA VAL A 49 -2.27 9.37 -2.93
C VAL A 49 -3.68 9.02 -2.46
N LYS A 50 -4.55 10.02 -2.51
CA LYS A 50 -5.93 9.83 -2.11
C LYS A 50 -6.64 8.91 -3.11
N LYS A 51 -6.22 9.03 -4.36
CA LYS A 51 -6.80 8.22 -5.41
C LYS A 51 -6.20 6.82 -5.37
N ALA A 52 -5.03 6.73 -4.75
CA ALA A 52 -4.34 5.45 -4.64
C ALA A 52 -4.90 4.68 -3.45
N PHE A 53 -5.31 5.43 -2.43
CA PHE A 53 -5.87 4.82 -1.23
C PHE A 53 -7.15 4.05 -1.55
N ALA A 54 -7.77 4.43 -2.67
CA ALA A 54 -9.00 3.77 -3.10
C ALA A 54 -8.65 2.50 -3.87
N ILE A 55 -7.38 2.37 -4.20
CA ILE A 55 -6.90 1.22 -4.93
C ILE A 55 -6.89 0.01 -4.00
N ILE A 56 -6.28 0.20 -2.84
CA ILE A 56 -6.19 -0.86 -1.85
C ILE A 56 -7.59 -1.24 -1.39
N ASP A 57 -8.25 -0.29 -0.75
CA ASP A 57 -9.60 -0.52 -0.25
C ASP A 57 -10.39 -1.32 -1.28
N GLN A 58 -10.55 -2.60 -0.98
CA GLN A 58 -11.28 -3.49 -1.86
C GLN A 58 -12.77 -3.51 -1.49
N ASP A 59 -13.05 -3.01 -0.33
CA ASP A 59 -14.45 -2.96 0.15
C ASP A 59 -14.87 -1.52 0.43
N LYS A 60 -13.89 -0.64 0.67
CA LYS A 60 -14.20 0.76 0.95
C LYS A 60 -14.81 0.87 2.35
N SER A 61 -14.34 0.01 3.23
CA SER A 61 -14.83 0.00 4.60
C SER A 61 -14.73 1.40 5.20
N GLY A 62 -13.82 2.18 4.63
CA GLY A 62 -13.61 3.55 5.11
C GLY A 62 -12.17 3.76 5.55
N PHE A 63 -11.52 2.66 5.90
CA PHE A 63 -10.14 2.72 6.34
C PHE A 63 -9.36 1.49 5.87
N ILE A 64 -8.14 1.37 6.36
CA ILE A 64 -7.28 0.25 6.01
C ILE A 64 -6.85 -0.49 7.27
N GLU A 65 -7.77 -1.27 7.82
CA GLU A 65 -7.50 -2.02 9.02
C GLU A 65 -6.20 -2.82 8.87
N GLU A 66 -5.71 -3.32 9.99
CA GLU A 66 -4.48 -4.08 10.00
C GLU A 66 -4.61 -5.29 9.07
N GLU A 67 -5.82 -5.80 8.98
CA GLU A 67 -6.10 -6.96 8.13
C GLU A 67 -6.04 -6.55 6.65
N GLU A 68 -6.12 -5.25 6.43
CA GLU A 68 -6.09 -4.72 5.08
C GLU A 68 -4.66 -4.31 4.70
N LEU A 69 -3.85 -4.08 5.73
CA LEU A 69 -2.47 -3.69 5.53
C LEU A 69 -1.75 -4.79 4.73
N LYS A 70 -1.70 -5.97 5.32
CA LYS A 70 -1.05 -7.10 4.67
C LYS A 70 -1.67 -7.32 3.30
N LEU A 71 -2.86 -6.78 3.13
CA LEU A 71 -3.58 -6.91 1.86
C LEU A 71 -3.25 -5.71 0.97
N PHE A 72 -2.07 -5.16 1.19
CA PHE A 72 -1.63 -4.00 0.42
C PHE A 72 -1.11 -4.43 -0.96
N LEU A 73 -1.26 -5.73 -1.23
CA LEU A 73 -0.81 -6.27 -2.50
C LEU A 73 -2.02 -6.58 -3.37
N GLN A 74 -3.19 -6.58 -2.74
CA GLN A 74 -4.43 -6.86 -3.44
C GLN A 74 -4.96 -5.58 -4.10
N ASN A 75 -4.19 -4.52 -3.95
CA ASN A 75 -4.56 -3.24 -4.54
C ASN A 75 -4.20 -3.23 -6.02
N PHE A 76 -2.96 -3.61 -6.30
CA PHE A 76 -2.47 -3.65 -7.67
C PHE A 76 -2.80 -4.99 -8.33
N LYS A 77 -3.73 -5.71 -7.70
CA LYS A 77 -4.15 -6.99 -8.22
C LYS A 77 -5.26 -7.57 -7.32
N ALA A 78 -6.20 -8.24 -7.97
CA ALA A 78 -7.32 -8.83 -7.25
C ALA A 78 -7.00 -10.30 -6.97
N GLY A 79 -5.73 -10.60 -6.86
CA GLY A 79 -5.29 -11.95 -6.58
C GLY A 79 -3.82 -11.98 -6.17
N ALA A 80 -3.39 -10.90 -5.53
CA ALA A 80 -2.01 -10.80 -5.09
C ALA A 80 -1.88 -11.44 -3.70
N ARG A 81 -0.65 -11.84 -3.39
CA ARG A 81 -0.38 -12.47 -2.10
C ARG A 81 -0.52 -11.45 -0.97
N ALA A 82 -0.41 -11.96 0.25
CA ALA A 82 -0.53 -11.11 1.43
C ALA A 82 0.81 -11.07 2.15
N LEU A 83 1.11 -9.91 2.73
CA LEU A 83 2.36 -9.73 3.45
C LEU A 83 2.37 -10.67 4.67
N SER A 84 3.50 -10.66 5.36
CA SER A 84 3.65 -11.50 6.54
C SER A 84 3.17 -10.75 7.78
N ASP A 85 3.42 -11.36 8.94
CA ASP A 85 3.00 -10.76 10.19
C ASP A 85 3.96 -9.62 10.55
N ALA A 86 5.22 -9.80 10.16
CA ALA A 86 6.23 -8.80 10.43
C ALA A 86 6.08 -7.64 9.43
N GLU A 87 6.06 -8.00 8.16
CA GLU A 87 5.94 -7.01 7.11
C GLU A 87 4.77 -6.06 7.41
N THR A 88 3.60 -6.65 7.62
CA THR A 88 2.41 -5.88 7.92
C THR A 88 2.65 -5.00 9.14
N LYS A 89 3.36 -5.55 10.11
CA LYS A 89 3.66 -4.83 11.33
C LYS A 89 4.42 -3.54 10.98
N ALA A 90 5.54 -3.72 10.29
CA ALA A 90 6.36 -2.59 9.89
C ALA A 90 5.55 -1.68 8.97
N PHE A 91 4.45 -2.23 8.46
CA PHE A 91 3.59 -1.48 7.56
C PHE A 91 2.55 -0.69 8.36
N LEU A 92 2.12 -1.26 9.47
CA LEU A 92 1.14 -0.61 10.32
C LEU A 92 1.79 0.56 11.05
N LYS A 93 2.75 0.22 11.90
CA LYS A 93 3.45 1.24 12.67
C LYS A 93 4.05 2.27 11.70
N ALA A 94 4.18 1.86 10.45
CA ALA A 94 4.73 2.74 9.43
C ALA A 94 3.82 3.94 9.24
N GLY A 95 2.55 3.64 8.98
CA GLY A 95 1.56 4.69 8.78
C GLY A 95 0.78 4.97 10.07
N ASP A 96 0.20 3.91 10.61
CA ASP A 96 -0.58 4.02 11.83
C ASP A 96 0.27 4.73 12.90
N SER A 97 -0.28 5.82 13.41
CA SER A 97 0.40 6.59 14.42
C SER A 97 0.16 5.97 15.81
N ASP A 98 -1.09 5.81 16.12
CA ASP A 98 -1.46 5.21 17.43
C ASP A 98 -1.58 3.68 17.30
N GLY A 99 -1.15 3.13 16.17
CA GLY A 99 -1.25 1.70 15.96
C GLY A 99 -2.55 1.14 16.55
N ASP A 100 -3.65 1.76 16.17
CA ASP A 100 -4.95 1.33 16.65
C ASP A 100 -5.41 0.10 15.86
N GLY A 101 -4.85 -0.04 14.68
CA GLY A 101 -5.19 -1.16 13.82
C GLY A 101 -5.84 -0.68 12.52
N LYS A 102 -5.92 0.64 12.39
CA LYS A 102 -6.52 1.23 11.21
C LYS A 102 -5.58 2.31 10.65
N ILE A 103 -5.55 2.41 9.33
CA ILE A 103 -4.71 3.38 8.67
C ILE A 103 -5.55 4.18 7.67
N GLY A 104 -5.90 5.40 8.07
CA GLY A 104 -6.70 6.27 7.22
C GLY A 104 -5.86 6.79 6.05
N ILE A 105 -6.38 7.85 5.44
CA ILE A 105 -5.70 8.47 4.30
C ILE A 105 -4.62 9.42 4.82
N ASP A 106 -4.96 10.10 5.90
CA ASP A 106 -4.03 11.05 6.51
C ASP A 106 -2.79 10.30 6.99
N GLU A 107 -2.99 9.05 7.34
CA GLU A 107 -1.90 8.22 7.82
C GLU A 107 -1.27 7.44 6.66
N PHE A 108 -2.13 6.89 5.82
CA PHE A 108 -1.68 6.13 4.67
C PHE A 108 -0.88 7.02 3.70
N ALA A 109 -1.24 8.30 3.70
CA ALA A 109 -0.57 9.26 2.84
C ALA A 109 0.66 9.81 3.55
N ALA A 110 0.75 9.51 4.84
CA ALA A 110 1.87 9.97 5.64
C ALA A 110 3.10 9.09 5.35
N MET A 111 2.90 7.79 5.49
CA MET A 111 3.97 6.84 5.26
C MET A 111 4.62 7.08 3.89
N ILE A 112 3.89 7.79 3.04
CA ILE A 112 4.38 8.10 1.70
C ILE A 112 4.76 9.57 1.63
N LYS A 113 4.02 10.38 2.35
CA LYS A 113 4.27 11.81 2.38
C LYS A 113 5.53 12.09 3.20
N GLY A 114 5.96 11.07 3.92
CA GLY A 114 7.15 11.18 4.75
C GLY A 114 7.64 9.81 5.20
N SER A 5 -7.48 -7.43 -13.89
CA SER A 5 -7.27 -6.01 -14.08
C SER A 5 -6.97 -5.34 -12.73
N MET A 6 -5.91 -4.54 -12.74
CA MET A 6 -5.51 -3.84 -11.53
C MET A 6 -6.18 -2.47 -11.45
N ALA A 7 -6.12 -1.89 -10.25
CA ALA A 7 -6.72 -0.59 -10.03
C ALA A 7 -5.67 0.50 -10.33
N PHE A 8 -4.53 0.38 -9.68
CA PHE A 8 -3.45 1.33 -9.86
C PHE A 8 -3.09 1.48 -11.34
N ALA A 9 -3.51 0.48 -12.11
CA ALA A 9 -3.24 0.49 -13.54
C ALA A 9 -3.72 1.80 -14.15
N SER A 10 -4.63 2.44 -13.43
CA SER A 10 -5.18 3.71 -13.88
C SER A 10 -4.39 4.88 -13.26
N VAL A 11 -4.22 4.79 -11.96
CA VAL A 11 -3.49 5.82 -11.23
C VAL A 11 -2.03 5.85 -11.72
N LEU A 12 -1.35 4.74 -11.49
CA LEU A 12 0.04 4.62 -11.89
C LEU A 12 0.15 3.60 -13.03
N LYS A 13 1.39 3.35 -13.43
CA LYS A 13 1.64 2.40 -14.51
C LYS A 13 1.40 0.98 -14.00
N ASP A 14 0.93 0.13 -14.92
CA ASP A 14 0.66 -1.25 -14.57
C ASP A 14 1.96 -2.05 -14.60
N ALA A 15 2.87 -1.60 -15.44
CA ALA A 15 4.15 -2.27 -15.59
C ALA A 15 5.10 -1.77 -14.48
N GLU A 16 4.96 -0.49 -14.17
CA GLU A 16 5.80 0.12 -13.14
C GLU A 16 5.46 -0.47 -11.77
N VAL A 17 4.20 -0.33 -11.40
CA VAL A 17 3.73 -0.84 -10.12
C VAL A 17 4.10 -2.32 -9.99
N THR A 18 4.07 -3.00 -11.13
CA THR A 18 4.40 -4.42 -11.16
C THR A 18 5.80 -4.64 -10.60
N ALA A 19 6.74 -3.86 -11.09
CA ALA A 19 8.12 -3.96 -10.64
C ALA A 19 8.17 -3.85 -9.12
N ALA A 20 7.14 -3.22 -8.56
CA ALA A 20 7.06 -3.05 -7.12
C ALA A 20 6.37 -4.26 -6.51
N LEU A 21 5.56 -4.93 -7.32
CA LEU A 21 4.84 -6.10 -6.88
C LEU A 21 5.80 -7.29 -6.83
N ASP A 22 6.74 -7.30 -7.76
CA ASP A 22 7.72 -8.37 -7.82
C ASP A 22 8.73 -8.21 -6.68
N GLY A 23 8.87 -6.97 -6.24
CA GLY A 23 9.79 -6.66 -5.15
C GLY A 23 9.22 -7.10 -3.80
N CYS A 24 8.03 -7.67 -3.86
CA CYS A 24 7.36 -8.13 -2.65
C CYS A 24 6.79 -9.53 -2.93
N LYS A 25 7.37 -10.19 -3.93
CA LYS A 25 6.93 -11.51 -4.30
C LYS A 25 7.61 -12.55 -3.39
N ALA A 26 8.66 -12.09 -2.73
CA ALA A 26 9.40 -12.96 -1.82
C ALA A 26 8.99 -12.67 -0.38
N ALA A 27 8.18 -13.57 0.15
CA ALA A 27 7.69 -13.43 1.52
C ALA A 27 8.85 -12.96 2.41
N GLY A 28 8.56 -11.95 3.21
CA GLY A 28 9.55 -11.41 4.12
C GLY A 28 10.64 -10.65 3.35
N SER A 29 10.25 -10.18 2.17
CA SER A 29 11.18 -9.43 1.33
C SER A 29 10.50 -8.17 0.80
N PHE A 30 9.31 -7.91 1.33
CA PHE A 30 8.55 -6.74 0.92
C PHE A 30 9.00 -5.50 1.68
N ASP A 31 9.13 -4.40 0.94
CA ASP A 31 9.55 -3.15 1.54
C ASP A 31 8.67 -2.02 1.02
N HIS A 32 7.66 -1.69 1.81
CA HIS A 32 6.73 -0.63 1.44
C HIS A 32 7.50 0.55 0.85
N LYS A 33 8.41 1.08 1.66
CA LYS A 33 9.22 2.21 1.23
C LYS A 33 9.72 1.97 -0.19
N LYS A 34 10.20 0.76 -0.41
CA LYS A 34 10.71 0.37 -1.72
C LYS A 34 9.57 0.40 -2.74
N PHE A 35 8.41 -0.06 -2.29
CA PHE A 35 7.24 -0.10 -3.15
C PHE A 35 6.88 1.31 -3.63
N PHE A 36 6.54 2.16 -2.69
CA PHE A 36 6.17 3.53 -3.00
C PHE A 36 7.33 4.26 -3.69
N LYS A 37 8.53 3.95 -3.23
CA LYS A 37 9.72 4.57 -3.78
C LYS A 37 10.02 3.96 -5.16
N ALA A 38 9.46 2.78 -5.38
CA ALA A 38 9.66 2.09 -6.65
C ALA A 38 8.71 2.69 -7.69
N CYS A 39 7.44 2.76 -7.33
CA CYS A 39 6.43 3.31 -8.23
C CYS A 39 6.57 4.83 -8.23
N GLY A 40 7.10 5.35 -7.14
CA GLY A 40 7.29 6.79 -7.00
C GLY A 40 6.25 7.38 -6.06
N LEU A 41 5.25 6.58 -5.73
CA LEU A 41 4.19 7.02 -4.85
C LEU A 41 4.79 7.84 -3.71
N SER A 42 6.04 7.51 -3.37
CA SER A 42 6.73 8.21 -2.31
C SER A 42 7.14 9.60 -2.78
N GLY A 43 6.71 10.61 -2.03
CA GLY A 43 7.02 11.99 -2.35
C GLY A 43 5.96 12.58 -3.29
N LYS A 44 4.90 11.81 -3.49
CA LYS A 44 3.82 12.24 -4.36
C LYS A 44 2.97 13.28 -3.63
N SER A 45 1.84 13.62 -4.24
CA SER A 45 0.93 14.59 -3.66
C SER A 45 -0.20 13.88 -2.93
N THR A 46 -0.72 14.54 -1.91
CA THR A 46 -1.81 13.98 -1.13
C THR A 46 -3.06 13.83 -1.99
N ASP A 47 -3.09 14.59 -3.08
CA ASP A 47 -4.22 14.55 -3.99
C ASP A 47 -4.32 13.16 -4.61
N GLU A 48 -3.23 12.72 -5.20
CA GLU A 48 -3.18 11.40 -5.82
C GLU A 48 -3.16 10.31 -4.75
N VAL A 49 -2.35 10.52 -3.74
CA VAL A 49 -2.23 9.57 -2.65
C VAL A 49 -3.64 9.15 -2.19
N LYS A 50 -4.52 10.14 -2.11
CA LYS A 50 -5.89 9.90 -1.69
C LYS A 50 -6.55 8.92 -2.67
N LYS A 51 -6.18 9.05 -3.92
CA LYS A 51 -6.72 8.19 -4.97
C LYS A 51 -6.13 6.79 -4.82
N ALA A 52 -4.83 6.77 -4.55
CA ALA A 52 -4.12 5.50 -4.39
C ALA A 52 -4.74 4.73 -3.23
N PHE A 53 -5.18 5.47 -2.23
CA PHE A 53 -5.79 4.87 -1.05
C PHE A 53 -7.09 4.14 -1.42
N ALA A 54 -7.66 4.54 -2.54
CA ALA A 54 -8.89 3.94 -3.01
C ALA A 54 -8.57 2.64 -3.75
N ILE A 55 -7.30 2.50 -4.12
CA ILE A 55 -6.85 1.31 -4.84
C ILE A 55 -6.89 0.12 -3.88
N ILE A 56 -6.29 0.32 -2.71
CA ILE A 56 -6.25 -0.74 -1.71
C ILE A 56 -7.67 -1.10 -1.29
N ASP A 57 -8.33 -0.14 -0.65
CA ASP A 57 -9.69 -0.33 -0.20
C ASP A 57 -10.48 -1.11 -1.26
N GLN A 58 -10.67 -2.39 -0.98
CA GLN A 58 -11.41 -3.25 -1.89
C GLN A 58 -12.89 -3.28 -1.52
N ASP A 59 -13.17 -2.81 -0.35
CA ASP A 59 -14.59 -2.77 0.12
C ASP A 59 -15.00 -1.33 0.44
N LYS A 60 -14.04 -0.42 0.52
CA LYS A 60 -14.35 0.96 0.82
C LYS A 60 -15.01 1.05 2.19
N SER A 61 -14.53 0.20 3.10
CA SER A 61 -15.08 0.18 4.45
C SER A 61 -14.95 1.56 5.09
N GLY A 62 -13.80 2.18 4.87
CA GLY A 62 -13.55 3.51 5.41
C GLY A 62 -12.10 3.64 5.86
N PHE A 63 -11.47 2.49 6.10
CA PHE A 63 -10.09 2.47 6.54
C PHE A 63 -9.37 1.22 6.01
N ILE A 64 -8.13 1.07 6.45
CA ILE A 64 -7.32 -0.06 6.03
C ILE A 64 -6.92 -0.88 7.26
N GLU A 65 -7.86 -1.66 7.76
CA GLU A 65 -7.62 -2.48 8.93
C GLU A 65 -6.37 -3.33 8.73
N GLU A 66 -5.80 -3.77 9.84
CA GLU A 66 -4.60 -4.59 9.79
C GLU A 66 -4.74 -5.68 8.72
N GLU A 67 -5.96 -6.18 8.59
CA GLU A 67 -6.23 -7.22 7.62
C GLU A 67 -5.99 -6.69 6.20
N GLU A 68 -6.39 -5.44 5.99
CA GLU A 68 -6.21 -4.81 4.69
C GLU A 68 -4.73 -4.54 4.42
N LEU A 69 -4.02 -4.15 5.47
CA LEU A 69 -2.61 -3.86 5.36
C LEU A 69 -1.91 -5.04 4.67
N LYS A 70 -1.98 -6.19 5.30
CA LYS A 70 -1.36 -7.39 4.76
C LYS A 70 -1.85 -7.60 3.33
N LEU A 71 -2.99 -7.00 3.03
CA LEU A 71 -3.57 -7.12 1.71
C LEU A 71 -3.17 -5.90 0.87
N PHE A 72 -2.02 -5.33 1.21
CA PHE A 72 -1.52 -4.16 0.51
C PHE A 72 -1.03 -4.54 -0.89
N LEU A 73 -1.09 -5.83 -1.18
CA LEU A 73 -0.66 -6.34 -2.47
C LEU A 73 -1.89 -6.58 -3.35
N GLN A 74 -3.02 -6.73 -2.69
CA GLN A 74 -4.27 -6.97 -3.40
C GLN A 74 -4.82 -5.66 -3.96
N ASN A 75 -4.07 -4.59 -3.74
CA ASN A 75 -4.48 -3.28 -4.22
C ASN A 75 -4.11 -3.15 -5.69
N PHE A 76 -2.87 -3.51 -6.00
CA PHE A 76 -2.40 -3.43 -7.37
C PHE A 76 -2.76 -4.70 -8.15
N LYS A 77 -3.66 -5.47 -7.57
CA LYS A 77 -4.11 -6.71 -8.19
C LYS A 77 -5.19 -7.36 -7.32
N ALA A 78 -6.17 -7.93 -8.00
CA ALA A 78 -7.27 -8.59 -7.30
C ALA A 78 -6.95 -10.08 -7.14
N GLY A 79 -5.66 -10.37 -7.07
CA GLY A 79 -5.21 -11.75 -6.91
C GLY A 79 -3.77 -11.80 -6.41
N ALA A 80 -3.38 -10.75 -5.69
CA ALA A 80 -2.04 -10.66 -5.15
C ALA A 80 -1.97 -11.45 -3.84
N ARG A 81 -0.76 -11.54 -3.30
CA ARG A 81 -0.54 -12.26 -2.06
C ARG A 81 -0.74 -11.33 -0.86
N ALA A 82 -0.42 -11.85 0.31
CA ALA A 82 -0.56 -11.09 1.54
C ALA A 82 0.80 -10.99 2.22
N LEU A 83 1.03 -9.85 2.86
CA LEU A 83 2.28 -9.61 3.56
C LEU A 83 2.33 -10.49 4.81
N SER A 84 3.54 -10.65 5.34
CA SER A 84 3.74 -11.46 6.53
C SER A 84 3.21 -10.71 7.76
N ASP A 85 3.08 -11.46 8.85
CA ASP A 85 2.60 -10.88 10.10
C ASP A 85 3.53 -9.75 10.53
N ALA A 86 4.78 -9.85 10.08
CA ALA A 86 5.78 -8.85 10.41
C ALA A 86 5.72 -7.71 9.38
N GLU A 87 5.87 -8.08 8.13
CA GLU A 87 5.83 -7.11 7.05
C GLU A 87 4.71 -6.10 7.30
N THR A 88 3.53 -6.61 7.60
CA THR A 88 2.38 -5.76 7.86
C THR A 88 2.60 -4.94 9.11
N LYS A 89 3.26 -5.55 10.09
CA LYS A 89 3.55 -4.88 11.34
C LYS A 89 4.44 -3.66 11.08
N ALA A 90 5.42 -3.87 10.21
CA ALA A 90 6.34 -2.80 9.85
C ALA A 90 5.61 -1.76 9.01
N PHE A 91 4.81 -2.26 8.07
CA PHE A 91 4.06 -1.39 7.19
C PHE A 91 2.89 -0.73 7.93
N LEU A 92 2.63 -1.25 9.12
CA LEU A 92 1.54 -0.72 9.94
C LEU A 92 2.04 0.49 10.72
N LYS A 93 3.14 0.29 11.44
CA LYS A 93 3.72 1.37 12.22
C LYS A 93 4.43 2.34 11.29
N ALA A 94 4.98 1.80 10.22
CA ALA A 94 5.70 2.62 9.25
C ALA A 94 4.82 3.80 8.85
N GLY A 95 3.52 3.57 8.88
CA GLY A 95 2.56 4.60 8.51
C GLY A 95 1.69 4.99 9.71
N ASP A 96 0.94 4.00 10.20
CA ASP A 96 0.06 4.23 11.33
C ASP A 96 0.89 4.79 12.50
N SER A 97 0.97 6.11 12.54
CA SER A 97 1.71 6.78 13.59
C SER A 97 1.04 6.53 14.95
N ASP A 98 -0.22 6.85 15.01
CA ASP A 98 -0.98 6.64 16.27
C ASP A 98 -1.19 5.15 16.52
N GLY A 99 -0.98 4.32 15.50
CA GLY A 99 -1.17 2.89 15.64
C GLY A 99 -2.38 2.58 16.53
N ASP A 100 -3.55 2.86 15.99
CA ASP A 100 -4.79 2.63 16.72
C ASP A 100 -5.32 1.23 16.37
N GLY A 101 -4.77 0.68 15.30
CA GLY A 101 -5.18 -0.64 14.85
C GLY A 101 -5.65 -0.61 13.39
N LYS A 102 -5.57 0.58 12.80
CA LYS A 102 -5.98 0.76 11.43
C LYS A 102 -5.08 1.83 10.77
N ILE A 103 -5.18 1.91 9.45
CA ILE A 103 -4.39 2.86 8.69
C ILE A 103 -5.32 3.69 7.79
N GLY A 104 -5.51 4.94 8.18
CA GLY A 104 -6.37 5.83 7.41
C GLY A 104 -5.60 6.46 6.25
N ILE A 105 -6.16 7.54 5.74
CA ILE A 105 -5.55 8.25 4.62
C ILE A 105 -4.43 9.15 5.16
N ASP A 106 -4.69 9.76 6.31
CA ASP A 106 -3.72 10.64 6.93
C ASP A 106 -2.55 9.81 7.45
N GLU A 107 -2.78 8.51 7.57
CA GLU A 107 -1.75 7.61 8.05
C GLU A 107 -1.09 6.89 6.88
N PHE A 108 -1.91 6.51 5.90
CA PHE A 108 -1.41 5.82 4.73
C PHE A 108 -0.72 6.80 3.77
N ALA A 109 -1.13 8.05 3.85
CA ALA A 109 -0.55 9.08 3.01
C ALA A 109 0.68 9.67 3.70
N ALA A 110 0.84 9.32 4.97
CA ALA A 110 1.97 9.80 5.74
C ALA A 110 3.21 8.99 5.39
N MET A 111 3.07 7.67 5.50
CA MET A 111 4.17 6.77 5.20
C MET A 111 4.78 7.09 3.84
N ILE A 112 4.01 7.80 3.03
CA ILE A 112 4.46 8.17 1.70
C ILE A 112 4.79 9.67 1.68
N LYS A 113 3.98 10.43 2.40
CA LYS A 113 4.17 11.87 2.48
C LYS A 113 5.44 12.16 3.28
N GLY A 114 5.94 11.13 3.95
CA GLY A 114 7.14 11.27 4.75
C GLY A 114 7.76 9.91 5.03
N SER A 5 -7.27 -5.37 -9.16
CA SER A 5 -7.54 -5.47 -10.58
C SER A 5 -7.13 -4.17 -11.27
N MET A 6 -5.84 -3.87 -11.19
CA MET A 6 -5.31 -2.67 -11.82
C MET A 6 -6.20 -1.46 -11.50
N ALA A 7 -6.60 -1.37 -10.24
CA ALA A 7 -7.45 -0.27 -9.82
C ALA A 7 -6.64 1.02 -9.81
N PHE A 8 -5.34 0.87 -9.58
CA PHE A 8 -4.45 2.02 -9.56
C PHE A 8 -4.33 2.66 -10.94
N ALA A 9 -4.90 1.97 -11.92
CA ALA A 9 -4.88 2.47 -13.29
C ALA A 9 -5.31 3.92 -13.31
N SER A 10 -4.73 4.67 -14.24
CA SER A 10 -5.05 6.08 -14.37
C SER A 10 -4.22 6.91 -13.39
N VAL A 11 -3.41 6.20 -12.62
CA VAL A 11 -2.56 6.86 -11.63
C VAL A 11 -1.09 6.70 -12.03
N LEU A 12 -0.67 5.44 -12.10
CA LEU A 12 0.70 5.14 -12.47
C LEU A 12 0.70 4.09 -13.58
N LYS A 13 1.90 3.67 -13.96
CA LYS A 13 2.06 2.69 -15.01
C LYS A 13 1.78 1.29 -14.44
N ASP A 14 0.77 0.64 -15.00
CA ASP A 14 0.40 -0.69 -14.57
C ASP A 14 1.57 -1.64 -14.79
N ALA A 15 2.46 -1.24 -15.68
CA ALA A 15 3.62 -2.05 -16.00
C ALA A 15 4.73 -1.73 -14.99
N GLU A 16 4.58 -0.61 -14.31
CA GLU A 16 5.56 -0.19 -13.32
C GLU A 16 5.23 -0.80 -11.96
N VAL A 17 4.08 -0.40 -11.43
CA VAL A 17 3.65 -0.90 -10.13
C VAL A 17 3.93 -2.40 -10.04
N THR A 18 3.89 -3.04 -11.20
CA THR A 18 4.14 -4.47 -11.27
C THR A 18 5.42 -4.83 -10.52
N ALA A 19 6.48 -4.11 -10.84
CA ALA A 19 7.77 -4.34 -10.20
C ALA A 19 7.64 -4.10 -8.69
N ALA A 20 6.82 -3.10 -8.35
CA ALA A 20 6.59 -2.77 -6.96
C ALA A 20 5.90 -3.93 -6.26
N LEU A 21 5.28 -4.78 -7.07
CA LEU A 21 4.58 -5.94 -6.53
C LEU A 21 5.57 -7.10 -6.38
N ASP A 22 6.28 -7.38 -7.46
CA ASP A 22 7.26 -8.45 -7.46
C ASP A 22 8.48 -8.02 -6.65
N GLY A 23 8.52 -6.73 -6.33
CA GLY A 23 9.62 -6.18 -5.57
C GLY A 23 9.69 -6.80 -4.16
N CYS A 24 8.62 -7.51 -3.82
CA CYS A 24 8.55 -8.15 -2.53
C CYS A 24 8.09 -9.61 -2.73
N LYS A 25 8.29 -10.09 -3.95
CA LYS A 25 7.92 -11.45 -4.29
C LYS A 25 8.33 -12.39 -3.16
N ALA A 26 9.56 -12.21 -2.70
CA ALA A 26 10.09 -13.03 -1.62
C ALA A 26 9.39 -12.65 -0.32
N ALA A 27 8.77 -13.65 0.29
CA ALA A 27 8.06 -13.44 1.55
C ALA A 27 9.09 -13.20 2.67
N GLY A 28 8.96 -12.04 3.29
CA GLY A 28 9.86 -11.66 4.37
C GLY A 28 10.93 -10.68 3.89
N SER A 29 10.71 -10.18 2.68
CA SER A 29 11.65 -9.23 2.10
C SER A 29 10.88 -8.04 1.51
N PHE A 30 9.68 -7.84 2.01
CA PHE A 30 8.83 -6.76 1.55
C PHE A 30 9.27 -5.43 2.17
N ASP A 31 9.26 -4.39 1.34
CA ASP A 31 9.65 -3.06 1.79
C ASP A 31 8.63 -2.04 1.29
N HIS A 32 7.53 -1.94 2.02
CA HIS A 32 6.48 -1.01 1.66
C HIS A 32 7.10 0.30 1.17
N LYS A 33 7.94 0.88 2.02
CA LYS A 33 8.61 2.12 1.69
C LYS A 33 9.19 2.03 0.28
N LYS A 34 9.85 0.92 0.02
CA LYS A 34 10.45 0.68 -1.28
C LYS A 34 9.36 0.67 -2.35
N PHE A 35 8.34 -0.11 -2.09
CA PHE A 35 7.21 -0.22 -3.01
C PHE A 35 6.75 1.16 -3.48
N PHE A 36 6.27 1.94 -2.52
CA PHE A 36 5.79 3.28 -2.81
C PHE A 36 6.88 4.12 -3.45
N LYS A 37 8.08 4.00 -2.88
CA LYS A 37 9.22 4.76 -3.38
C LYS A 37 9.57 4.27 -4.80
N ALA A 38 9.06 3.09 -5.12
CA ALA A 38 9.31 2.50 -6.43
C ALA A 38 8.39 3.16 -7.46
N CYS A 39 7.09 2.98 -7.24
CA CYS A 39 6.10 3.55 -8.14
C CYS A 39 6.19 5.07 -8.06
N GLY A 40 6.85 5.53 -7.01
CA GLY A 40 7.01 6.97 -6.80
C GLY A 40 5.91 7.51 -5.90
N LEU A 41 4.96 6.64 -5.58
CA LEU A 41 3.85 7.02 -4.73
C LEU A 41 4.35 7.94 -3.60
N SER A 42 5.60 7.71 -3.23
CA SER A 42 6.21 8.50 -2.17
C SER A 42 6.39 9.95 -2.63
N GLY A 43 7.23 10.12 -3.63
CA GLY A 43 7.50 11.44 -4.17
C GLY A 43 6.27 11.98 -4.91
N LYS A 44 5.28 11.12 -5.06
CA LYS A 44 4.05 11.50 -5.74
C LYS A 44 3.36 12.61 -4.96
N SER A 45 2.20 13.01 -5.46
CA SER A 45 1.43 14.06 -4.82
C SER A 45 0.43 13.45 -3.84
N THR A 46 0.23 14.16 -2.74
CA THR A 46 -0.69 13.70 -1.72
C THR A 46 -2.12 13.64 -2.27
N ASP A 47 -2.29 14.23 -3.44
CA ASP A 47 -3.59 14.25 -4.08
C ASP A 47 -3.92 12.85 -4.60
N GLU A 48 -3.01 12.33 -5.41
CA GLU A 48 -3.19 11.00 -5.97
C GLU A 48 -3.26 9.95 -4.87
N VAL A 49 -2.48 10.19 -3.82
CA VAL A 49 -2.44 9.28 -2.70
C VAL A 49 -3.87 8.99 -2.22
N LYS A 50 -4.72 10.01 -2.34
CA LYS A 50 -6.10 9.88 -1.93
C LYS A 50 -6.83 8.95 -2.90
N LYS A 51 -6.37 8.98 -4.15
CA LYS A 51 -6.96 8.14 -5.17
C LYS A 51 -6.31 6.76 -5.15
N ALA A 52 -5.12 6.72 -4.56
CA ALA A 52 -4.38 5.47 -4.47
C ALA A 52 -4.87 4.69 -3.25
N PHE A 53 -5.32 5.43 -2.25
CA PHE A 53 -5.83 4.81 -1.04
C PHE A 53 -7.14 4.08 -1.29
N ALA A 54 -7.95 4.66 -2.17
CA ALA A 54 -9.23 4.08 -2.51
C ALA A 54 -9.01 2.77 -3.27
N ILE A 55 -7.77 2.59 -3.72
CA ILE A 55 -7.41 1.38 -4.45
C ILE A 55 -7.44 0.18 -3.51
N ILE A 56 -6.58 0.24 -2.51
CA ILE A 56 -6.50 -0.85 -1.54
C ILE A 56 -7.91 -1.23 -1.09
N ASP A 57 -8.60 -0.24 -0.53
CA ASP A 57 -9.96 -0.46 -0.06
C ASP A 57 -10.71 -1.34 -1.06
N GLN A 58 -10.86 -2.60 -0.68
CA GLN A 58 -11.56 -3.55 -1.54
C GLN A 58 -13.06 -3.54 -1.22
N ASP A 59 -13.38 -3.06 -0.06
CA ASP A 59 -14.80 -2.99 0.36
C ASP A 59 -15.22 -1.53 0.58
N LYS A 60 -14.26 -0.62 0.61
CA LYS A 60 -14.57 0.79 0.82
C LYS A 60 -15.29 0.95 2.16
N SER A 61 -14.64 0.49 3.21
CA SER A 61 -15.21 0.58 4.54
C SER A 61 -14.97 1.98 5.12
N GLY A 62 -13.93 2.61 4.63
CA GLY A 62 -13.58 3.95 5.08
C GLY A 62 -12.13 4.02 5.52
N PHE A 63 -11.65 2.92 6.08
CA PHE A 63 -10.27 2.85 6.54
C PHE A 63 -9.58 1.59 6.01
N ILE A 64 -8.31 1.46 6.35
CA ILE A 64 -7.53 0.32 5.92
C ILE A 64 -7.08 -0.49 7.13
N GLU A 65 -8.00 -1.31 7.63
CA GLU A 65 -7.71 -2.13 8.79
C GLU A 65 -6.35 -2.80 8.65
N GLU A 66 -5.91 -3.42 9.73
CA GLU A 66 -4.63 -4.11 9.74
C GLU A 66 -4.67 -5.32 8.81
N GLU A 67 -5.81 -6.01 8.85
CA GLU A 67 -5.99 -7.19 8.02
C GLU A 67 -5.94 -6.81 6.53
N GLU A 68 -6.15 -5.53 6.28
CA GLU A 68 -6.13 -5.03 4.92
C GLU A 68 -4.72 -4.61 4.52
N LEU A 69 -3.96 -4.19 5.52
CA LEU A 69 -2.59 -3.76 5.29
C LEU A 69 -1.83 -4.87 4.56
N LYS A 70 -1.75 -6.01 5.21
CA LYS A 70 -1.06 -7.15 4.63
C LYS A 70 -1.58 -7.41 3.21
N LEU A 71 -2.78 -6.92 2.96
CA LEU A 71 -3.40 -7.07 1.66
C LEU A 71 -3.08 -5.85 0.79
N PHE A 72 -1.95 -5.23 1.10
CA PHE A 72 -1.51 -4.06 0.36
C PHE A 72 -1.10 -4.42 -1.06
N LEU A 73 -1.08 -5.72 -1.32
CA LEU A 73 -0.71 -6.22 -2.64
C LEU A 73 -1.98 -6.53 -3.44
N GLN A 74 -3.09 -6.65 -2.72
CA GLN A 74 -4.36 -6.95 -3.34
C GLN A 74 -4.99 -5.67 -3.89
N ASN A 75 -4.27 -4.57 -3.72
CA ASN A 75 -4.75 -3.28 -4.18
C ASN A 75 -4.45 -3.13 -5.68
N PHE A 76 -3.20 -3.43 -6.02
CA PHE A 76 -2.76 -3.33 -7.41
C PHE A 76 -3.12 -4.60 -8.19
N LYS A 77 -3.95 -5.42 -7.56
CA LYS A 77 -4.38 -6.66 -8.18
C LYS A 77 -5.37 -7.37 -7.25
N ALA A 78 -6.33 -8.06 -7.86
CA ALA A 78 -7.34 -8.78 -7.11
C ALA A 78 -6.93 -10.26 -7.01
N GLY A 79 -5.94 -10.50 -6.18
CA GLY A 79 -5.45 -11.86 -5.99
C GLY A 79 -4.06 -11.86 -5.36
N ALA A 80 -3.33 -10.78 -5.60
CA ALA A 80 -1.99 -10.64 -5.07
C ALA A 80 -1.96 -11.19 -3.63
N ARG A 81 -0.83 -11.80 -3.30
CA ARG A 81 -0.67 -12.37 -1.97
C ARG A 81 -0.84 -11.28 -0.90
N ALA A 82 -0.58 -11.67 0.34
CA ALA A 82 -0.71 -10.75 1.45
C ALA A 82 0.56 -10.80 2.30
N LEU A 83 1.16 -9.64 2.50
CA LEU A 83 2.37 -9.54 3.30
C LEU A 83 2.26 -10.46 4.51
N SER A 84 3.41 -10.81 5.05
CA SER A 84 3.47 -11.68 6.21
C SER A 84 2.95 -10.94 7.45
N ASP A 85 3.10 -11.59 8.59
CA ASP A 85 2.66 -11.01 9.84
C ASP A 85 3.67 -9.95 10.30
N ALA A 86 4.93 -10.21 9.96
CA ALA A 86 6.00 -9.30 10.33
C ALA A 86 6.05 -8.15 9.32
N GLU A 87 5.83 -8.50 8.05
CA GLU A 87 5.85 -7.52 6.99
C GLU A 87 4.75 -6.47 7.21
N THR A 88 3.57 -6.96 7.52
CA THR A 88 2.43 -6.08 7.76
C THR A 88 2.61 -5.32 9.08
N LYS A 89 3.44 -5.89 9.94
CA LYS A 89 3.72 -5.27 11.22
C LYS A 89 4.43 -3.93 11.01
N ALA A 90 5.57 -4.01 10.35
CA ALA A 90 6.36 -2.82 10.07
C ALA A 90 5.57 -1.90 9.14
N PHE A 91 4.55 -2.47 8.52
CA PHE A 91 3.71 -1.71 7.61
C PHE A 91 2.63 -0.95 8.37
N LEU A 92 2.08 -1.60 9.38
CA LEU A 92 1.05 -0.99 10.20
C LEU A 92 1.60 0.28 10.86
N LYS A 93 2.59 0.08 11.71
CA LYS A 93 3.20 1.20 12.40
C LYS A 93 3.72 2.21 11.38
N ALA A 94 4.29 1.68 10.31
CA ALA A 94 4.83 2.53 9.25
C ALA A 94 3.87 3.69 9.00
N GLY A 95 2.59 3.36 8.89
CA GLY A 95 1.57 4.36 8.65
C GLY A 95 0.86 4.75 9.95
N ASP A 96 0.16 3.78 10.52
CA ASP A 96 -0.56 4.01 11.77
C ASP A 96 0.45 4.27 12.89
N SER A 97 0.72 5.55 13.12
CA SER A 97 1.66 5.94 14.15
C SER A 97 0.89 6.40 15.40
N ASP A 98 -0.40 6.25 15.33
CA ASP A 98 -1.26 6.65 16.50
C ASP A 98 -1.68 5.41 17.28
N GLY A 99 -1.39 4.22 16.77
CA GLY A 99 -1.76 2.99 17.46
C GLY A 99 -3.29 2.86 17.54
N ASP A 100 -3.93 3.01 16.39
CA ASP A 100 -5.37 2.91 16.33
C ASP A 100 -5.76 1.56 15.72
N GLY A 101 -4.77 0.92 15.11
CA GLY A 101 -4.99 -0.39 14.49
C GLY A 101 -5.44 -0.23 13.03
N LYS A 102 -6.06 0.91 12.75
CA LYS A 102 -6.54 1.19 11.41
C LYS A 102 -5.67 2.29 10.78
N ILE A 103 -5.56 2.22 9.46
CA ILE A 103 -4.76 3.20 8.74
C ILE A 103 -5.67 4.01 7.81
N GLY A 104 -5.60 5.32 7.98
CA GLY A 104 -6.41 6.22 7.19
C GLY A 104 -5.61 6.80 6.01
N ILE A 105 -6.14 7.87 5.45
CA ILE A 105 -5.48 8.52 4.33
C ILE A 105 -4.34 9.40 4.84
N ASP A 106 -4.65 10.14 5.91
CA ASP A 106 -3.67 11.03 6.50
C ASP A 106 -2.45 10.22 6.96
N GLU A 107 -2.73 8.99 7.34
CA GLU A 107 -1.67 8.10 7.80
C GLU A 107 -1.04 7.36 6.61
N PHE A 108 -1.91 6.83 5.76
CA PHE A 108 -1.46 6.10 4.59
C PHE A 108 -0.60 6.99 3.70
N ALA A 109 -0.91 8.28 3.72
CA ALA A 109 -0.17 9.24 2.91
C ALA A 109 1.05 9.72 3.68
N ALA A 110 1.14 9.25 4.92
CA ALA A 110 2.26 9.62 5.78
C ALA A 110 3.44 8.69 5.50
N MET A 111 3.18 7.40 5.61
CA MET A 111 4.20 6.40 5.37
C MET A 111 4.89 6.63 4.03
N ILE A 112 4.19 7.34 3.15
CA ILE A 112 4.72 7.64 1.83
C ILE A 112 5.36 9.03 1.84
N LYS A 113 4.65 9.97 2.47
CA LYS A 113 5.13 11.33 2.56
C LYS A 113 6.39 11.37 3.43
N GLY A 114 6.59 10.30 4.17
CA GLY A 114 7.75 10.20 5.05
C GLY A 114 9.02 9.89 4.24
N SER A 5 -6.76 -6.08 -9.11
CA SER A 5 -7.50 -5.02 -9.77
C SER A 5 -6.59 -4.28 -10.76
N MET A 6 -7.20 -3.36 -11.50
CA MET A 6 -6.45 -2.58 -12.47
C MET A 6 -6.73 -1.09 -12.30
N ALA A 7 -7.08 -0.73 -11.08
CA ALA A 7 -7.37 0.67 -10.76
C ALA A 7 -6.10 1.51 -10.98
N PHE A 8 -5.02 1.03 -10.40
CA PHE A 8 -3.74 1.72 -10.53
C PHE A 8 -3.21 1.64 -11.96
N ALA A 9 -3.88 0.84 -12.76
CA ALA A 9 -3.49 0.66 -14.14
C ALA A 9 -3.59 2.00 -14.88
N SER A 10 -4.28 2.93 -14.25
CA SER A 10 -4.45 4.26 -14.81
C SER A 10 -3.59 5.27 -14.05
N VAL A 11 -3.53 5.08 -12.74
CA VAL A 11 -2.76 5.96 -11.89
C VAL A 11 -1.28 5.87 -12.28
N LEU A 12 -0.73 4.68 -12.09
CA LEU A 12 0.66 4.44 -12.41
C LEU A 12 0.76 3.48 -13.59
N LYS A 13 1.98 3.13 -13.94
CA LYS A 13 2.22 2.22 -15.05
C LYS A 13 2.23 0.79 -14.54
N ASP A 14 1.32 -0.01 -15.07
CA ASP A 14 1.21 -1.41 -14.67
C ASP A 14 2.57 -2.07 -14.85
N ALA A 15 3.40 -1.48 -15.69
CA ALA A 15 4.72 -2.01 -15.96
C ALA A 15 5.66 -1.62 -14.80
N GLU A 16 5.43 -0.42 -14.27
CA GLU A 16 6.24 0.08 -13.18
C GLU A 16 5.89 -0.66 -11.88
N VAL A 17 4.66 -0.45 -11.44
CA VAL A 17 4.19 -1.09 -10.22
C VAL A 17 4.55 -2.58 -10.26
N THR A 18 4.47 -3.15 -11.45
CA THR A 18 4.79 -4.56 -11.62
C THR A 18 6.10 -4.90 -10.92
N ALA A 19 7.14 -4.14 -11.27
CA ALA A 19 8.45 -4.35 -10.68
C ALA A 19 8.35 -4.20 -9.16
N ALA A 20 7.39 -3.39 -8.73
CA ALA A 20 7.18 -3.15 -7.32
C ALA A 20 6.48 -4.35 -6.70
N LEU A 21 5.81 -5.12 -7.56
CA LEU A 21 5.10 -6.29 -7.11
C LEU A 21 6.07 -7.47 -6.99
N ASP A 22 6.94 -7.58 -7.99
CA ASP A 22 7.92 -8.64 -8.02
C ASP A 22 9.05 -8.32 -7.02
N GLY A 23 9.09 -7.06 -6.61
CA GLY A 23 10.09 -6.61 -5.67
C GLY A 23 9.72 -7.02 -4.24
N CYS A 24 8.54 -7.60 -4.11
CA CYS A 24 8.06 -8.04 -2.81
C CYS A 24 7.46 -9.43 -2.95
N LYS A 25 7.95 -10.15 -3.97
CA LYS A 25 7.48 -11.49 -4.24
C LYS A 25 8.12 -12.46 -3.25
N ALA A 26 9.18 -11.98 -2.61
CA ALA A 26 9.90 -12.80 -1.64
C ALA A 26 9.37 -12.50 -0.24
N ALA A 27 8.83 -13.54 0.39
CA ALA A 27 8.29 -13.41 1.73
C ALA A 27 9.32 -12.75 2.64
N GLY A 28 8.83 -12.05 3.65
CA GLY A 28 9.70 -11.37 4.59
C GLY A 28 10.76 -10.55 3.86
N SER A 29 10.44 -10.21 2.62
CA SER A 29 11.36 -9.42 1.81
C SER A 29 10.64 -8.20 1.23
N PHE A 30 9.46 -7.94 1.79
CA PHE A 30 8.66 -6.82 1.34
C PHE A 30 8.96 -5.56 2.19
N ASP A 31 8.98 -4.43 1.51
CA ASP A 31 9.24 -3.16 2.17
C ASP A 31 8.25 -2.12 1.69
N HIS A 32 7.18 -1.96 2.44
CA HIS A 32 6.14 -1.00 2.11
C HIS A 32 6.79 0.28 1.58
N LYS A 33 7.56 0.92 2.44
CA LYS A 33 8.24 2.15 2.08
C LYS A 33 8.83 2.00 0.68
N LYS A 34 9.64 0.98 0.51
CA LYS A 34 10.27 0.72 -0.77
C LYS A 34 9.21 0.76 -1.87
N PHE A 35 8.20 -0.08 -1.71
CA PHE A 35 7.13 -0.16 -2.68
C PHE A 35 6.72 1.25 -3.15
N PHE A 36 6.23 2.04 -2.21
CA PHE A 36 5.81 3.40 -2.52
C PHE A 36 6.95 4.20 -3.14
N LYS A 37 8.16 3.85 -2.72
CA LYS A 37 9.35 4.52 -3.22
C LYS A 37 9.67 4.03 -4.63
N ALA A 38 9.08 2.88 -4.96
CA ALA A 38 9.29 2.29 -6.27
C ALA A 38 8.37 2.95 -7.29
N CYS A 39 7.07 2.81 -7.04
CA CYS A 39 6.07 3.39 -7.92
C CYS A 39 6.21 4.91 -7.88
N GLY A 40 6.84 5.38 -6.82
CA GLY A 40 7.05 6.80 -6.64
C GLY A 40 5.98 7.42 -5.74
N LEU A 41 5.14 6.54 -5.20
CA LEU A 41 4.05 6.97 -4.33
C LEU A 41 4.65 7.65 -3.09
N SER A 42 5.93 7.40 -2.88
CA SER A 42 6.62 7.98 -1.74
C SER A 42 6.85 9.47 -1.97
N GLY A 43 6.58 9.90 -3.19
CA GLY A 43 6.74 11.30 -3.54
C GLY A 43 5.57 11.79 -4.40
N LYS A 44 4.55 10.95 -4.48
CA LYS A 44 3.37 11.29 -5.25
C LYS A 44 2.65 12.47 -4.59
N SER A 45 1.62 12.94 -5.27
CA SER A 45 0.84 14.05 -4.77
C SER A 45 -0.14 13.57 -3.69
N THR A 46 -0.28 14.40 -2.65
CA THR A 46 -1.16 14.07 -1.55
C THR A 46 -2.61 13.99 -2.03
N ASP A 47 -2.82 14.46 -3.25
CA ASP A 47 -4.14 14.45 -3.84
C ASP A 47 -4.42 13.06 -4.43
N GLU A 48 -3.51 12.60 -5.26
CA GLU A 48 -3.64 11.31 -5.89
C GLU A 48 -3.56 10.20 -4.84
N VAL A 49 -2.67 10.39 -3.87
CA VAL A 49 -2.49 9.42 -2.81
C VAL A 49 -3.86 9.02 -2.25
N LYS A 50 -4.68 10.03 -1.99
CA LYS A 50 -6.02 9.79 -1.47
C LYS A 50 -6.79 8.90 -2.44
N LYS A 51 -6.47 9.06 -3.71
CA LYS A 51 -7.13 8.27 -4.75
C LYS A 51 -6.49 6.89 -4.82
N ALA A 52 -5.25 6.81 -4.33
CA ALA A 52 -4.52 5.57 -4.34
C ALA A 52 -5.02 4.68 -3.18
N PHE A 53 -5.26 5.33 -2.05
CA PHE A 53 -5.74 4.62 -0.88
C PHE A 53 -7.10 3.99 -1.13
N ALA A 54 -7.79 4.52 -2.13
CA ALA A 54 -9.11 4.02 -2.49
C ALA A 54 -8.96 2.84 -3.46
N ILE A 55 -7.72 2.58 -3.82
CA ILE A 55 -7.43 1.48 -4.74
C ILE A 55 -7.44 0.16 -3.96
N ILE A 56 -6.61 0.11 -2.92
CA ILE A 56 -6.52 -1.08 -2.10
C ILE A 56 -7.88 -1.37 -1.46
N ASP A 57 -8.39 -0.37 -0.75
CA ASP A 57 -9.67 -0.50 -0.09
C ASP A 57 -10.64 -1.23 -1.02
N GLN A 58 -10.86 -2.50 -0.71
CA GLN A 58 -11.77 -3.32 -1.50
C GLN A 58 -13.16 -3.34 -0.87
N ASP A 59 -13.20 -3.02 0.40
CA ASP A 59 -14.50 -3.01 1.13
C ASP A 59 -14.83 -1.58 1.56
N LYS A 60 -13.94 -0.63 1.30
CA LYS A 60 -14.18 0.75 1.68
C LYS A 60 -14.65 0.80 3.14
N SER A 61 -13.97 0.02 3.96
CA SER A 61 -14.30 -0.03 5.38
C SER A 61 -14.06 1.33 6.03
N GLY A 62 -13.37 2.19 5.28
CA GLY A 62 -13.06 3.52 5.77
C GLY A 62 -11.57 3.67 6.08
N PHE A 63 -10.95 2.53 6.40
CA PHE A 63 -9.54 2.52 6.71
C PHE A 63 -8.88 1.23 6.20
N ILE A 64 -7.57 1.15 6.44
CA ILE A 64 -6.82 -0.02 6.01
C ILE A 64 -6.26 -0.73 7.24
N GLU A 65 -7.09 -1.59 7.82
CA GLU A 65 -6.68 -2.34 8.99
C GLU A 65 -5.55 -3.32 8.64
N GLU A 66 -5.05 -3.99 9.67
CA GLU A 66 -3.98 -4.96 9.48
C GLU A 66 -4.38 -6.00 8.43
N GLU A 67 -5.53 -6.62 8.66
CA GLU A 67 -6.03 -7.63 7.76
C GLU A 67 -6.06 -7.09 6.32
N GLU A 68 -6.10 -5.77 6.22
CA GLU A 68 -6.13 -5.12 4.92
C GLU A 68 -4.72 -4.69 4.50
N LEU A 69 -3.89 -4.47 5.51
CA LEU A 69 -2.52 -4.07 5.27
C LEU A 69 -1.81 -5.13 4.42
N LYS A 70 -1.91 -6.36 4.88
CA LYS A 70 -1.30 -7.48 4.17
C LYS A 70 -1.85 -7.54 2.74
N LEU A 71 -2.98 -6.87 2.54
CA LEU A 71 -3.62 -6.84 1.24
C LEU A 71 -3.13 -5.61 0.47
N PHE A 72 -1.93 -5.18 0.80
CA PHE A 72 -1.34 -4.01 0.15
C PHE A 72 -0.82 -4.37 -1.24
N LEU A 73 -1.03 -5.63 -1.61
CA LEU A 73 -0.59 -6.11 -2.91
C LEU A 73 -1.81 -6.56 -3.73
N GLN A 74 -2.95 -6.58 -3.06
CA GLN A 74 -4.19 -6.98 -3.70
C GLN A 74 -4.87 -5.77 -4.34
N ASN A 75 -4.21 -4.62 -4.23
CA ASN A 75 -4.74 -3.40 -4.79
C ASN A 75 -4.31 -3.28 -6.25
N PHE A 76 -3.05 -3.57 -6.49
CA PHE A 76 -2.50 -3.50 -7.83
C PHE A 76 -2.80 -4.79 -8.60
N LYS A 77 -3.63 -5.63 -7.99
CA LYS A 77 -3.99 -6.90 -8.61
C LYS A 77 -4.91 -7.67 -7.67
N ALA A 78 -5.65 -8.60 -8.25
CA ALA A 78 -6.58 -9.41 -7.48
C ALA A 78 -6.05 -10.84 -7.39
N GLY A 79 -4.73 -10.95 -7.40
CA GLY A 79 -4.08 -12.25 -7.31
C GLY A 79 -2.66 -12.13 -6.78
N ALA A 80 -2.44 -11.06 -6.02
CA ALA A 80 -1.14 -10.81 -5.43
C ALA A 80 -1.05 -11.51 -4.07
N ARG A 81 0.17 -11.63 -3.57
CA ARG A 81 0.40 -12.26 -2.29
C ARG A 81 0.17 -11.27 -1.15
N ALA A 82 0.01 -11.81 0.05
CA ALA A 82 -0.21 -10.98 1.22
C ALA A 82 1.05 -10.96 2.08
N LEU A 83 1.27 -9.83 2.74
CA LEU A 83 2.44 -9.67 3.58
C LEU A 83 2.27 -10.54 4.84
N SER A 84 3.40 -10.87 5.45
CA SER A 84 3.40 -11.69 6.65
C SER A 84 2.78 -10.91 7.80
N ASP A 85 2.76 -11.55 8.97
CA ASP A 85 2.21 -10.92 10.15
C ASP A 85 3.15 -9.81 10.63
N ALA A 86 4.41 -9.95 10.26
CA ALA A 86 5.41 -8.97 10.64
C ALA A 86 5.45 -7.85 9.60
N GLU A 87 5.50 -8.27 8.34
CA GLU A 87 5.55 -7.31 7.24
C GLU A 87 4.33 -6.38 7.29
N THR A 88 3.24 -6.92 7.82
CA THR A 88 2.00 -6.16 7.94
C THR A 88 1.98 -5.39 9.25
N LYS A 89 2.87 -5.79 10.16
CA LYS A 89 2.96 -5.14 11.46
C LYS A 89 3.69 -3.81 11.32
N ALA A 90 4.97 -3.90 10.95
CA ALA A 90 5.79 -2.72 10.77
C ALA A 90 5.02 -1.69 9.93
N PHE A 91 4.37 -2.20 8.90
CA PHE A 91 3.59 -1.34 8.02
C PHE A 91 2.51 -0.59 8.79
N LEU A 92 1.97 -1.26 9.80
CA LEU A 92 0.93 -0.66 10.63
C LEU A 92 1.53 0.49 11.44
N LYS A 93 2.48 0.13 12.29
CA LYS A 93 3.14 1.13 13.13
C LYS A 93 3.89 2.12 12.25
N ALA A 94 4.15 1.69 11.01
CA ALA A 94 4.85 2.54 10.07
C ALA A 94 4.01 3.78 9.76
N GLY A 95 2.89 3.54 9.11
CA GLY A 95 1.99 4.63 8.75
C GLY A 95 1.12 5.04 9.95
N ASP A 96 0.53 4.03 10.58
CA ASP A 96 -0.32 4.27 11.72
C ASP A 96 0.53 4.80 12.88
N SER A 97 0.72 6.12 12.88
CA SER A 97 1.51 6.76 13.91
C SER A 97 0.64 7.06 15.13
N ASP A 98 -0.57 6.58 15.06
CA ASP A 98 -1.53 6.80 16.19
C ASP A 98 -2.03 5.45 16.72
N GLY A 99 -1.56 4.36 16.13
CA GLY A 99 -1.98 3.03 16.57
C GLY A 99 -3.46 3.04 16.96
N ASP A 100 -4.31 3.18 15.96
CA ASP A 100 -5.74 3.20 16.18
C ASP A 100 -6.33 1.82 15.86
N GLY A 101 -5.60 1.09 15.04
CA GLY A 101 -6.04 -0.25 14.66
C GLY A 101 -6.06 -0.40 13.14
N LYS A 102 -5.91 0.73 12.46
CA LYS A 102 -5.91 0.74 11.01
C LYS A 102 -5.16 1.98 10.51
N ILE A 103 -4.85 1.97 9.22
CA ILE A 103 -4.14 3.09 8.61
C ILE A 103 -5.11 3.88 7.73
N GLY A 104 -5.16 5.18 7.96
CA GLY A 104 -6.03 6.05 7.20
C GLY A 104 -5.28 6.69 6.03
N ILE A 105 -5.89 7.72 5.46
CA ILE A 105 -5.29 8.42 4.33
C ILE A 105 -4.25 9.40 4.85
N ASP A 106 -4.63 10.11 5.91
CA ASP A 106 -3.74 11.09 6.50
C ASP A 106 -2.44 10.40 6.94
N GLU A 107 -2.55 9.10 7.18
CA GLU A 107 -1.40 8.32 7.61
C GLU A 107 -0.70 7.70 6.40
N PHE A 108 -1.50 7.07 5.56
CA PHE A 108 -0.98 6.44 4.36
C PHE A 108 -0.23 7.45 3.49
N ALA A 109 -0.68 8.69 3.56
CA ALA A 109 -0.07 9.75 2.78
C ALA A 109 1.13 10.32 3.56
N ALA A 110 1.20 9.95 4.83
CA ALA A 110 2.27 10.41 5.68
C ALA A 110 3.48 9.49 5.50
N MET A 111 3.23 8.20 5.62
CA MET A 111 4.29 7.21 5.47
C MET A 111 4.99 7.35 4.12
N ILE A 112 4.21 7.78 3.13
CA ILE A 112 4.74 7.96 1.79
C ILE A 112 5.41 9.33 1.69
N LYS A 113 4.67 10.35 2.05
CA LYS A 113 5.18 11.71 2.01
C LYS A 113 6.48 11.79 2.83
N GLY A 114 6.57 10.90 3.80
CA GLY A 114 7.75 10.86 4.67
C GLY A 114 7.42 10.18 6.00
N SER A 5 -9.45 -5.95 -13.94
CA SER A 5 -9.37 -6.12 -12.49
C SER A 5 -8.13 -5.40 -11.96
N MET A 6 -7.96 -4.17 -12.40
CA MET A 6 -6.82 -3.36 -11.98
C MET A 6 -7.23 -1.90 -11.75
N ALA A 7 -7.14 -1.47 -10.51
CA ALA A 7 -7.50 -0.10 -10.16
C ALA A 7 -6.33 0.82 -10.49
N PHE A 8 -5.21 0.58 -9.83
CA PHE A 8 -4.03 1.38 -10.05
C PHE A 8 -3.65 1.43 -11.53
N ALA A 9 -4.18 0.46 -12.27
CA ALA A 9 -3.92 0.37 -13.70
C ALA A 9 -4.22 1.73 -14.34
N SER A 10 -5.05 2.50 -13.67
CA SER A 10 -5.42 3.82 -14.17
C SER A 10 -4.69 4.90 -13.39
N VAL A 11 -4.55 4.66 -12.09
CA VAL A 11 -3.87 5.61 -11.23
C VAL A 11 -2.40 5.71 -11.64
N LEU A 12 -1.71 4.58 -11.51
CA LEU A 12 -0.30 4.52 -11.87
C LEU A 12 -0.12 3.58 -13.06
N LYS A 13 1.13 3.49 -13.52
CA LYS A 13 1.45 2.64 -14.64
C LYS A 13 1.54 1.19 -14.16
N ASP A 14 0.65 0.37 -14.69
CA ASP A 14 0.62 -1.04 -14.33
C ASP A 14 1.95 -1.69 -14.71
N ALA A 15 2.69 -0.99 -15.55
CA ALA A 15 3.98 -1.48 -16.01
C ALA A 15 5.05 -1.15 -14.96
N GLU A 16 4.77 -0.09 -14.20
CA GLU A 16 5.70 0.34 -13.17
C GLU A 16 5.42 -0.41 -11.85
N VAL A 17 4.24 -0.13 -11.30
CA VAL A 17 3.85 -0.76 -10.06
C VAL A 17 4.14 -2.26 -10.13
N THR A 18 3.94 -2.81 -11.33
CA THR A 18 4.18 -4.22 -11.54
C THR A 18 5.58 -4.60 -11.08
N ALA A 19 6.56 -3.95 -11.67
CA ALA A 19 7.95 -4.21 -11.33
C ALA A 19 8.17 -3.96 -9.83
N ALA A 20 7.37 -3.03 -9.31
CA ALA A 20 7.45 -2.69 -7.90
C ALA A 20 6.73 -3.75 -7.06
N LEU A 21 5.89 -4.51 -7.75
CA LEU A 21 5.14 -5.57 -7.09
C LEU A 21 6.02 -6.81 -6.95
N ASP A 22 6.84 -7.03 -7.97
CA ASP A 22 7.74 -8.18 -7.97
C ASP A 22 8.93 -7.89 -7.05
N GLY A 23 9.09 -6.61 -6.72
CA GLY A 23 10.17 -6.19 -5.86
C GLY A 23 9.94 -6.66 -4.42
N CYS A 24 8.76 -7.20 -4.20
CA CYS A 24 8.40 -7.68 -2.87
C CYS A 24 7.71 -9.05 -3.02
N LYS A 25 8.11 -9.75 -4.07
CA LYS A 25 7.55 -11.07 -4.34
C LYS A 25 7.91 -12.02 -3.19
N ALA A 26 9.18 -11.99 -2.81
CA ALA A 26 9.67 -12.83 -1.75
C ALA A 26 9.11 -12.32 -0.41
N ALA A 27 8.67 -13.28 0.40
CA ALA A 27 8.11 -12.94 1.71
C ALA A 27 9.23 -12.43 2.62
N GLY A 28 8.82 -11.69 3.64
CA GLY A 28 9.77 -11.12 4.58
C GLY A 28 10.86 -10.32 3.86
N SER A 29 10.53 -9.90 2.65
CA SER A 29 11.47 -9.13 1.84
C SER A 29 10.77 -7.91 1.25
N PHE A 30 9.58 -7.63 1.78
CA PHE A 30 8.80 -6.49 1.32
C PHE A 30 9.10 -5.25 2.16
N ASP A 31 9.25 -4.13 1.46
CA ASP A 31 9.54 -2.88 2.11
C ASP A 31 8.65 -1.77 1.53
N HIS A 32 7.51 -1.58 2.18
CA HIS A 32 6.56 -0.57 1.74
C HIS A 32 7.31 0.67 1.28
N LYS A 33 8.05 1.26 2.22
CA LYS A 33 8.82 2.45 1.92
C LYS A 33 9.46 2.32 0.54
N LYS A 34 10.03 1.15 0.29
CA LYS A 34 10.68 0.88 -0.98
C LYS A 34 9.62 0.85 -2.09
N PHE A 35 8.66 -0.04 -1.93
CA PHE A 35 7.58 -0.17 -2.91
C PHE A 35 7.15 1.20 -3.43
N PHE A 36 6.68 2.03 -2.51
CA PHE A 36 6.24 3.36 -2.86
C PHE A 36 7.28 4.10 -3.71
N LYS A 37 8.53 3.89 -3.34
CA LYS A 37 9.63 4.52 -4.05
C LYS A 37 9.86 3.77 -5.38
N ALA A 38 9.43 2.52 -5.40
CA ALA A 38 9.58 1.70 -6.58
C ALA A 38 8.47 2.03 -7.57
N CYS A 39 7.34 2.47 -7.03
CA CYS A 39 6.19 2.81 -7.86
C CYS A 39 6.22 4.33 -8.10
N GLY A 40 6.89 5.03 -7.19
CA GLY A 40 7.00 6.47 -7.29
C GLY A 40 5.99 7.16 -6.39
N LEU A 41 5.03 6.39 -5.92
CA LEU A 41 4.00 6.91 -5.04
C LEU A 41 4.64 7.82 -3.99
N SER A 42 5.90 7.53 -3.69
CA SER A 42 6.63 8.31 -2.71
C SER A 42 6.80 9.75 -3.21
N GLY A 43 7.18 9.87 -4.47
CA GLY A 43 7.36 11.18 -5.08
C GLY A 43 6.09 11.66 -5.75
N LYS A 44 5.01 10.92 -5.53
CA LYS A 44 3.73 11.27 -6.10
C LYS A 44 3.10 12.41 -5.30
N SER A 45 1.91 12.81 -5.73
CA SER A 45 1.19 13.89 -5.07
C SER A 45 0.18 13.31 -4.08
N THR A 46 0.11 13.93 -2.91
CA THR A 46 -0.81 13.50 -1.88
C THR A 46 -2.22 13.33 -2.46
N ASP A 47 -2.48 14.07 -3.52
CA ASP A 47 -3.78 14.02 -4.18
C ASP A 47 -4.07 12.58 -4.60
N GLU A 48 -3.23 12.08 -5.50
CA GLU A 48 -3.39 10.71 -5.99
C GLU A 48 -3.25 9.72 -4.84
N VAL A 49 -2.34 10.03 -3.94
CA VAL A 49 -2.09 9.18 -2.79
C VAL A 49 -3.44 8.74 -2.19
N LYS A 50 -4.34 9.71 -2.08
CA LYS A 50 -5.66 9.44 -1.52
C LYS A 50 -6.44 8.56 -2.49
N LYS A 51 -6.24 8.82 -3.77
CA LYS A 51 -6.92 8.06 -4.81
C LYS A 51 -6.33 6.65 -4.88
N ALA A 52 -5.12 6.53 -4.34
CA ALA A 52 -4.43 5.25 -4.33
C ALA A 52 -4.87 4.44 -3.11
N PHE A 53 -5.12 5.17 -2.03
CA PHE A 53 -5.56 4.54 -0.79
C PHE A 53 -6.91 3.85 -0.97
N ALA A 54 -7.63 4.28 -1.99
CA ALA A 54 -8.94 3.71 -2.28
C ALA A 54 -8.76 2.47 -3.15
N ILE A 55 -7.54 2.27 -3.60
CA ILE A 55 -7.22 1.12 -4.45
C ILE A 55 -7.19 -0.14 -3.59
N ILE A 56 -6.43 -0.07 -2.51
CA ILE A 56 -6.30 -1.20 -1.61
C ILE A 56 -7.66 -1.48 -0.95
N ASP A 57 -8.11 -0.51 -0.18
CA ASP A 57 -9.39 -0.63 0.50
C ASP A 57 -10.53 -0.64 -0.52
N GLN A 58 -10.90 -1.84 -0.93
CA GLN A 58 -11.96 -2.01 -1.91
C GLN A 58 -13.32 -1.95 -1.22
N ASP A 59 -13.32 -2.26 0.04
CA ASP A 59 -14.59 -2.23 0.82
C ASP A 59 -15.04 -0.78 1.04
N LYS A 60 -14.10 0.11 1.30
CA LYS A 60 -14.45 1.51 1.52
C LYS A 60 -15.11 1.66 2.90
N SER A 61 -14.43 1.14 3.91
CA SER A 61 -14.93 1.20 5.26
C SER A 61 -14.62 2.57 5.87
N GLY A 62 -13.52 3.15 5.43
CA GLY A 62 -13.10 4.45 5.91
C GLY A 62 -11.61 4.45 6.26
N PHE A 63 -11.15 3.32 6.77
CA PHE A 63 -9.76 3.18 7.15
C PHE A 63 -9.20 1.83 6.69
N ILE A 64 -7.95 1.87 6.25
CA ILE A 64 -7.28 0.65 5.79
C ILE A 64 -6.97 -0.24 6.99
N GLU A 65 -7.98 -0.97 7.43
CA GLU A 65 -7.82 -1.87 8.56
C GLU A 65 -6.64 -2.80 8.33
N GLU A 66 -6.05 -3.25 9.43
CA GLU A 66 -4.90 -4.14 9.37
C GLU A 66 -5.14 -5.23 8.33
N GLU A 67 -6.42 -5.52 8.10
CA GLU A 67 -6.80 -6.54 7.14
C GLU A 67 -6.32 -6.15 5.74
N GLU A 68 -6.69 -4.94 5.34
CA GLU A 68 -6.32 -4.43 4.03
C GLU A 68 -4.81 -4.17 3.98
N LEU A 69 -4.26 -3.90 5.15
CA LEU A 69 -2.83 -3.62 5.25
C LEU A 69 -2.04 -4.79 4.66
N LYS A 70 -2.35 -5.98 5.15
CA LYS A 70 -1.69 -7.19 4.68
C LYS A 70 -2.03 -7.41 3.21
N LEU A 71 -3.03 -6.67 2.75
CA LEU A 71 -3.47 -6.78 1.37
C LEU A 71 -2.91 -5.60 0.56
N PHE A 72 -1.78 -5.10 1.03
CA PHE A 72 -1.12 -3.98 0.36
C PHE A 72 -0.59 -4.39 -1.01
N LEU A 73 -0.66 -5.68 -1.28
CA LEU A 73 -0.20 -6.22 -2.55
C LEU A 73 -1.41 -6.55 -3.42
N GLN A 74 -2.51 -6.85 -2.77
CA GLN A 74 -3.74 -7.20 -3.48
C GLN A 74 -4.42 -5.94 -4.00
N ASN A 75 -3.77 -4.80 -3.76
CA ASN A 75 -4.31 -3.53 -4.20
C ASN A 75 -4.00 -3.35 -5.69
N PHE A 76 -2.75 -3.58 -6.05
CA PHE A 76 -2.33 -3.44 -7.42
C PHE A 76 -2.58 -4.74 -8.20
N LYS A 77 -3.39 -5.60 -7.61
CA LYS A 77 -3.72 -6.87 -8.24
C LYS A 77 -4.72 -7.62 -7.36
N ALA A 78 -5.70 -8.23 -8.02
CA ALA A 78 -6.72 -8.99 -7.31
C ALA A 78 -6.28 -10.45 -7.20
N GLY A 79 -5.31 -10.68 -6.34
CA GLY A 79 -4.79 -12.02 -6.13
C GLY A 79 -3.39 -11.98 -5.51
N ALA A 80 -2.70 -10.88 -5.75
CA ALA A 80 -1.36 -10.71 -5.22
C ALA A 80 -1.31 -11.25 -3.79
N ARG A 81 -0.18 -11.85 -3.47
CA ARG A 81 0.01 -12.41 -2.13
C ARG A 81 -0.19 -11.33 -1.06
N ALA A 82 -0.30 -11.78 0.17
CA ALA A 82 -0.50 -10.88 1.29
C ALA A 82 0.73 -10.91 2.20
N LEU A 83 1.20 -9.72 2.56
CA LEU A 83 2.36 -9.60 3.41
C LEU A 83 2.25 -10.60 4.56
N SER A 84 3.37 -10.80 5.24
CA SER A 84 3.40 -11.73 6.35
C SER A 84 2.76 -11.09 7.59
N ASP A 85 2.87 -11.79 8.71
CA ASP A 85 2.30 -11.32 9.95
C ASP A 85 3.17 -10.19 10.51
N ALA A 86 4.44 -10.22 10.11
CA ALA A 86 5.38 -9.21 10.55
C ALA A 86 5.33 -8.02 9.60
N GLU A 87 5.57 -8.31 8.32
CA GLU A 87 5.55 -7.27 7.31
C GLU A 87 4.35 -6.34 7.52
N THR A 88 3.19 -6.95 7.69
CA THR A 88 1.97 -6.19 7.90
C THR A 88 2.08 -5.34 9.17
N LYS A 89 2.78 -5.88 10.14
CA LYS A 89 2.97 -5.19 11.41
C LYS A 89 3.85 -3.95 11.17
N ALA A 90 4.88 -4.14 10.37
CA ALA A 90 5.80 -3.06 10.06
C ALA A 90 5.06 -1.97 9.27
N PHE A 91 4.34 -2.42 8.25
CA PHE A 91 3.59 -1.49 7.40
C PHE A 91 2.40 -0.92 8.17
N LEU A 92 2.11 -1.53 9.31
CA LEU A 92 1.01 -1.09 10.14
C LEU A 92 1.46 0.09 11.01
N LYS A 93 2.48 -0.18 11.81
CA LYS A 93 3.02 0.83 12.70
C LYS A 93 3.71 1.92 11.87
N ALA A 94 4.24 1.50 10.73
CA ALA A 94 4.91 2.42 9.84
C ALA A 94 4.05 3.66 9.63
N GLY A 95 2.91 3.42 8.98
CA GLY A 95 1.97 4.50 8.70
C GLY A 95 1.14 4.84 9.95
N ASP A 96 0.57 3.81 10.54
CA ASP A 96 -0.24 3.98 11.73
C ASP A 96 0.65 4.38 12.91
N SER A 97 0.43 5.59 13.39
CA SER A 97 1.21 6.11 14.50
C SER A 97 0.40 5.97 15.80
N ASP A 98 -0.86 5.70 15.65
CA ASP A 98 -1.74 5.53 16.83
C ASP A 98 -1.95 4.05 17.13
N GLY A 99 -1.55 3.17 16.23
CA GLY A 99 -1.72 1.74 16.43
C GLY A 99 -3.10 1.43 17.00
N ASP A 100 -4.10 1.63 16.15
CA ASP A 100 -5.47 1.36 16.55
C ASP A 100 -5.99 0.11 15.83
N GLY A 101 -5.32 -0.22 14.73
CA GLY A 101 -5.69 -1.38 13.95
C GLY A 101 -6.14 -0.98 12.54
N LYS A 102 -6.03 0.32 12.27
CA LYS A 102 -6.42 0.83 10.97
C LYS A 102 -5.49 1.99 10.59
N ILE A 103 -5.33 2.17 9.29
CA ILE A 103 -4.48 3.23 8.78
C ILE A 103 -5.31 4.19 7.92
N GLY A 104 -5.34 5.44 8.35
CA GLY A 104 -6.09 6.45 7.63
C GLY A 104 -5.30 6.97 6.42
N ILE A 105 -5.86 7.97 5.78
CA ILE A 105 -5.23 8.56 4.61
C ILE A 105 -4.08 9.48 5.05
N ASP A 106 -4.33 10.16 6.16
CA ASP A 106 -3.33 11.08 6.71
C ASP A 106 -2.17 10.26 7.29
N GLU A 107 -2.41 8.98 7.47
CA GLU A 107 -1.40 8.09 8.01
C GLU A 107 -0.76 7.26 6.88
N PHE A 108 -1.59 6.90 5.92
CA PHE A 108 -1.13 6.11 4.79
C PHE A 108 -0.43 7.00 3.75
N ALA A 109 -0.80 8.27 3.76
CA ALA A 109 -0.22 9.22 2.84
C ALA A 109 1.05 9.82 3.45
N ALA A 110 1.21 9.57 4.74
CA ALA A 110 2.37 10.07 5.46
C ALA A 110 3.58 9.18 5.15
N MET A 111 3.40 7.89 5.38
CA MET A 111 4.46 6.93 5.14
C MET A 111 5.07 7.13 3.75
N ILE A 112 4.31 7.79 2.89
CA ILE A 112 4.77 8.05 1.53
C ILE A 112 5.16 9.52 1.41
N LYS A 113 4.35 10.37 2.04
CA LYS A 113 4.60 11.80 2.02
C LYS A 113 5.90 12.11 2.77
N GLY A 114 6.35 11.12 3.52
CA GLY A 114 7.57 11.27 4.30
C GLY A 114 8.74 10.53 3.64
N SER A 5 -8.69 -3.21 -6.57
CA SER A 5 -8.64 -4.13 -7.70
C SER A 5 -7.95 -3.47 -8.89
N MET A 6 -6.65 -3.71 -8.98
CA MET A 6 -5.87 -3.15 -10.06
C MET A 6 -6.30 -1.72 -10.38
N ALA A 7 -6.77 -1.04 -9.34
CA ALA A 7 -7.22 0.34 -9.50
C ALA A 7 -6.05 1.21 -9.93
N PHE A 8 -4.85 0.66 -9.77
CA PHE A 8 -3.64 1.38 -10.14
C PHE A 8 -3.45 1.37 -11.65
N ALA A 9 -4.32 0.65 -12.34
CA ALA A 9 -4.24 0.54 -13.79
C ALA A 9 -4.40 1.93 -14.40
N SER A 10 -4.88 2.86 -13.58
CA SER A 10 -5.08 4.22 -14.02
C SER A 10 -4.15 5.17 -13.27
N VAL A 11 -3.97 4.87 -11.99
CA VAL A 11 -3.10 5.67 -11.15
C VAL A 11 -1.67 5.60 -11.67
N LEU A 12 -1.12 4.38 -11.63
CA LEU A 12 0.24 4.16 -12.10
C LEU A 12 0.21 3.20 -13.29
N LYS A 13 1.41 2.87 -13.77
CA LYS A 13 1.53 1.97 -14.90
C LYS A 13 1.56 0.53 -14.40
N ASP A 14 0.62 -0.26 -14.89
CA ASP A 14 0.53 -1.66 -14.51
C ASP A 14 1.85 -2.36 -14.83
N ALA A 15 2.63 -1.72 -15.69
CA ALA A 15 3.92 -2.26 -16.08
C ALA A 15 4.98 -1.89 -15.05
N GLU A 16 4.76 -0.72 -14.44
CA GLU A 16 5.69 -0.24 -13.43
C GLU A 16 5.40 -0.88 -12.08
N VAL A 17 4.22 -0.58 -11.54
CA VAL A 17 3.82 -1.13 -10.26
C VAL A 17 4.14 -2.62 -10.23
N THR A 18 3.93 -3.26 -11.36
CA THR A 18 4.20 -4.70 -11.48
C THR A 18 5.61 -5.01 -10.97
N ALA A 19 6.57 -4.27 -11.48
CA ALA A 19 7.95 -4.46 -11.07
C ALA A 19 8.08 -4.26 -9.56
N ALA A 20 7.19 -3.42 -9.03
CA ALA A 20 7.19 -3.14 -7.62
C ALA A 20 6.59 -4.32 -6.86
N LEU A 21 5.83 -5.13 -7.59
CA LEU A 21 5.20 -6.29 -7.00
C LEU A 21 6.19 -7.46 -6.98
N ASP A 22 6.76 -7.74 -8.15
CA ASP A 22 7.72 -8.82 -8.27
C ASP A 22 8.96 -8.49 -7.43
N GLY A 23 9.06 -7.22 -7.05
CA GLY A 23 10.18 -6.77 -6.25
C GLY A 23 9.93 -7.02 -4.77
N CYS A 24 8.73 -7.51 -4.47
CA CYS A 24 8.35 -7.80 -3.10
C CYS A 24 7.64 -9.15 -3.08
N LYS A 25 7.96 -9.98 -4.07
CA LYS A 25 7.37 -11.30 -4.16
C LYS A 25 8.04 -12.23 -3.16
N ALA A 26 9.18 -11.79 -2.66
CA ALA A 26 9.93 -12.58 -1.69
C ALA A 26 9.34 -12.36 -0.30
N ALA A 27 8.70 -13.41 0.20
CA ALA A 27 8.07 -13.36 1.52
C ALA A 27 9.06 -12.73 2.51
N GLY A 28 8.53 -11.90 3.39
CA GLY A 28 9.34 -11.24 4.40
C GLY A 28 10.43 -10.40 3.74
N SER A 29 10.22 -10.10 2.46
CA SER A 29 11.18 -9.30 1.72
C SER A 29 10.49 -8.07 1.13
N PHE A 30 9.26 -7.84 1.59
CA PHE A 30 8.48 -6.71 1.11
C PHE A 30 8.76 -5.46 1.95
N ASP A 31 8.75 -4.32 1.29
CA ASP A 31 9.00 -3.05 1.95
C ASP A 31 7.92 -2.05 1.55
N HIS A 32 7.67 -1.11 2.45
CA HIS A 32 6.66 -0.09 2.20
C HIS A 32 7.28 1.06 1.39
N LYS A 33 8.27 1.69 1.99
CA LYS A 33 8.94 2.81 1.34
C LYS A 33 9.40 2.37 -0.05
N LYS A 34 9.99 1.17 -0.10
CA LYS A 34 10.48 0.63 -1.36
C LYS A 34 9.39 0.79 -2.43
N PHE A 35 8.30 0.07 -2.23
CA PHE A 35 7.19 0.12 -3.16
C PHE A 35 6.91 1.56 -3.62
N PHE A 36 6.55 2.38 -2.64
CA PHE A 36 6.25 3.77 -2.91
C PHE A 36 7.45 4.47 -3.57
N LYS A 37 8.63 3.91 -3.33
CA LYS A 37 9.85 4.46 -3.88
C LYS A 37 10.08 3.89 -5.28
N ALA A 38 9.38 2.79 -5.55
CA ALA A 38 9.50 2.14 -6.84
C ALA A 38 8.54 2.82 -7.84
N CYS A 39 7.27 2.80 -7.49
CA CYS A 39 6.26 3.41 -8.33
C CYS A 39 6.50 4.92 -8.37
N GLY A 40 7.11 5.42 -7.30
CA GLY A 40 7.40 6.84 -7.21
C GLY A 40 6.33 7.57 -6.39
N LEU A 41 5.54 6.78 -5.67
CA LEU A 41 4.48 7.34 -4.85
C LEU A 41 5.09 8.25 -3.79
N SER A 42 6.17 7.78 -3.19
CA SER A 42 6.86 8.55 -2.16
C SER A 42 7.26 9.91 -2.71
N GLY A 43 6.64 10.95 -2.15
CA GLY A 43 6.92 12.31 -2.57
C GLY A 43 5.83 12.83 -3.51
N LYS A 44 4.81 12.01 -3.68
CA LYS A 44 3.69 12.37 -4.54
C LYS A 44 2.86 13.45 -3.86
N SER A 45 1.72 13.75 -4.46
CA SER A 45 0.82 14.76 -3.93
C SER A 45 -0.29 14.09 -3.10
N THR A 46 -0.61 14.72 -1.98
CA THR A 46 -1.63 14.20 -1.10
C THR A 46 -2.93 13.94 -1.89
N ASP A 47 -3.03 14.61 -3.03
CA ASP A 47 -4.20 14.47 -3.88
C ASP A 47 -4.26 13.04 -4.42
N GLU A 48 -3.26 12.68 -5.20
CA GLU A 48 -3.20 11.35 -5.78
C GLU A 48 -3.08 10.29 -4.67
N VAL A 49 -2.27 10.61 -3.68
CA VAL A 49 -2.06 9.71 -2.57
C VAL A 49 -3.41 9.22 -2.06
N LYS A 50 -4.40 10.09 -2.15
CA LYS A 50 -5.74 9.77 -1.70
C LYS A 50 -6.40 8.84 -2.72
N LYS A 51 -6.09 9.08 -3.99
CA LYS A 51 -6.63 8.28 -5.07
C LYS A 51 -5.94 6.92 -5.10
N ALA A 52 -4.75 6.90 -4.50
CA ALA A 52 -3.96 5.67 -4.46
C ALA A 52 -4.50 4.77 -3.34
N PHE A 53 -5.05 5.41 -2.32
CA PHE A 53 -5.60 4.68 -1.18
C PHE A 53 -6.94 4.04 -1.55
N ALA A 54 -7.59 4.63 -2.53
CA ALA A 54 -8.89 4.13 -2.98
C ALA A 54 -8.66 2.87 -3.82
N ILE A 55 -7.40 2.54 -4.02
CA ILE A 55 -7.05 1.36 -4.79
C ILE A 55 -7.10 0.13 -3.89
N ILE A 56 -6.22 0.13 -2.89
CA ILE A 56 -6.15 -0.98 -1.95
C ILE A 56 -7.54 -1.22 -1.36
N ASP A 57 -8.27 -0.14 -1.19
CA ASP A 57 -9.61 -0.21 -0.63
C ASP A 57 -10.55 -0.85 -1.64
N GLN A 58 -10.83 -2.12 -1.41
CA GLN A 58 -11.72 -2.87 -2.30
C GLN A 58 -13.00 -3.26 -1.56
N ASP A 59 -12.97 -3.10 -0.27
CA ASP A 59 -14.16 -3.44 0.56
C ASP A 59 -14.85 -2.16 1.03
N LYS A 60 -14.42 -1.01 0.54
CA LYS A 60 -15.02 0.25 0.94
C LYS A 60 -15.38 0.19 2.42
N SER A 61 -14.38 -0.16 3.22
CA SER A 61 -14.59 -0.25 4.66
C SER A 61 -14.48 1.13 5.30
N GLY A 62 -13.73 1.99 4.64
CA GLY A 62 -13.53 3.34 5.14
C GLY A 62 -12.12 3.53 5.68
N PHE A 63 -11.38 2.44 5.71
CA PHE A 63 -10.02 2.47 6.21
C PHE A 63 -9.22 1.27 5.71
N ILE A 64 -8.02 1.12 6.25
CA ILE A 64 -7.15 0.02 5.87
C ILE A 64 -6.74 -0.76 7.12
N GLU A 65 -7.68 -1.54 7.63
CA GLU A 65 -7.43 -2.34 8.82
C GLU A 65 -6.18 -3.21 8.62
N GLU A 66 -5.64 -3.66 9.74
CA GLU A 66 -4.46 -4.51 9.70
C GLU A 66 -4.60 -5.58 8.62
N GLU A 67 -5.84 -6.01 8.42
CA GLU A 67 -6.13 -7.03 7.42
C GLU A 67 -5.89 -6.48 6.01
N GLU A 68 -6.31 -5.24 5.82
CA GLU A 68 -6.15 -4.58 4.53
C GLU A 68 -4.68 -4.22 4.30
N LEU A 69 -3.99 -3.97 5.39
CA LEU A 69 -2.58 -3.62 5.32
C LEU A 69 -1.80 -4.74 4.65
N LYS A 70 -2.04 -5.95 5.13
CA LYS A 70 -1.37 -7.13 4.59
C LYS A 70 -1.83 -7.34 3.15
N LEU A 71 -2.87 -6.63 2.78
CA LEU A 71 -3.42 -6.72 1.43
C LEU A 71 -2.85 -5.58 0.59
N PHE A 72 -1.67 -5.12 0.97
CA PHE A 72 -1.02 -4.04 0.25
C PHE A 72 -0.51 -4.51 -1.11
N LEU A 73 -0.67 -5.81 -1.35
CA LEU A 73 -0.24 -6.39 -2.60
C LEU A 73 -1.46 -6.70 -3.47
N GLN A 74 -2.58 -6.90 -2.80
CA GLN A 74 -3.82 -7.21 -3.50
C GLN A 74 -4.43 -5.93 -4.07
N ASN A 75 -3.72 -4.83 -3.88
CA ASN A 75 -4.17 -3.55 -4.38
C ASN A 75 -3.82 -3.42 -5.86
N PHE A 76 -2.57 -3.73 -6.18
CA PHE A 76 -2.09 -3.67 -7.54
C PHE A 76 -2.44 -4.95 -8.30
N LYS A 77 -3.28 -5.77 -7.69
CA LYS A 77 -3.69 -7.02 -8.29
C LYS A 77 -4.75 -7.69 -7.40
N ALA A 78 -5.73 -8.28 -8.06
CA ALA A 78 -6.80 -8.96 -7.35
C ALA A 78 -6.44 -10.43 -7.16
N GLY A 79 -5.15 -10.70 -7.19
CA GLY A 79 -4.66 -12.06 -7.02
C GLY A 79 -3.27 -12.06 -6.39
N ALA A 80 -2.94 -10.95 -5.74
CA ALA A 80 -1.65 -10.83 -5.08
C ALA A 80 -1.67 -11.57 -3.75
N ARG A 81 -0.51 -11.66 -3.13
CA ARG A 81 -0.38 -12.35 -1.86
C ARG A 81 -0.51 -11.35 -0.70
N ALA A 82 -0.42 -11.88 0.50
CA ALA A 82 -0.53 -11.05 1.70
C ALA A 82 0.86 -10.91 2.34
N LEU A 83 1.06 -9.77 3.00
CA LEU A 83 2.33 -9.51 3.66
C LEU A 83 2.43 -10.35 4.92
N SER A 84 3.67 -10.65 5.29
CA SER A 84 3.92 -11.46 6.47
C SER A 84 3.36 -10.76 7.72
N ASP A 85 2.86 -11.56 8.64
CA ASP A 85 2.29 -11.04 9.87
C ASP A 85 3.21 -9.95 10.42
N ALA A 86 4.49 -10.07 10.10
CA ALA A 86 5.47 -9.10 10.54
C ALA A 86 5.51 -7.92 9.58
N GLU A 87 5.48 -8.25 8.29
CA GLU A 87 5.51 -7.23 7.26
C GLU A 87 4.36 -6.23 7.46
N THR A 88 3.17 -6.78 7.67
CA THR A 88 1.99 -5.97 7.87
C THR A 88 2.12 -5.17 9.18
N LYS A 89 3.03 -5.63 10.02
CA LYS A 89 3.25 -4.96 11.30
C LYS A 89 4.16 -3.76 11.09
N ALA A 90 5.18 -3.96 10.26
CA ALA A 90 6.13 -2.90 9.98
C ALA A 90 5.44 -1.82 9.14
N PHE A 91 4.72 -2.27 8.12
CA PHE A 91 4.01 -1.34 7.25
C PHE A 91 2.87 -0.64 8.00
N LEU A 92 2.52 -1.21 9.14
CA LEU A 92 1.46 -0.65 9.96
C LEU A 92 2.02 0.55 10.74
N LYS A 93 2.97 0.24 11.62
CA LYS A 93 3.59 1.27 12.44
C LYS A 93 4.27 2.31 11.53
N ALA A 94 4.54 1.87 10.30
CA ALA A 94 5.18 2.74 9.33
C ALA A 94 4.23 3.88 8.95
N GLY A 95 2.95 3.58 9.03
CA GLY A 95 1.93 4.56 8.71
C GLY A 95 1.14 4.97 9.95
N ASP A 96 0.31 4.05 10.43
CA ASP A 96 -0.49 4.30 11.61
C ASP A 96 0.39 4.91 12.70
N SER A 97 -0.01 6.09 13.14
CA SER A 97 0.73 6.80 14.17
C SER A 97 0.03 6.61 15.53
N ASP A 98 -1.17 6.11 15.47
CA ASP A 98 -1.95 5.89 16.71
C ASP A 98 -1.91 4.40 17.09
N GLY A 99 -1.47 3.55 16.17
CA GLY A 99 -1.40 2.13 16.45
C GLY A 99 -2.75 1.60 16.96
N ASP A 100 -3.79 1.86 16.18
CA ASP A 100 -5.13 1.43 16.54
C ASP A 100 -5.43 0.11 15.82
N GLY A 101 -4.72 -0.12 14.73
CA GLY A 101 -4.91 -1.33 13.95
C GLY A 101 -5.42 -1.00 12.55
N LYS A 102 -5.74 0.27 12.34
CA LYS A 102 -6.23 0.71 11.05
C LYS A 102 -5.34 1.85 10.54
N ILE A 103 -5.29 1.97 9.23
CA ILE A 103 -4.48 3.00 8.60
C ILE A 103 -5.36 3.82 7.65
N GLY A 104 -5.65 5.04 8.07
CA GLY A 104 -6.48 5.93 7.27
C GLY A 104 -5.67 6.55 6.13
N ILE A 105 -6.25 7.60 5.54
CA ILE A 105 -5.58 8.28 4.44
C ILE A 105 -4.52 9.24 5.01
N ASP A 106 -4.88 9.87 6.12
CA ASP A 106 -3.98 10.81 6.76
C ASP A 106 -2.79 10.04 7.36
N GLU A 107 -2.98 8.74 7.51
CA GLU A 107 -1.94 7.88 8.06
C GLU A 107 -1.19 7.16 6.94
N PHE A 108 -1.95 6.74 5.94
CA PHE A 108 -1.38 6.05 4.81
C PHE A 108 -0.66 7.02 3.87
N ALA A 109 -1.11 8.26 3.91
CA ALA A 109 -0.52 9.30 3.07
C ALA A 109 0.67 9.93 3.81
N ALA A 110 0.78 9.59 5.08
CA ALA A 110 1.86 10.11 5.90
C ALA A 110 3.14 9.34 5.61
N MET A 111 3.05 8.03 5.73
CA MET A 111 4.19 7.17 5.48
C MET A 111 4.85 7.50 4.14
N ILE A 112 4.07 8.15 3.29
CA ILE A 112 4.57 8.54 1.98
C ILE A 112 4.85 10.04 1.97
N LYS A 113 3.99 10.79 2.64
CA LYS A 113 4.14 12.22 2.71
C LYS A 113 5.37 12.56 3.55
N GLY A 114 5.86 11.55 4.26
CA GLY A 114 7.02 11.73 5.10
C GLY A 114 7.09 10.66 6.18
N SER A 5 -7.84 -5.59 -6.77
CA SER A 5 -8.29 -5.19 -8.10
C SER A 5 -7.25 -4.26 -8.74
N MET A 6 -6.93 -4.57 -9.99
CA MET A 6 -5.96 -3.77 -10.72
C MET A 6 -6.50 -2.37 -11.01
N ALA A 7 -6.58 -1.57 -9.95
CA ALA A 7 -7.09 -0.22 -10.08
C ALA A 7 -5.93 0.71 -10.47
N PHE A 8 -4.80 0.52 -9.79
CA PHE A 8 -3.63 1.33 -10.07
C PHE A 8 -3.28 1.30 -11.56
N ALA A 9 -3.79 0.29 -12.23
CA ALA A 9 -3.53 0.14 -13.66
C ALA A 9 -3.89 1.44 -14.38
N SER A 10 -4.73 2.23 -13.72
CA SER A 10 -5.15 3.51 -14.29
C SER A 10 -4.35 4.65 -13.66
N VAL A 11 -4.20 4.58 -12.35
CA VAL A 11 -3.46 5.59 -11.63
C VAL A 11 -2.01 5.57 -12.07
N LEU A 12 -1.36 4.44 -11.82
CA LEU A 12 0.04 4.28 -12.19
C LEU A 12 0.13 3.34 -13.40
N LYS A 13 1.37 3.06 -13.80
CA LYS A 13 1.61 2.19 -14.92
C LYS A 13 1.70 0.75 -14.45
N ASP A 14 0.82 -0.08 -15.00
CA ASP A 14 0.79 -1.49 -14.63
C ASP A 14 2.21 -2.06 -14.66
N ALA A 15 3.03 -1.45 -15.51
CA ALA A 15 4.41 -1.88 -15.65
C ALA A 15 5.22 -1.37 -14.45
N GLU A 16 4.94 -0.13 -14.07
CA GLU A 16 5.63 0.48 -12.95
C GLU A 16 5.30 -0.26 -11.64
N VAL A 17 4.00 -0.38 -11.38
CA VAL A 17 3.55 -1.06 -10.18
C VAL A 17 4.01 -2.51 -10.22
N THR A 18 3.88 -3.11 -11.39
CA THR A 18 4.30 -4.50 -11.56
C THR A 18 5.66 -4.73 -10.94
N ALA A 19 6.61 -3.89 -11.33
CA ALA A 19 7.97 -3.99 -10.81
C ALA A 19 7.95 -3.86 -9.29
N ALA A 20 6.93 -3.16 -8.81
CA ALA A 20 6.79 -2.94 -7.37
C ALA A 20 6.33 -4.25 -6.72
N LEU A 21 5.67 -5.07 -7.52
CA LEU A 21 5.17 -6.35 -7.03
C LEU A 21 6.29 -7.39 -7.09
N ASP A 22 7.18 -7.21 -8.07
CA ASP A 22 8.30 -8.12 -8.25
C ASP A 22 9.36 -7.82 -7.19
N GLY A 23 9.23 -6.65 -6.58
CA GLY A 23 10.18 -6.23 -5.56
C GLY A 23 9.71 -6.67 -4.17
N CYS A 24 8.42 -7.00 -4.09
CA CYS A 24 7.84 -7.44 -2.83
C CYS A 24 7.14 -8.77 -3.06
N LYS A 25 7.60 -9.47 -4.09
CA LYS A 25 7.03 -10.77 -4.44
C LYS A 25 7.48 -11.80 -3.41
N ALA A 26 8.75 -11.72 -3.04
CA ALA A 26 9.32 -12.65 -2.08
C ALA A 26 8.74 -12.33 -0.69
N ALA A 27 8.81 -13.33 0.18
CA ALA A 27 8.31 -13.18 1.53
C ALA A 27 9.35 -12.43 2.38
N GLY A 28 8.86 -11.80 3.43
CA GLY A 28 9.72 -11.05 4.33
C GLY A 28 10.76 -10.24 3.54
N SER A 29 10.39 -9.89 2.32
CA SER A 29 11.25 -9.11 1.45
C SER A 29 10.51 -7.90 0.91
N PHE A 30 9.35 -7.64 1.49
CA PHE A 30 8.53 -6.52 1.07
C PHE A 30 8.93 -5.24 1.80
N ASP A 31 9.28 -4.23 1.03
CA ASP A 31 9.69 -2.96 1.58
C ASP A 31 8.74 -1.86 1.10
N HIS A 32 7.70 -1.63 1.90
CA HIS A 32 6.72 -0.61 1.55
C HIS A 32 7.43 0.62 0.98
N LYS A 33 8.29 1.20 1.80
CA LYS A 33 9.03 2.38 1.38
C LYS A 33 9.49 2.21 -0.07
N LYS A 34 10.08 1.06 -0.34
CA LYS A 34 10.56 0.76 -1.67
C LYS A 34 9.38 0.78 -2.65
N PHE A 35 8.37 -0.01 -2.32
CA PHE A 35 7.19 -0.09 -3.16
C PHE A 35 6.76 1.30 -3.65
N PHE A 36 6.40 2.13 -2.69
CA PHE A 36 5.98 3.49 -3.01
C PHE A 36 7.06 4.23 -3.80
N LYS A 37 8.30 3.97 -3.44
CA LYS A 37 9.43 4.60 -4.10
C LYS A 37 9.56 4.02 -5.51
N ALA A 38 8.99 2.85 -5.71
CA ALA A 38 9.05 2.19 -7.00
C ALA A 38 8.03 2.85 -7.94
N CYS A 39 6.77 2.76 -7.55
CA CYS A 39 5.70 3.34 -8.35
C CYS A 39 5.86 4.86 -8.33
N GLY A 40 6.59 5.33 -7.34
CA GLY A 40 6.82 6.76 -7.20
C GLY A 40 5.89 7.36 -6.16
N LEU A 41 4.88 6.59 -5.78
CA LEU A 41 3.91 7.04 -4.80
C LEU A 41 4.64 7.78 -3.68
N SER A 42 5.88 7.37 -3.45
CA SER A 42 6.69 7.99 -2.42
C SER A 42 7.08 9.40 -2.82
N GLY A 43 6.32 10.37 -2.30
CA GLY A 43 6.57 11.77 -2.60
C GLY A 43 5.51 12.32 -3.55
N LYS A 44 4.57 11.46 -3.90
CA LYS A 44 3.48 11.85 -4.78
C LYS A 44 2.69 12.99 -4.13
N SER A 45 1.62 13.38 -4.82
CA SER A 45 0.77 14.44 -4.33
C SER A 45 -0.24 13.89 -3.32
N THR A 46 -0.42 14.64 -2.24
CA THR A 46 -1.35 14.23 -1.20
C THR A 46 -2.76 14.06 -1.77
N ASP A 47 -2.95 14.60 -2.96
CA ASP A 47 -4.24 14.51 -3.62
C ASP A 47 -4.41 13.12 -4.23
N GLU A 48 -3.45 12.75 -5.07
CA GLU A 48 -3.48 11.45 -5.71
C GLU A 48 -3.37 10.34 -4.67
N VAL A 49 -2.45 10.54 -3.74
CA VAL A 49 -2.24 9.56 -2.67
C VAL A 49 -3.59 9.04 -2.19
N LYS A 50 -4.52 9.97 -2.01
CA LYS A 50 -5.84 9.63 -1.55
C LYS A 50 -6.51 8.70 -2.57
N LYS A 51 -6.41 9.08 -3.83
CA LYS A 51 -6.99 8.30 -4.90
C LYS A 51 -6.23 6.97 -5.02
N ALA A 52 -5.02 6.97 -4.50
CA ALA A 52 -4.18 5.78 -4.55
C ALA A 52 -4.52 4.88 -3.37
N PHE A 53 -5.19 5.46 -2.39
CA PHE A 53 -5.58 4.72 -1.20
C PHE A 53 -6.92 4.00 -1.41
N ALA A 54 -7.78 4.65 -2.19
CA ALA A 54 -9.08 4.09 -2.49
C ALA A 54 -8.92 2.84 -3.35
N ILE A 55 -7.70 2.65 -3.82
CA ILE A 55 -7.39 1.50 -4.66
C ILE A 55 -7.47 0.23 -3.82
N ILE A 56 -6.58 0.14 -2.84
CA ILE A 56 -6.53 -1.01 -1.95
C ILE A 56 -7.94 -1.31 -1.45
N ASP A 57 -8.51 -0.32 -0.78
CA ASP A 57 -9.85 -0.47 -0.24
C ASP A 57 -10.73 -1.21 -1.24
N GLN A 58 -10.95 -2.49 -0.95
CA GLN A 58 -11.77 -3.32 -1.83
C GLN A 58 -13.24 -3.23 -1.42
N ASP A 59 -13.45 -2.74 -0.22
CA ASP A 59 -14.84 -2.60 0.29
C ASP A 59 -15.16 -1.12 0.55
N LYS A 60 -14.13 -0.30 0.71
CA LYS A 60 -14.34 1.11 0.97
C LYS A 60 -14.92 1.29 2.37
N SER A 61 -14.52 0.39 3.26
CA SER A 61 -15.00 0.43 4.63
C SER A 61 -14.80 1.84 5.21
N GLY A 62 -13.84 2.55 4.62
CA GLY A 62 -13.54 3.90 5.07
C GLY A 62 -12.09 3.99 5.57
N PHE A 63 -11.55 2.85 5.92
CA PHE A 63 -10.18 2.79 6.41
C PHE A 63 -9.47 1.53 5.93
N ILE A 64 -8.21 1.40 6.33
CA ILE A 64 -7.42 0.23 5.95
C ILE A 64 -7.00 -0.53 7.22
N GLU A 65 -7.96 -1.29 7.75
CA GLU A 65 -7.71 -2.07 8.94
C GLU A 65 -6.42 -2.88 8.78
N GLU A 66 -5.86 -3.28 9.92
CA GLU A 66 -4.64 -4.06 9.91
C GLU A 66 -4.72 -5.17 8.86
N GLU A 67 -5.86 -5.84 8.82
CA GLU A 67 -6.07 -6.92 7.87
C GLU A 67 -5.92 -6.41 6.44
N GLU A 68 -6.41 -5.18 6.23
CA GLU A 68 -6.34 -4.57 4.91
C GLU A 68 -4.87 -4.30 4.54
N LEU A 69 -4.13 -3.84 5.53
CA LEU A 69 -2.72 -3.53 5.32
C LEU A 69 -2.03 -4.74 4.68
N LYS A 70 -2.29 -5.91 5.25
CA LYS A 70 -1.70 -7.13 4.74
C LYS A 70 -2.15 -7.35 3.30
N LEU A 71 -3.26 -6.72 2.96
CA LEU A 71 -3.80 -6.84 1.62
C LEU A 71 -3.29 -5.67 0.76
N PHE A 72 -2.12 -5.18 1.13
CA PHE A 72 -1.51 -4.09 0.41
C PHE A 72 -0.93 -4.55 -0.92
N LEU A 73 -1.08 -5.84 -1.17
CA LEU A 73 -0.57 -6.43 -2.41
C LEU A 73 -1.75 -6.72 -3.34
N GLN A 74 -2.91 -6.94 -2.73
CA GLN A 74 -4.10 -7.22 -3.50
C GLN A 74 -4.70 -5.93 -4.08
N ASN A 75 -4.00 -4.84 -3.81
CA ASN A 75 -4.43 -3.54 -4.30
C ASN A 75 -4.04 -3.39 -5.77
N PHE A 76 -2.78 -3.71 -6.05
CA PHE A 76 -2.27 -3.61 -7.41
C PHE A 76 -2.56 -4.90 -8.18
N LYS A 77 -3.45 -5.71 -7.63
CA LYS A 77 -3.82 -6.96 -8.26
C LYS A 77 -4.91 -7.65 -7.44
N ALA A 78 -5.88 -8.20 -8.15
CA ALA A 78 -6.98 -8.89 -7.50
C ALA A 78 -6.62 -10.35 -7.27
N GLY A 79 -5.33 -10.63 -7.41
CA GLY A 79 -4.83 -11.99 -7.23
C GLY A 79 -3.44 -11.98 -6.59
N ALA A 80 -3.19 -10.94 -5.81
CA ALA A 80 -1.92 -10.80 -5.14
C ALA A 80 -1.91 -11.66 -3.88
N ARG A 81 -0.84 -11.53 -3.11
CA ARG A 81 -0.70 -12.29 -1.88
C ARG A 81 -0.93 -11.38 -0.67
N ALA A 82 -0.63 -11.91 0.51
CA ALA A 82 -0.80 -11.17 1.74
C ALA A 82 0.56 -11.01 2.43
N LEU A 83 0.76 -9.83 3.01
CA LEU A 83 2.01 -9.55 3.70
C LEU A 83 2.09 -10.39 4.97
N SER A 84 3.32 -10.69 5.36
CA SER A 84 3.55 -11.48 6.56
C SER A 84 3.10 -10.71 7.80
N ASP A 85 2.61 -11.46 8.78
CA ASP A 85 2.15 -10.86 10.02
C ASP A 85 3.09 -9.72 10.42
N ALA A 86 4.37 -9.92 10.11
CA ALA A 86 5.38 -8.94 10.44
C ALA A 86 5.32 -7.80 9.41
N GLU A 87 5.38 -8.19 8.15
CA GLU A 87 5.34 -7.22 7.06
C GLU A 87 4.24 -6.20 7.31
N THR A 88 3.08 -6.72 7.70
CA THR A 88 1.92 -5.87 7.95
C THR A 88 2.15 -5.05 9.22
N LYS A 89 2.96 -5.60 10.12
CA LYS A 89 3.27 -4.92 11.37
C LYS A 89 4.17 -3.72 11.09
N ALA A 90 5.17 -3.95 10.25
CA ALA A 90 6.11 -2.90 9.89
C ALA A 90 5.38 -1.84 9.06
N PHE A 91 4.62 -2.32 8.08
CA PHE A 91 3.88 -1.43 7.20
C PHE A 91 2.72 -0.77 7.96
N LEU A 92 2.44 -1.30 9.13
CA LEU A 92 1.37 -0.77 9.96
C LEU A 92 1.88 0.41 10.78
N LYS A 93 2.85 0.12 11.62
CA LYS A 93 3.45 1.15 12.47
C LYS A 93 4.14 2.18 11.58
N ALA A 94 4.63 1.71 10.44
CA ALA A 94 5.31 2.59 9.50
C ALA A 94 4.36 3.68 9.04
N GLY A 95 3.08 3.33 9.03
CA GLY A 95 2.05 4.28 8.61
C GLY A 95 1.23 4.77 9.80
N ASP A 96 0.46 3.85 10.36
CA ASP A 96 -0.38 4.18 11.50
C ASP A 96 0.49 4.74 12.62
N SER A 97 0.40 6.06 12.80
CA SER A 97 1.17 6.72 13.83
C SER A 97 0.58 6.44 15.21
N ASP A 98 -0.71 6.23 15.22
CA ASP A 98 -1.41 5.93 16.50
C ASP A 98 -1.43 4.42 16.75
N GLY A 99 -1.05 3.63 15.74
CA GLY A 99 -1.05 2.19 15.90
C GLY A 99 -2.33 1.70 16.60
N ASP A 100 -3.46 2.07 16.01
CA ASP A 100 -4.75 1.68 16.57
C ASP A 100 -5.21 0.39 15.90
N GLY A 101 -4.68 0.14 14.71
CA GLY A 101 -5.03 -1.05 13.97
C GLY A 101 -5.57 -0.69 12.58
N LYS A 102 -5.90 0.58 12.43
CA LYS A 102 -6.42 1.06 11.16
C LYS A 102 -5.52 2.17 10.61
N ILE A 103 -5.37 2.18 9.30
CA ILE A 103 -4.53 3.17 8.64
C ILE A 103 -5.38 4.00 7.68
N GLY A 104 -5.68 5.22 8.11
CA GLY A 104 -6.48 6.11 7.29
C GLY A 104 -5.68 6.68 6.13
N ILE A 105 -6.20 7.74 5.54
CA ILE A 105 -5.53 8.38 4.42
C ILE A 105 -4.45 9.33 4.94
N ASP A 106 -4.83 10.12 5.93
CA ASP A 106 -3.91 11.06 6.53
C ASP A 106 -2.66 10.32 7.02
N GLU A 107 -2.87 9.06 7.38
CA GLU A 107 -1.78 8.24 7.86
C GLU A 107 -1.12 7.48 6.70
N PHE A 108 -1.97 6.87 5.88
CA PHE A 108 -1.49 6.12 4.74
C PHE A 108 -0.69 7.01 3.78
N ALA A 109 -1.00 8.30 3.84
CA ALA A 109 -0.32 9.27 3.00
C ALA A 109 0.94 9.76 3.70
N ALA A 110 1.05 9.39 4.97
CA ALA A 110 2.21 9.79 5.77
C ALA A 110 3.39 8.90 5.41
N MET A 111 3.17 7.60 5.51
CA MET A 111 4.20 6.63 5.21
C MET A 111 4.82 6.90 3.84
N ILE A 112 4.09 7.66 3.03
CA ILE A 112 4.55 8.00 1.70
C ILE A 112 4.99 9.47 1.67
N LYS A 113 4.27 10.28 2.44
CA LYS A 113 4.57 11.70 2.51
C LYS A 113 5.88 11.89 3.28
N GLY A 114 6.29 10.85 3.98
CA GLY A 114 7.52 10.89 4.76
C GLY A 114 7.21 10.84 6.26
N SER A 5 -7.22 -6.61 -7.84
CA SER A 5 -7.73 -5.93 -9.03
C SER A 5 -6.67 -4.97 -9.57
N MET A 6 -6.87 -4.55 -10.81
CA MET A 6 -5.95 -3.62 -11.45
C MET A 6 -6.57 -2.23 -11.57
N ALA A 7 -6.66 -1.55 -10.44
CA ALA A 7 -7.23 -0.21 -10.42
C ALA A 7 -6.11 0.81 -10.65
N PHE A 8 -4.94 0.50 -10.14
CA PHE A 8 -3.79 1.38 -10.28
C PHE A 8 -3.29 1.38 -11.73
N ALA A 9 -3.88 0.52 -12.54
CA ALA A 9 -3.51 0.41 -13.93
C ALA A 9 -3.77 1.74 -14.63
N SER A 10 -4.55 2.58 -13.96
CA SER A 10 -4.90 3.88 -14.50
C SER A 10 -3.94 4.94 -13.96
N VAL A 11 -3.77 4.93 -12.64
CA VAL A 11 -2.89 5.87 -11.99
C VAL A 11 -1.45 5.64 -12.47
N LEU A 12 -0.95 4.46 -12.16
CA LEU A 12 0.41 4.10 -12.55
C LEU A 12 0.36 3.03 -13.63
N LYS A 13 1.53 2.69 -14.16
CA LYS A 13 1.62 1.69 -15.20
C LYS A 13 1.75 0.31 -14.57
N ASP A 14 0.95 -0.61 -15.07
CA ASP A 14 0.97 -1.98 -14.56
C ASP A 14 2.40 -2.51 -14.57
N ALA A 15 3.13 -2.14 -15.61
CA ALA A 15 4.51 -2.57 -15.76
C ALA A 15 5.35 -1.93 -14.65
N GLU A 16 5.06 -0.67 -14.39
CA GLU A 16 5.78 0.07 -13.37
C GLU A 16 5.53 -0.55 -11.99
N VAL A 17 4.25 -0.52 -11.60
CA VAL A 17 3.86 -1.07 -10.31
C VAL A 17 4.30 -2.53 -10.23
N THR A 18 4.25 -3.20 -11.37
CA THR A 18 4.64 -4.60 -11.43
C THR A 18 6.02 -4.80 -10.80
N ALA A 19 6.93 -3.90 -11.15
CA ALA A 19 8.28 -3.97 -10.61
C ALA A 19 8.23 -3.90 -9.09
N ALA A 20 7.20 -3.23 -8.59
CA ALA A 20 7.03 -3.09 -7.16
C ALA A 20 6.44 -4.37 -6.58
N LEU A 21 5.81 -5.13 -7.47
CA LEU A 21 5.19 -6.38 -7.06
C LEU A 21 6.24 -7.50 -7.11
N ASP A 22 7.18 -7.34 -8.02
CA ASP A 22 8.25 -8.32 -8.17
C ASP A 22 9.34 -8.05 -7.15
N GLY A 23 9.46 -6.78 -6.77
CA GLY A 23 10.46 -6.37 -5.81
C GLY A 23 10.06 -6.79 -4.39
N CYS A 24 8.81 -7.22 -4.27
CA CYS A 24 8.29 -7.65 -2.98
C CYS A 24 7.72 -9.07 -3.14
N LYS A 25 8.23 -9.76 -4.15
CA LYS A 25 7.80 -11.12 -4.42
C LYS A 25 8.37 -12.06 -3.36
N ALA A 26 9.46 -11.62 -2.75
CA ALA A 26 10.11 -12.41 -1.73
C ALA A 26 9.43 -12.15 -0.38
N ALA A 27 9.28 -13.23 0.38
CA ALA A 27 8.65 -13.13 1.69
C ALA A 27 9.58 -12.39 2.65
N GLY A 28 8.99 -11.54 3.46
CA GLY A 28 9.75 -10.76 4.43
C GLY A 28 10.76 -9.86 3.73
N SER A 29 10.51 -9.63 2.45
CA SER A 29 11.40 -8.79 1.66
C SER A 29 10.67 -7.49 1.26
N PHE A 30 9.35 -7.57 1.31
CA PHE A 30 8.52 -6.42 0.97
C PHE A 30 8.94 -5.19 1.78
N ASP A 31 9.01 -4.06 1.10
CA ASP A 31 9.39 -2.82 1.75
C ASP A 31 8.51 -1.68 1.21
N HIS A 32 7.43 -1.42 1.94
CA HIS A 32 6.50 -0.36 1.55
C HIS A 32 7.29 0.87 1.12
N LYS A 33 8.12 1.35 2.03
CA LYS A 33 8.93 2.53 1.77
C LYS A 33 9.46 2.46 0.34
N LYS A 34 10.00 1.30 -0.02
CA LYS A 34 10.54 1.09 -1.35
C LYS A 34 9.40 1.15 -2.37
N PHE A 35 8.42 0.28 -2.18
CA PHE A 35 7.28 0.22 -3.06
C PHE A 35 6.84 1.63 -3.48
N PHE A 36 6.42 2.40 -2.49
CA PHE A 36 5.98 3.77 -2.75
C PHE A 36 7.01 4.54 -3.55
N LYS A 37 8.28 4.25 -3.27
CA LYS A 37 9.37 4.92 -3.96
C LYS A 37 9.53 4.30 -5.35
N ALA A 38 9.03 3.08 -5.49
CA ALA A 38 9.12 2.38 -6.76
C ALA A 38 8.07 2.96 -7.72
N CYS A 39 6.82 2.82 -7.33
CA CYS A 39 5.72 3.32 -8.15
C CYS A 39 5.88 4.84 -8.28
N GLY A 40 6.63 5.41 -7.36
CA GLY A 40 6.87 6.84 -7.36
C GLY A 40 5.97 7.54 -6.35
N LEU A 41 5.02 6.79 -5.82
CA LEU A 41 4.09 7.33 -4.84
C LEU A 41 4.84 8.25 -3.88
N SER A 42 6.12 7.92 -3.68
CA SER A 42 6.95 8.71 -2.79
C SER A 42 7.28 10.06 -3.43
N GLY A 43 6.76 11.11 -2.80
CA GLY A 43 7.00 12.46 -3.30
C GLY A 43 5.80 12.95 -4.13
N LYS A 44 4.97 11.99 -4.53
CA LYS A 44 3.80 12.31 -5.33
C LYS A 44 2.96 13.36 -4.60
N SER A 45 1.77 13.60 -5.12
CA SER A 45 0.87 14.57 -4.54
C SER A 45 -0.16 13.86 -3.64
N THR A 46 -0.41 14.47 -2.49
CA THR A 46 -1.36 13.91 -1.54
C THR A 46 -2.70 13.65 -2.22
N ASP A 47 -2.89 14.32 -3.35
CA ASP A 47 -4.13 14.16 -4.11
C ASP A 47 -4.25 12.72 -4.58
N GLU A 48 -3.29 12.31 -5.40
CA GLU A 48 -3.28 10.96 -5.94
C GLU A 48 -3.23 9.94 -4.79
N VAL A 49 -2.39 10.23 -3.82
CA VAL A 49 -2.24 9.35 -2.66
C VAL A 49 -3.62 8.83 -2.25
N LYS A 50 -4.55 9.76 -2.10
CA LYS A 50 -5.90 9.41 -1.70
C LYS A 50 -6.51 8.49 -2.76
N LYS A 51 -6.45 8.95 -4.00
CA LYS A 51 -7.00 8.18 -5.11
C LYS A 51 -6.32 6.81 -5.15
N ALA A 52 -5.16 6.74 -4.53
CA ALA A 52 -4.40 5.50 -4.48
C ALA A 52 -4.87 4.65 -3.31
N PHE A 53 -5.19 5.34 -2.21
CA PHE A 53 -5.65 4.66 -1.02
C PHE A 53 -7.02 4.01 -1.25
N ALA A 54 -7.71 4.52 -2.27
CA ALA A 54 -9.03 4.02 -2.61
C ALA A 54 -8.88 2.80 -3.52
N ILE A 55 -7.64 2.54 -3.91
CA ILE A 55 -7.35 1.41 -4.78
C ILE A 55 -7.42 0.11 -3.97
N ILE A 56 -6.66 0.09 -2.88
CA ILE A 56 -6.62 -1.07 -2.01
C ILE A 56 -8.00 -1.29 -1.40
N ASP A 57 -8.42 -0.34 -0.59
CA ASP A 57 -9.72 -0.42 0.06
C ASP A 57 -10.75 -0.96 -0.93
N GLN A 58 -11.08 -2.23 -0.75
CA GLN A 58 -12.05 -2.88 -1.61
C GLN A 58 -13.47 -2.69 -1.06
N ASP A 59 -13.53 -2.28 0.17
CA ASP A 59 -14.85 -2.06 0.82
C ASP A 59 -14.98 -0.60 1.25
N LYS A 60 -13.94 0.20 1.04
CA LYS A 60 -13.99 1.60 1.41
C LYS A 60 -14.67 1.73 2.79
N SER A 61 -14.37 0.78 3.65
CA SER A 61 -14.95 0.79 4.99
C SER A 61 -14.68 2.13 5.67
N GLY A 62 -13.68 2.83 5.15
CA GLY A 62 -13.32 4.13 5.70
C GLY A 62 -11.85 4.14 6.15
N PHE A 63 -11.36 2.95 6.48
CA PHE A 63 -9.98 2.81 6.92
C PHE A 63 -9.40 1.48 6.46
N ILE A 64 -8.07 1.40 6.53
CA ILE A 64 -7.37 0.19 6.13
C ILE A 64 -7.04 -0.65 7.37
N GLU A 65 -8.02 -1.46 7.77
CA GLU A 65 -7.85 -2.31 8.94
C GLU A 65 -6.64 -3.23 8.76
N GLU A 66 -6.15 -3.74 9.87
CA GLU A 66 -5.00 -4.63 9.85
C GLU A 66 -5.18 -5.70 8.77
N GLU A 67 -6.35 -6.33 8.80
CA GLU A 67 -6.66 -7.37 7.83
C GLU A 67 -6.52 -6.83 6.40
N GLU A 68 -6.76 -5.53 6.28
CA GLU A 68 -6.67 -4.88 4.98
C GLU A 68 -5.23 -4.52 4.66
N LEU A 69 -4.48 -4.21 5.71
CA LEU A 69 -3.08 -3.85 5.56
C LEU A 69 -2.35 -4.96 4.80
N LYS A 70 -2.53 -6.19 5.30
CA LYS A 70 -1.90 -7.34 4.69
C LYS A 70 -2.34 -7.43 3.22
N LEU A 71 -3.41 -6.74 2.92
CA LEU A 71 -3.95 -6.74 1.56
C LEU A 71 -3.39 -5.53 0.80
N PHE A 72 -2.21 -5.10 1.22
CA PHE A 72 -1.57 -3.97 0.59
C PHE A 72 -0.99 -4.35 -0.79
N LEU A 73 -1.17 -5.62 -1.13
CA LEU A 73 -0.68 -6.12 -2.40
C LEU A 73 -1.87 -6.61 -3.24
N GLN A 74 -3.03 -6.63 -2.60
CA GLN A 74 -4.24 -7.07 -3.27
C GLN A 74 -4.91 -5.90 -3.98
N ASN A 75 -4.28 -4.74 -3.88
CA ASN A 75 -4.80 -3.54 -4.50
C ASN A 75 -4.35 -3.49 -5.96
N PHE A 76 -3.07 -3.76 -6.16
CA PHE A 76 -2.50 -3.75 -7.50
C PHE A 76 -2.78 -5.05 -8.23
N LYS A 77 -3.55 -5.91 -7.57
CA LYS A 77 -3.91 -7.20 -8.14
C LYS A 77 -4.89 -7.91 -7.20
N ALA A 78 -5.73 -8.74 -7.81
CA ALA A 78 -6.71 -9.49 -7.06
C ALA A 78 -6.23 -10.93 -6.86
N GLY A 79 -4.91 -11.08 -6.95
CA GLY A 79 -4.31 -12.39 -6.78
C GLY A 79 -2.91 -12.28 -6.18
N ALA A 80 -2.65 -11.13 -5.58
CA ALA A 80 -1.37 -10.88 -4.95
C ALA A 80 -1.37 -11.42 -3.53
N ARG A 81 -0.24 -12.01 -3.14
CA ARG A 81 -0.12 -12.57 -1.81
C ARG A 81 -0.54 -11.54 -0.76
N ALA A 82 -0.43 -11.95 0.50
CA ALA A 82 -0.80 -11.09 1.61
C ALA A 82 0.38 -10.95 2.56
N LEU A 83 0.79 -9.70 2.76
CA LEU A 83 1.91 -9.41 3.64
C LEU A 83 1.78 -10.26 4.91
N SER A 84 2.90 -10.86 5.30
CA SER A 84 2.93 -11.69 6.49
C SER A 84 2.55 -10.86 7.72
N ASP A 85 2.28 -11.57 8.81
CA ASP A 85 1.91 -10.91 10.05
C ASP A 85 3.00 -9.91 10.44
N ALA A 86 4.18 -10.11 9.86
CA ALA A 86 5.31 -9.24 10.14
C ALA A 86 5.27 -8.05 9.18
N GLU A 87 5.38 -8.35 7.90
CA GLU A 87 5.36 -7.31 6.88
C GLU A 87 4.21 -6.34 7.15
N THR A 88 3.06 -6.90 7.47
CA THR A 88 1.88 -6.09 7.75
C THR A 88 2.10 -5.26 9.02
N LYS A 89 2.91 -5.80 9.92
CA LYS A 89 3.20 -5.11 11.16
C LYS A 89 4.09 -3.90 10.88
N ALA A 90 5.05 -4.11 10.00
CA ALA A 90 5.98 -3.06 9.63
C ALA A 90 5.22 -1.95 8.89
N PHE A 91 4.43 -2.38 7.91
CA PHE A 91 3.65 -1.44 7.13
C PHE A 91 2.57 -0.76 7.99
N LEU A 92 2.33 -1.36 9.15
CA LEU A 92 1.33 -0.83 10.07
C LEU A 92 1.96 0.27 10.92
N LYS A 93 3.03 -0.10 11.60
CA LYS A 93 3.74 0.85 12.46
C LYS A 93 4.50 1.85 11.58
N ALA A 94 4.71 1.46 10.34
CA ALA A 94 5.43 2.31 9.39
C ALA A 94 4.62 3.59 9.18
N GLY A 95 3.31 3.44 9.11
CA GLY A 95 2.43 4.57 8.92
C GLY A 95 1.59 4.84 10.16
N ASP A 96 0.88 3.81 10.60
CA ASP A 96 0.05 3.92 11.77
C ASP A 96 0.89 4.38 12.96
N SER A 97 0.81 5.67 13.25
CA SER A 97 1.55 6.23 14.36
C SER A 97 0.69 6.26 15.62
N ASP A 98 -0.47 5.68 15.50
CA ASP A 98 -1.40 5.63 16.67
C ASP A 98 -1.77 4.17 16.98
N GLY A 99 -1.17 3.22 16.28
CA GLY A 99 -1.48 1.82 16.51
C GLY A 99 -2.96 1.63 16.81
N ASP A 100 -3.78 1.83 15.78
CA ASP A 100 -5.21 1.68 15.92
C ASP A 100 -5.67 0.45 15.12
N GLY A 101 -4.69 -0.28 14.61
CA GLY A 101 -4.98 -1.47 13.82
C GLY A 101 -5.53 -1.10 12.44
N LYS A 102 -5.61 0.20 12.20
CA LYS A 102 -6.11 0.70 10.93
C LYS A 102 -5.17 1.79 10.41
N ILE A 103 -5.23 1.98 9.10
CA ILE A 103 -4.39 2.99 8.45
C ILE A 103 -5.27 3.91 7.60
N GLY A 104 -5.49 5.11 8.11
CA GLY A 104 -6.30 6.09 7.40
C GLY A 104 -5.54 6.69 6.23
N ILE A 105 -6.07 7.78 5.72
CA ILE A 105 -5.45 8.47 4.59
C ILE A 105 -4.36 9.40 5.10
N ASP A 106 -4.63 10.02 6.25
CA ASP A 106 -3.69 10.93 6.85
C ASP A 106 -2.46 10.16 7.33
N GLU A 107 -2.68 8.87 7.56
CA GLU A 107 -1.61 8.00 8.03
C GLU A 107 -0.94 7.30 6.84
N PHE A 108 -1.78 6.86 5.92
CA PHE A 108 -1.30 6.16 4.73
C PHE A 108 -0.55 7.13 3.81
N ALA A 109 -0.97 8.38 3.85
CA ALA A 109 -0.35 9.40 3.02
C ALA A 109 0.85 10.00 3.77
N ALA A 110 0.98 9.59 5.03
CA ALA A 110 2.07 10.07 5.85
C ALA A 110 3.34 9.27 5.54
N MET A 111 3.22 7.96 5.66
CA MET A 111 4.33 7.07 5.39
C MET A 111 5.01 7.42 4.06
N ILE A 112 4.23 8.08 3.20
CA ILE A 112 4.74 8.47 1.90
C ILE A 112 5.09 9.96 1.93
N LYS A 113 4.23 10.73 2.57
CA LYS A 113 4.44 12.16 2.68
C LYS A 113 5.71 12.43 3.49
N GLY A 114 6.15 11.40 4.19
CA GLY A 114 7.34 11.51 5.01
C GLY A 114 7.17 10.77 6.34
N SER A 5 -7.30 -5.78 -7.70
CA SER A 5 -7.70 -5.25 -8.99
C SER A 5 -6.69 -4.21 -9.47
N MET A 6 -6.18 -4.42 -10.67
CA MET A 6 -5.21 -3.51 -11.24
C MET A 6 -5.83 -2.14 -11.51
N ALA A 7 -6.05 -1.41 -10.42
CA ALA A 7 -6.63 -0.08 -10.53
C ALA A 7 -5.53 0.95 -10.71
N PHE A 8 -4.46 0.77 -9.92
CA PHE A 8 -3.33 1.68 -9.99
C PHE A 8 -2.81 1.81 -11.42
N ALA A 9 -3.17 0.84 -12.24
CA ALA A 9 -2.75 0.83 -13.63
C ALA A 9 -3.13 2.17 -14.27
N SER A 10 -4.09 2.84 -13.66
CA SER A 10 -4.56 4.12 -14.16
C SER A 10 -3.80 5.26 -13.48
N VAL A 11 -3.76 5.18 -12.15
CA VAL A 11 -3.07 6.20 -11.38
C VAL A 11 -1.57 6.17 -11.70
N LEU A 12 -0.95 5.03 -11.40
CA LEU A 12 0.46 4.86 -11.65
C LEU A 12 0.65 4.07 -12.95
N LYS A 13 1.91 3.78 -13.24
CA LYS A 13 2.23 3.02 -14.45
C LYS A 13 2.25 1.52 -14.12
N ASP A 14 1.40 0.79 -14.83
CA ASP A 14 1.31 -0.65 -14.62
C ASP A 14 2.72 -1.24 -14.57
N ALA A 15 3.57 -0.72 -15.44
CA ALA A 15 4.94 -1.18 -15.51
C ALA A 15 5.68 -0.80 -14.21
N GLU A 16 5.36 0.39 -13.72
CA GLU A 16 5.97 0.88 -12.51
C GLU A 16 5.57 0.01 -11.31
N VAL A 17 4.27 -0.06 -11.09
CA VAL A 17 3.74 -0.85 -9.99
C VAL A 17 4.14 -2.31 -10.18
N THR A 18 4.12 -2.74 -11.44
CA THR A 18 4.48 -4.12 -11.77
C THR A 18 5.82 -4.48 -11.13
N ALA A 19 6.82 -3.65 -11.41
CA ALA A 19 8.15 -3.88 -10.87
C ALA A 19 8.09 -3.84 -9.34
N ALA A 20 7.13 -3.08 -8.84
CA ALA A 20 6.95 -2.95 -7.41
C ALA A 20 6.38 -4.25 -6.84
N LEU A 21 5.61 -4.92 -7.68
CA LEU A 21 5.00 -6.18 -7.27
C LEU A 21 6.03 -7.29 -7.32
N ASP A 22 6.78 -7.32 -8.41
CA ASP A 22 7.82 -8.32 -8.59
C ASP A 22 8.98 -8.03 -7.62
N GLY A 23 9.18 -6.75 -7.37
CA GLY A 23 10.24 -6.33 -6.48
C GLY A 23 10.03 -6.89 -5.06
N CYS A 24 8.83 -7.42 -4.84
CA CYS A 24 8.49 -7.98 -3.55
C CYS A 24 7.85 -9.35 -3.79
N LYS A 25 8.28 -10.00 -4.86
CA LYS A 25 7.76 -11.31 -5.21
C LYS A 25 8.16 -12.31 -4.12
N ALA A 26 9.12 -11.91 -3.31
CA ALA A 26 9.60 -12.76 -2.23
C ALA A 26 8.91 -12.37 -0.93
N ALA A 27 9.11 -13.18 0.09
CA ALA A 27 8.51 -12.93 1.39
C ALA A 27 9.59 -12.38 2.34
N GLY A 28 9.20 -11.38 3.11
CA GLY A 28 10.11 -10.76 4.06
C GLY A 28 10.98 -9.71 3.37
N SER A 29 10.89 -9.68 2.06
CA SER A 29 11.66 -8.73 1.28
C SER A 29 10.77 -7.57 0.82
N PHE A 30 9.63 -7.45 1.49
CA PHE A 30 8.69 -6.39 1.16
C PHE A 30 8.93 -5.15 2.02
N ASP A 31 9.03 -4.01 1.35
CA ASP A 31 9.27 -2.76 2.02
C ASP A 31 8.36 -1.68 1.43
N HIS A 32 7.22 -1.49 2.07
CA HIS A 32 6.26 -0.50 1.62
C HIS A 32 7.00 0.76 1.16
N LYS A 33 7.77 1.33 2.08
CA LYS A 33 8.53 2.53 1.78
C LYS A 33 9.13 2.41 0.38
N LYS A 34 9.80 1.30 0.14
CA LYS A 34 10.42 1.06 -1.15
C LYS A 34 9.35 1.00 -2.23
N PHE A 35 8.44 0.05 -2.07
CA PHE A 35 7.34 -0.11 -3.02
C PHE A 35 6.81 1.25 -3.49
N PHE A 36 6.27 1.99 -2.53
CA PHE A 36 5.74 3.31 -2.83
C PHE A 36 6.81 4.22 -3.42
N LYS A 37 8.05 3.94 -3.08
CA LYS A 37 9.17 4.72 -3.57
C LYS A 37 9.51 4.27 -4.99
N ALA A 38 9.09 3.06 -5.31
CA ALA A 38 9.35 2.49 -6.63
C ALA A 38 8.37 3.12 -7.64
N CYS A 39 7.09 2.88 -7.40
CA CYS A 39 6.05 3.40 -8.27
C CYS A 39 6.11 4.92 -8.22
N GLY A 40 6.73 5.42 -7.18
CA GLY A 40 6.87 6.86 -7.00
C GLY A 40 5.79 7.40 -6.06
N LEU A 41 4.87 6.51 -5.69
CA LEU A 41 3.78 6.88 -4.81
C LEU A 41 4.32 7.79 -3.69
N SER A 42 5.58 7.58 -3.37
CA SER A 42 6.22 8.37 -2.33
C SER A 42 6.35 9.83 -2.78
N GLY A 43 6.93 9.99 -3.96
CA GLY A 43 7.11 11.32 -4.53
C GLY A 43 5.87 11.79 -5.26
N LYS A 44 4.84 10.95 -5.22
CA LYS A 44 3.58 11.26 -5.88
C LYS A 44 2.91 12.41 -5.14
N SER A 45 1.76 12.82 -5.67
CA SER A 45 1.01 13.92 -5.08
C SER A 45 0.05 13.37 -4.01
N THR A 46 -0.03 14.09 -2.91
CA THR A 46 -0.89 13.68 -1.81
C THR A 46 -2.34 13.55 -2.30
N ASP A 47 -2.59 14.15 -3.46
CA ASP A 47 -3.92 14.11 -4.04
C ASP A 47 -4.23 12.68 -4.49
N GLU A 48 -3.45 12.22 -5.45
CA GLU A 48 -3.63 10.87 -5.98
C GLU A 48 -3.60 9.84 -4.84
N VAL A 49 -2.69 10.08 -3.91
CA VAL A 49 -2.55 9.19 -2.76
C VAL A 49 -3.94 8.80 -2.25
N LYS A 50 -4.76 9.82 -2.04
CA LYS A 50 -6.11 9.60 -1.56
C LYS A 50 -6.83 8.63 -2.50
N LYS A 51 -6.63 8.83 -3.79
CA LYS A 51 -7.26 7.99 -4.79
C LYS A 51 -6.66 6.58 -4.71
N ALA A 52 -5.39 6.54 -4.30
CA ALA A 52 -4.70 5.26 -4.18
C ALA A 52 -5.28 4.48 -3.01
N PHE A 53 -5.54 5.22 -1.93
CA PHE A 53 -6.10 4.61 -0.73
C PHE A 53 -7.39 3.85 -1.05
N ALA A 54 -8.01 4.24 -2.14
CA ALA A 54 -9.25 3.61 -2.57
C ALA A 54 -8.93 2.38 -3.40
N ILE A 55 -7.79 2.44 -4.08
CA ILE A 55 -7.37 1.33 -4.92
C ILE A 55 -7.40 0.03 -4.11
N ILE A 56 -6.71 0.06 -2.99
CA ILE A 56 -6.65 -1.10 -2.10
C ILE A 56 -8.05 -1.36 -1.52
N ASP A 57 -8.44 -0.47 -0.63
CA ASP A 57 -9.74 -0.58 0.02
C ASP A 57 -10.78 -1.01 -1.01
N GLN A 58 -11.15 -2.29 -0.95
CA GLN A 58 -12.12 -2.84 -1.88
C GLN A 58 -13.53 -2.43 -1.46
N ASP A 59 -13.62 -1.91 -0.26
CA ASP A 59 -14.95 -1.46 0.25
C ASP A 59 -14.91 0.04 0.56
N LYS A 60 -13.76 0.55 1.00
CA LYS A 60 -13.65 1.97 1.32
C LYS A 60 -14.53 2.28 2.53
N SER A 61 -14.27 1.57 3.61
CA SER A 61 -15.02 1.77 4.84
C SER A 61 -14.63 3.11 5.49
N GLY A 62 -13.45 3.56 5.14
CA GLY A 62 -12.94 4.82 5.67
C GLY A 62 -11.49 4.69 6.13
N PHE A 63 -11.13 3.46 6.50
CA PHE A 63 -9.78 3.18 6.95
C PHE A 63 -9.30 1.82 6.44
N ILE A 64 -7.97 1.68 6.41
CA ILE A 64 -7.38 0.44 5.95
C ILE A 64 -7.06 -0.45 7.15
N GLU A 65 -8.07 -1.16 7.60
CA GLU A 65 -7.92 -2.06 8.74
C GLU A 65 -6.70 -2.94 8.56
N GLU A 66 -6.17 -3.42 9.67
CA GLU A 66 -5.00 -4.29 9.64
C GLU A 66 -5.19 -5.41 8.62
N GLU A 67 -6.46 -5.73 8.38
CA GLU A 67 -6.80 -6.77 7.43
C GLU A 67 -6.44 -6.34 6.01
N GLU A 68 -6.69 -5.07 5.73
CA GLU A 68 -6.40 -4.52 4.41
C GLU A 68 -4.89 -4.34 4.23
N LEU A 69 -4.25 -3.90 5.31
CA LEU A 69 -2.82 -3.67 5.30
C LEU A 69 -2.12 -4.90 4.71
N LYS A 70 -2.54 -6.06 5.18
CA LYS A 70 -1.96 -7.32 4.71
C LYS A 70 -2.34 -7.52 3.25
N LEU A 71 -3.47 -6.95 2.88
CA LEU A 71 -3.96 -7.06 1.51
C LEU A 71 -3.46 -5.87 0.69
N PHE A 72 -2.34 -5.32 1.12
CA PHE A 72 -1.74 -4.18 0.45
C PHE A 72 -1.17 -4.59 -0.92
N LEU A 73 -1.21 -5.89 -1.17
CA LEU A 73 -0.71 -6.41 -2.43
C LEU A 73 -1.88 -6.75 -3.35
N GLN A 74 -3.04 -6.93 -2.73
CA GLN A 74 -4.24 -7.26 -3.49
C GLN A 74 -4.82 -5.99 -4.12
N ASN A 75 -4.13 -4.88 -3.91
CA ASN A 75 -4.57 -3.61 -4.46
C ASN A 75 -4.14 -3.51 -5.93
N PHE A 76 -2.88 -3.87 -6.15
CA PHE A 76 -2.33 -3.82 -7.50
C PHE A 76 -2.69 -5.09 -8.28
N LYS A 77 -3.57 -5.88 -7.68
CA LYS A 77 -3.99 -7.12 -8.31
C LYS A 77 -5.04 -7.80 -7.42
N ALA A 78 -6.01 -8.42 -8.07
CA ALA A 78 -7.07 -9.10 -7.36
C ALA A 78 -6.69 -10.57 -7.18
N GLY A 79 -5.40 -10.81 -7.06
CA GLY A 79 -4.89 -12.16 -6.88
C GLY A 79 -3.45 -12.14 -6.36
N ALA A 80 -3.13 -11.07 -5.64
CA ALA A 80 -1.79 -10.92 -5.08
C ALA A 80 -1.72 -11.67 -3.75
N ARG A 81 -0.51 -11.75 -3.21
CA ARG A 81 -0.29 -12.43 -1.95
C ARG A 81 -0.77 -11.56 -0.79
N ALA A 82 -0.47 -12.02 0.41
CA ALA A 82 -0.85 -11.30 1.61
C ALA A 82 0.34 -11.22 2.56
N LEU A 83 0.70 -9.99 2.90
CA LEU A 83 1.82 -9.76 3.79
C LEU A 83 1.69 -10.65 5.02
N SER A 84 2.78 -10.75 5.77
CA SER A 84 2.79 -11.57 6.97
C SER A 84 2.62 -10.69 8.21
N ASP A 85 2.48 -11.35 9.35
CA ASP A 85 2.32 -10.64 10.61
C ASP A 85 3.50 -9.70 10.83
N ALA A 86 4.58 -9.99 10.11
CA ALA A 86 5.78 -9.19 10.21
C ALA A 86 5.69 -8.00 9.26
N GLU A 87 5.70 -8.32 7.98
CA GLU A 87 5.62 -7.29 6.94
C GLU A 87 4.50 -6.30 7.28
N THR A 88 3.32 -6.84 7.48
CA THR A 88 2.16 -6.02 7.81
C THR A 88 2.44 -5.18 9.05
N LYS A 89 3.22 -5.75 9.95
CA LYS A 89 3.57 -5.06 11.19
C LYS A 89 4.50 -3.88 10.86
N ALA A 90 5.43 -4.13 9.95
CA ALA A 90 6.37 -3.11 9.54
C ALA A 90 5.64 -2.02 8.78
N PHE A 91 4.63 -2.44 8.02
CA PHE A 91 3.85 -1.51 7.23
C PHE A 91 2.73 -0.89 8.08
N LEU A 92 2.44 -1.54 9.19
CA LEU A 92 1.40 -1.07 10.08
C LEU A 92 1.96 0.03 10.98
N LYS A 93 3.11 -0.27 11.58
CA LYS A 93 3.76 0.69 12.46
C LYS A 93 4.31 1.85 11.63
N ALA A 94 4.49 1.59 10.35
CA ALA A 94 5.00 2.60 9.44
C ALA A 94 4.04 3.78 9.41
N GLY A 95 2.85 3.53 8.88
CA GLY A 95 1.83 4.56 8.79
C GLY A 95 1.15 4.78 10.13
N ASP A 96 0.46 3.75 10.59
CA ASP A 96 -0.24 3.81 11.86
C ASP A 96 0.66 4.44 12.90
N SER A 97 0.19 5.53 13.48
CA SER A 97 0.94 6.23 14.49
C SER A 97 0.49 5.78 15.88
N ASP A 98 -0.79 5.89 16.11
CA ASP A 98 -1.35 5.46 17.43
C ASP A 98 -1.63 3.96 17.43
N GLY A 99 -1.15 3.25 16.41
CA GLY A 99 -1.37 1.82 16.34
C GLY A 99 -2.78 1.45 16.82
N ASP A 100 -3.76 1.83 16.02
CA ASP A 100 -5.15 1.56 16.35
C ASP A 100 -5.65 0.40 15.49
N GLY A 101 -4.70 -0.31 14.89
CA GLY A 101 -5.04 -1.44 14.04
C GLY A 101 -5.66 -0.97 12.72
N LYS A 102 -5.52 0.32 12.46
CA LYS A 102 -6.05 0.90 11.25
C LYS A 102 -5.11 2.00 10.75
N ILE A 103 -5.12 2.20 9.45
CA ILE A 103 -4.28 3.21 8.83
C ILE A 103 -5.14 4.15 7.99
N GLY A 104 -5.20 5.40 8.43
CA GLY A 104 -5.98 6.41 7.71
C GLY A 104 -5.22 6.95 6.51
N ILE A 105 -5.89 7.81 5.76
CA ILE A 105 -5.29 8.40 4.57
C ILE A 105 -4.20 9.38 5.00
N ASP A 106 -4.48 10.10 6.08
CA ASP A 106 -3.54 11.08 6.59
C ASP A 106 -2.30 10.35 7.11
N GLU A 107 -2.48 9.08 7.43
CA GLU A 107 -1.38 8.27 7.94
C GLU A 107 -0.74 7.47 6.80
N PHE A 108 -1.56 7.16 5.80
CA PHE A 108 -1.08 6.41 4.65
C PHE A 108 -0.35 7.33 3.67
N ALA A 109 -0.72 8.60 3.70
CA ALA A 109 -0.11 9.59 2.82
C ALA A 109 1.16 10.12 3.47
N ALA A 110 1.28 9.86 4.76
CA ALA A 110 2.44 10.32 5.51
C ALA A 110 3.60 9.34 5.29
N MET A 111 3.31 8.06 5.49
CA MET A 111 4.32 7.04 5.31
C MET A 111 4.95 7.11 3.92
N ILE A 112 4.25 7.80 3.04
CA ILE A 112 4.73 7.96 1.67
C ILE A 112 5.36 9.35 1.52
N LYS A 113 4.64 10.34 2.03
CA LYS A 113 5.13 11.72 1.95
C LYS A 113 6.52 11.80 2.57
N GLY A 114 6.76 10.93 3.54
CA GLY A 114 8.05 10.90 4.22
C GLY A 114 7.95 10.15 5.55
N SER A 5 -5.14 -6.11 -15.33
CA SER A 5 -6.36 -5.33 -15.16
C SER A 5 -6.53 -4.92 -13.70
N MET A 6 -6.10 -3.70 -13.40
CA MET A 6 -6.19 -3.18 -12.05
C MET A 6 -6.74 -1.74 -12.05
N ALA A 7 -6.83 -1.18 -10.85
CA ALA A 7 -7.33 0.18 -10.71
C ALA A 7 -6.19 1.17 -10.93
N PHE A 8 -5.08 0.93 -10.23
CA PHE A 8 -3.93 1.78 -10.34
C PHE A 8 -3.42 1.84 -11.79
N ALA A 9 -3.89 0.89 -12.58
CA ALA A 9 -3.49 0.81 -13.98
C ALA A 9 -3.76 2.16 -14.64
N SER A 10 -4.63 2.95 -14.02
CA SER A 10 -4.97 4.26 -14.55
C SER A 10 -4.09 5.33 -13.89
N VAL A 11 -3.94 5.20 -12.58
CA VAL A 11 -3.13 6.14 -11.82
C VAL A 11 -1.68 6.05 -12.28
N LEU A 12 -1.10 4.87 -12.08
CA LEU A 12 0.28 4.66 -12.47
C LEU A 12 0.32 3.59 -13.57
N LYS A 13 1.54 3.24 -13.97
CA LYS A 13 1.74 2.24 -15.01
C LYS A 13 1.79 0.85 -14.37
N ASP A 14 0.92 -0.02 -14.83
CA ASP A 14 0.86 -1.37 -14.32
C ASP A 14 2.19 -2.08 -14.62
N ALA A 15 2.95 -1.49 -15.52
CA ALA A 15 4.24 -2.04 -15.91
C ALA A 15 5.31 -1.56 -14.92
N GLU A 16 4.98 -0.49 -14.22
CA GLU A 16 5.90 0.08 -13.24
C GLU A 16 5.71 -0.59 -11.88
N VAL A 17 4.53 -0.36 -11.30
CA VAL A 17 4.22 -0.94 -10.01
C VAL A 17 4.65 -2.40 -9.98
N THR A 18 4.65 -3.01 -11.16
CA THR A 18 5.04 -4.41 -11.29
C THR A 18 6.32 -4.68 -10.49
N ALA A 19 7.32 -3.84 -10.74
CA ALA A 19 8.59 -3.97 -10.05
C ALA A 19 8.36 -3.94 -8.54
N ALA A 20 7.34 -3.20 -8.15
CA ALA A 20 7.00 -3.08 -6.74
C ALA A 20 6.34 -4.36 -6.26
N LEU A 21 5.75 -5.08 -7.21
CA LEU A 21 5.09 -6.34 -6.91
C LEU A 21 6.12 -7.46 -6.88
N ASP A 22 7.12 -7.33 -7.74
CA ASP A 22 8.17 -8.33 -7.83
C ASP A 22 9.30 -7.95 -6.88
N GLY A 23 9.30 -6.69 -6.47
CA GLY A 23 10.32 -6.19 -5.56
C GLY A 23 10.15 -6.79 -4.17
N CYS A 24 9.07 -7.54 -4.00
CA CYS A 24 8.78 -8.16 -2.73
C CYS A 24 8.30 -9.59 -2.99
N LYS A 25 8.68 -10.10 -4.15
CA LYS A 25 8.30 -11.45 -4.54
C LYS A 25 8.79 -12.44 -3.47
N ALA A 26 9.77 -11.99 -2.70
CA ALA A 26 10.33 -12.81 -1.65
C ALA A 26 9.60 -12.53 -0.34
N ALA A 27 9.49 -13.57 0.49
CA ALA A 27 8.82 -13.44 1.77
C ALA A 27 9.75 -12.74 2.76
N GLY A 28 9.14 -12.12 3.76
CA GLY A 28 9.90 -11.40 4.77
C GLY A 28 10.96 -10.50 4.14
N SER A 29 10.71 -10.15 2.88
CA SER A 29 11.62 -9.29 2.15
C SER A 29 10.85 -8.17 1.44
N PHE A 30 9.63 -7.94 1.93
CA PHE A 30 8.78 -6.92 1.35
C PHE A 30 9.08 -5.55 1.98
N ASP A 31 9.15 -4.54 1.11
CA ASP A 31 9.43 -3.19 1.55
C ASP A 31 8.35 -2.25 1.03
N HIS A 32 7.54 -1.75 1.95
CA HIS A 32 6.46 -0.83 1.60
C HIS A 32 7.05 0.47 1.06
N LYS A 33 7.86 1.11 1.90
CA LYS A 33 8.49 2.36 1.51
C LYS A 33 9.02 2.25 0.08
N LYS A 34 9.75 1.16 -0.16
CA LYS A 34 10.32 0.92 -1.48
C LYS A 34 9.19 0.81 -2.51
N PHE A 35 8.22 -0.04 -2.19
CA PHE A 35 7.09 -0.25 -3.07
C PHE A 35 6.54 1.09 -3.58
N PHE A 36 6.04 1.87 -2.65
CA PHE A 36 5.48 3.17 -2.99
C PHE A 36 6.43 3.95 -3.90
N LYS A 37 7.71 3.66 -3.76
CA LYS A 37 8.73 4.33 -4.56
C LYS A 37 8.70 3.76 -5.98
N ALA A 38 8.98 2.47 -6.08
CA ALA A 38 8.99 1.80 -7.35
C ALA A 38 7.63 1.99 -8.04
N CYS A 39 6.63 2.30 -7.23
CA CYS A 39 5.29 2.51 -7.74
C CYS A 39 5.16 3.99 -8.14
N GLY A 40 5.97 4.81 -7.50
CA GLY A 40 5.95 6.24 -7.77
C GLY A 40 5.14 6.99 -6.73
N LEU A 41 4.29 6.23 -6.03
CA LEU A 41 3.44 6.81 -5.00
C LEU A 41 4.28 7.74 -4.13
N SER A 42 5.35 7.19 -3.57
CA SER A 42 6.23 7.95 -2.72
C SER A 42 6.79 9.16 -3.47
N GLY A 43 6.22 10.31 -3.20
CA GLY A 43 6.64 11.54 -3.85
C GLY A 43 5.48 12.20 -4.60
N LYS A 44 4.53 11.37 -4.99
CA LYS A 44 3.37 11.87 -5.71
C LYS A 44 2.69 12.97 -4.89
N SER A 45 1.52 13.36 -5.35
CA SER A 45 0.77 14.42 -4.68
C SER A 45 -0.14 13.81 -3.61
N THR A 46 -0.17 14.47 -2.46
CA THR A 46 -1.00 14.00 -1.36
C THR A 46 -2.46 13.90 -1.78
N ASP A 47 -2.76 14.54 -2.90
CA ASP A 47 -4.12 14.53 -3.43
C ASP A 47 -4.44 13.13 -3.95
N GLU A 48 -3.66 12.72 -4.94
CA GLU A 48 -3.85 11.41 -5.54
C GLU A 48 -3.73 10.30 -4.48
N VAL A 49 -2.77 10.51 -3.58
CA VAL A 49 -2.53 9.55 -2.52
C VAL A 49 -3.88 9.03 -1.99
N LYS A 50 -4.77 9.98 -1.72
CA LYS A 50 -6.08 9.65 -1.21
C LYS A 50 -6.81 8.75 -2.22
N LYS A 51 -6.76 9.18 -3.47
CA LYS A 51 -7.41 8.43 -4.54
C LYS A 51 -6.73 7.06 -4.68
N ALA A 52 -5.51 6.99 -4.17
CA ALA A 52 -4.75 5.75 -4.22
C ALA A 52 -5.20 4.83 -3.10
N PHE A 53 -5.55 5.45 -1.97
CA PHE A 53 -6.01 4.69 -0.81
C PHE A 53 -7.34 4.01 -1.09
N ALA A 54 -8.05 4.55 -2.08
CA ALA A 54 -9.35 4.01 -2.45
C ALA A 54 -9.16 2.85 -3.43
N ILE A 55 -7.90 2.63 -3.79
CA ILE A 55 -7.56 1.56 -4.72
C ILE A 55 -7.46 0.24 -3.95
N ILE A 56 -6.62 0.26 -2.93
CA ILE A 56 -6.41 -0.92 -2.11
C ILE A 56 -7.71 -1.26 -1.38
N ASP A 57 -8.32 -0.23 -0.81
CA ASP A 57 -9.57 -0.41 -0.08
C ASP A 57 -10.67 -0.83 -1.05
N GLN A 58 -10.99 -2.11 -1.00
CA GLN A 58 -12.02 -2.66 -1.87
C GLN A 58 -13.36 -2.74 -1.13
N ASP A 59 -13.27 -2.57 0.17
CA ASP A 59 -14.50 -2.62 1.00
C ASP A 59 -14.90 -1.21 1.43
N LYS A 60 -14.04 -0.23 1.21
CA LYS A 60 -14.33 1.13 1.59
C LYS A 60 -15.05 1.14 2.95
N SER A 61 -14.41 0.48 3.91
CA SER A 61 -14.96 0.40 5.25
C SER A 61 -14.70 1.70 6.00
N GLY A 62 -13.59 2.34 5.66
CA GLY A 62 -13.22 3.59 6.29
C GLY A 62 -11.72 3.65 6.58
N PHE A 63 -11.26 2.64 7.30
CA PHE A 63 -9.85 2.56 7.65
C PHE A 63 -9.27 1.21 7.26
N ILE A 64 -8.06 1.25 6.73
CA ILE A 64 -7.38 0.04 6.30
C ILE A 64 -6.85 -0.70 7.53
N GLU A 65 -7.68 -1.61 8.03
CA GLU A 65 -7.33 -2.39 9.20
C GLU A 65 -6.06 -3.21 8.92
N GLU A 66 -5.43 -3.65 10.00
CA GLU A 66 -4.22 -4.45 9.88
C GLU A 66 -4.45 -5.64 8.95
N GLU A 67 -5.71 -6.04 8.86
CA GLU A 67 -6.08 -7.16 8.02
C GLU A 67 -6.05 -6.75 6.54
N GLU A 68 -6.34 -5.47 6.32
CA GLU A 68 -6.35 -4.95 4.97
C GLU A 68 -4.96 -4.43 4.59
N LEU A 69 -4.11 -4.31 5.60
CA LEU A 69 -2.76 -3.84 5.39
C LEU A 69 -1.99 -4.87 4.56
N LYS A 70 -2.09 -6.12 4.98
CA LYS A 70 -1.41 -7.20 4.28
C LYS A 70 -1.93 -7.29 2.85
N LEU A 71 -3.06 -6.62 2.62
CA LEU A 71 -3.67 -6.61 1.31
C LEU A 71 -3.17 -5.40 0.51
N PHE A 72 -1.96 -4.97 0.86
CA PHE A 72 -1.36 -3.82 0.20
C PHE A 72 -0.82 -4.21 -1.17
N LEU A 73 -1.02 -5.47 -1.53
CA LEU A 73 -0.56 -5.97 -2.80
C LEU A 73 -1.76 -6.44 -3.63
N GLN A 74 -2.92 -6.44 -2.98
CA GLN A 74 -4.15 -6.85 -3.64
C GLN A 74 -4.82 -5.64 -4.32
N ASN A 75 -4.16 -4.51 -4.21
CA ASN A 75 -4.67 -3.28 -4.80
C ASN A 75 -4.25 -3.21 -6.27
N PHE A 76 -2.98 -3.51 -6.50
CA PHE A 76 -2.44 -3.49 -7.85
C PHE A 76 -2.77 -4.78 -8.59
N LYS A 77 -3.57 -5.62 -7.94
CA LYS A 77 -3.96 -6.89 -8.53
C LYS A 77 -4.86 -7.64 -7.55
N ALA A 78 -5.64 -8.55 -8.09
CA ALA A 78 -6.56 -9.35 -7.29
C ALA A 78 -6.03 -10.77 -7.18
N GLY A 79 -4.72 -10.89 -7.33
CA GLY A 79 -4.07 -12.20 -7.26
C GLY A 79 -2.72 -12.10 -6.54
N ALA A 80 -2.51 -10.98 -5.89
CA ALA A 80 -1.28 -10.74 -5.17
C ALA A 80 -1.40 -11.30 -3.75
N ARG A 81 -0.31 -11.87 -3.27
CA ARG A 81 -0.28 -12.44 -1.94
C ARG A 81 -0.57 -11.37 -0.90
N ALA A 82 -0.44 -11.76 0.37
CA ALA A 82 -0.67 -10.83 1.46
C ALA A 82 0.52 -10.87 2.42
N LEU A 83 1.07 -9.68 2.67
CA LEU A 83 2.22 -9.56 3.56
C LEU A 83 1.95 -10.38 4.83
N SER A 84 3.04 -10.95 5.35
CA SER A 84 2.94 -11.75 6.56
C SER A 84 2.53 -10.88 7.74
N ASP A 85 1.83 -11.50 8.68
CA ASP A 85 1.38 -10.80 9.87
C ASP A 85 2.48 -9.85 10.36
N ALA A 86 3.72 -10.27 10.10
CA ALA A 86 4.87 -9.48 10.50
C ALA A 86 5.10 -8.36 9.48
N GLU A 87 5.26 -8.78 8.23
CA GLU A 87 5.50 -7.84 7.16
C GLU A 87 4.48 -6.70 7.22
N THR A 88 3.33 -7.01 7.79
CA THR A 88 2.27 -6.03 7.92
C THR A 88 2.44 -5.21 9.20
N LYS A 89 3.05 -5.85 10.19
CA LYS A 89 3.28 -5.20 11.46
C LYS A 89 4.11 -3.93 11.24
N ALA A 90 5.19 -4.09 10.50
CA ALA A 90 6.07 -2.98 10.20
C ALA A 90 5.36 -2.01 9.25
N PHE A 91 4.30 -2.52 8.63
CA PHE A 91 3.53 -1.71 7.69
C PHE A 91 2.49 -0.86 8.43
N LEU A 92 2.19 -1.29 9.65
CA LEU A 92 1.20 -0.58 10.46
C LEU A 92 1.89 0.59 11.17
N LYS A 93 2.81 0.23 12.07
CA LYS A 93 3.53 1.24 12.83
C LYS A 93 4.26 2.17 11.86
N ALA A 94 4.42 1.68 10.63
CA ALA A 94 5.11 2.46 9.61
C ALA A 94 4.30 3.72 9.31
N GLY A 95 3.11 3.51 8.76
CA GLY A 95 2.23 4.61 8.42
C GLY A 95 1.35 5.01 9.61
N ASP A 96 0.74 3.99 10.21
CA ASP A 96 -0.13 4.21 11.36
C ASP A 96 0.69 4.85 12.49
N SER A 97 0.81 6.17 12.41
CA SER A 97 1.55 6.90 13.42
C SER A 97 0.76 6.95 14.73
N ASP A 98 -0.45 7.42 14.63
CA ASP A 98 -1.32 7.52 15.83
C ASP A 98 -1.54 6.11 16.43
N GLY A 99 -1.34 5.08 15.63
CA GLY A 99 -1.53 3.71 16.12
C GLY A 99 -2.86 3.58 16.86
N ASP A 100 -3.94 3.64 16.10
CA ASP A 100 -5.27 3.53 16.67
C ASP A 100 -5.79 2.11 16.45
N GLY A 101 -5.16 1.42 15.51
CA GLY A 101 -5.55 0.05 15.20
C GLY A 101 -5.93 -0.08 13.73
N LYS A 102 -5.73 1.01 12.99
CA LYS A 102 -6.05 1.03 11.58
C LYS A 102 -5.12 2.01 10.86
N ILE A 103 -5.33 2.13 9.55
CA ILE A 103 -4.52 3.03 8.75
C ILE A 103 -5.43 3.81 7.80
N GLY A 104 -5.60 5.09 8.12
CA GLY A 104 -6.44 5.94 7.30
C GLY A 104 -5.66 6.53 6.13
N ILE A 105 -6.21 7.59 5.55
CA ILE A 105 -5.57 8.24 4.43
C ILE A 105 -4.43 9.14 4.94
N ASP A 106 -4.78 9.97 5.91
CA ASP A 106 -3.80 10.89 6.48
C ASP A 106 -2.57 10.08 6.93
N GLU A 107 -2.81 8.82 7.25
CA GLU A 107 -1.74 7.95 7.70
C GLU A 107 -1.08 7.26 6.50
N PHE A 108 -1.93 6.77 5.60
CA PHE A 108 -1.45 6.09 4.40
C PHE A 108 -0.57 7.02 3.57
N ALA A 109 -0.86 8.31 3.66
CA ALA A 109 -0.10 9.31 2.93
C ALA A 109 1.12 9.72 3.74
N ALA A 110 1.17 9.22 4.97
CA ALA A 110 2.28 9.53 5.86
C ALA A 110 3.45 8.61 5.55
N MET A 111 3.17 7.31 5.58
CA MET A 111 4.19 6.31 5.29
C MET A 111 4.89 6.61 3.96
N ILE A 112 4.20 7.35 3.12
CA ILE A 112 4.74 7.71 1.82
C ILE A 112 5.36 9.10 1.90
N LYS A 113 4.65 10.01 2.56
CA LYS A 113 5.12 11.37 2.71
C LYS A 113 6.39 11.37 3.55
N GLY A 114 6.60 10.28 4.26
CA GLY A 114 7.77 10.13 5.11
C GLY A 114 8.78 9.17 4.50
N SER A 5 -9.22 -5.45 -12.13
CA SER A 5 -8.67 -5.43 -10.78
C SER A 5 -7.67 -4.29 -10.65
N MET A 6 -6.49 -4.50 -11.22
CA MET A 6 -5.43 -3.51 -11.17
C MET A 6 -5.99 -2.12 -11.46
N ALA A 7 -6.30 -1.40 -10.39
CA ALA A 7 -6.83 -0.06 -10.52
C ALA A 7 -5.69 0.92 -10.79
N PHE A 8 -4.61 0.76 -10.04
CA PHE A 8 -3.45 1.61 -10.20
C PHE A 8 -2.98 1.64 -11.66
N ALA A 9 -3.41 0.64 -12.40
CA ALA A 9 -3.04 0.53 -13.80
C ALA A 9 -3.40 1.84 -14.51
N SER A 10 -4.32 2.58 -13.91
CA SER A 10 -4.75 3.84 -14.47
C SER A 10 -4.02 5.00 -13.78
N VAL A 11 -3.95 4.91 -12.46
CA VAL A 11 -3.29 5.94 -11.67
C VAL A 11 -1.80 5.98 -12.04
N LEU A 12 -1.13 4.86 -11.76
CA LEU A 12 0.28 4.75 -12.06
C LEU A 12 0.47 3.85 -13.27
N LYS A 13 1.74 3.62 -13.61
CA LYS A 13 2.08 2.78 -14.75
C LYS A 13 2.10 1.32 -14.30
N ASP A 14 1.39 0.50 -15.05
CA ASP A 14 1.33 -0.94 -14.75
C ASP A 14 2.75 -1.50 -14.69
N ALA A 15 3.61 -0.93 -15.52
CA ALA A 15 5.00 -1.37 -15.57
C ALA A 15 5.74 -0.82 -14.35
N GLU A 16 5.21 0.26 -13.81
CA GLU A 16 5.81 0.88 -12.64
C GLU A 16 5.46 0.11 -11.37
N VAL A 17 4.16 -0.13 -11.21
CA VAL A 17 3.66 -0.84 -10.05
C VAL A 17 4.12 -2.31 -10.14
N THR A 18 4.21 -2.79 -11.37
CA THR A 18 4.62 -4.16 -11.60
C THR A 18 5.97 -4.43 -10.92
N ALA A 19 6.92 -3.55 -11.19
CA ALA A 19 8.25 -3.67 -10.63
C ALA A 19 8.15 -3.59 -9.10
N ALA A 20 7.04 -3.04 -8.64
CA ALA A 20 6.82 -2.90 -7.21
C ALA A 20 6.19 -4.18 -6.67
N LEU A 21 5.44 -4.85 -7.54
CA LEU A 21 4.77 -6.08 -7.16
C LEU A 21 5.80 -7.21 -7.09
N ASP A 22 6.79 -7.12 -7.97
CA ASP A 22 7.84 -8.13 -8.02
C ASP A 22 8.91 -7.78 -6.98
N GLY A 23 8.93 -6.52 -6.58
CA GLY A 23 9.89 -6.05 -5.60
C GLY A 23 9.64 -6.68 -4.23
N CYS A 24 8.52 -7.38 -4.14
CA CYS A 24 8.14 -8.04 -2.90
C CYS A 24 7.63 -9.45 -3.22
N LYS A 25 8.14 -9.97 -4.33
CA LYS A 25 7.74 -11.31 -4.77
C LYS A 25 8.00 -12.31 -3.63
N ALA A 26 9.18 -12.18 -3.04
CA ALA A 26 9.55 -13.06 -1.95
C ALA A 26 8.71 -12.74 -0.72
N ALA A 27 9.04 -13.41 0.38
CA ALA A 27 8.32 -13.20 1.62
C ALA A 27 9.27 -12.62 2.66
N GLY A 28 8.80 -11.59 3.34
CA GLY A 28 9.59 -10.92 4.36
C GLY A 28 10.48 -9.85 3.76
N SER A 29 10.62 -9.91 2.43
CA SER A 29 11.44 -8.95 1.71
C SER A 29 10.61 -7.73 1.34
N PHE A 30 9.31 -7.82 1.61
CA PHE A 30 8.40 -6.74 1.30
C PHE A 30 8.89 -5.42 1.91
N ASP A 31 9.02 -4.42 1.05
CA ASP A 31 9.48 -3.12 1.50
C ASP A 31 8.52 -2.04 0.98
N HIS A 32 7.43 -1.87 1.70
CA HIS A 32 6.43 -0.89 1.33
C HIS A 32 7.13 0.38 0.83
N LYS A 33 7.88 1.00 1.72
CA LYS A 33 8.60 2.21 1.39
C LYS A 33 9.19 2.09 -0.01
N LYS A 34 9.92 1.00 -0.21
CA LYS A 34 10.55 0.74 -1.50
C LYS A 34 9.47 0.74 -2.60
N PHE A 35 8.37 0.07 -2.30
CA PHE A 35 7.27 -0.01 -3.24
C PHE A 35 6.83 1.38 -3.70
N PHE A 36 6.34 2.15 -2.74
CA PHE A 36 5.89 3.49 -3.03
C PHE A 36 7.02 4.34 -3.63
N LYS A 37 8.24 4.00 -3.24
CA LYS A 37 9.41 4.71 -3.74
C LYS A 37 9.75 4.21 -5.14
N ALA A 38 9.24 3.03 -5.45
CA ALA A 38 9.49 2.43 -6.75
C ALA A 38 8.53 3.02 -7.78
N CYS A 39 7.24 2.88 -7.49
CA CYS A 39 6.21 3.38 -8.37
C CYS A 39 6.30 4.91 -8.39
N GLY A 40 6.82 5.45 -7.29
CA GLY A 40 6.97 6.89 -7.17
C GLY A 40 5.90 7.48 -6.25
N LEU A 41 4.97 6.62 -5.84
CA LEU A 41 3.90 7.04 -4.97
C LEU A 41 4.46 7.90 -3.84
N SER A 42 5.71 7.64 -3.52
CA SER A 42 6.39 8.38 -2.46
C SER A 42 6.56 9.85 -2.87
N GLY A 43 6.96 10.03 -4.12
CA GLY A 43 7.16 11.37 -4.65
C GLY A 43 5.90 11.88 -5.36
N LYS A 44 4.84 11.09 -5.24
CA LYS A 44 3.58 11.45 -5.86
C LYS A 44 2.93 12.59 -5.07
N SER A 45 1.75 12.99 -5.53
CA SER A 45 1.02 14.06 -4.88
C SER A 45 -0.03 13.48 -3.93
N THR A 46 -0.13 14.10 -2.76
CA THR A 46 -1.08 13.67 -1.76
C THR A 46 -2.48 13.59 -2.36
N ASP A 47 -2.66 14.29 -3.46
CA ASP A 47 -3.95 14.33 -4.14
C ASP A 47 -4.29 12.91 -4.63
N GLU A 48 -3.43 12.39 -5.48
CA GLU A 48 -3.62 11.06 -6.02
C GLU A 48 -3.62 10.02 -4.90
N VAL A 49 -2.73 10.24 -3.93
CA VAL A 49 -2.62 9.33 -2.80
C VAL A 49 -4.02 8.93 -2.33
N LYS A 50 -4.87 9.95 -2.16
CA LYS A 50 -6.22 9.71 -1.71
C LYS A 50 -6.92 8.77 -2.69
N LYS A 51 -6.77 9.07 -3.97
CA LYS A 51 -7.37 8.26 -5.01
C LYS A 51 -6.70 6.88 -5.04
N ALA A 52 -5.50 6.83 -4.48
CA ALA A 52 -4.75 5.58 -4.43
C ALA A 52 -5.23 4.76 -3.23
N PHE A 53 -5.61 5.46 -2.18
CA PHE A 53 -6.08 4.80 -0.98
C PHE A 53 -7.36 4.00 -1.25
N ALA A 54 -8.04 4.39 -2.32
CA ALA A 54 -9.27 3.72 -2.70
C ALA A 54 -8.94 2.48 -3.55
N ILE A 55 -7.72 2.47 -4.06
CA ILE A 55 -7.26 1.36 -4.88
C ILE A 55 -7.20 0.10 -4.03
N ILE A 56 -6.57 0.23 -2.86
CA ILE A 56 -6.43 -0.88 -1.95
C ILE A 56 -7.76 -1.11 -1.23
N ASP A 57 -8.12 -0.15 -0.41
CA ASP A 57 -9.36 -0.23 0.35
C ASP A 57 -10.46 -0.82 -0.54
N GLN A 58 -10.75 -2.10 -0.31
CA GLN A 58 -11.76 -2.78 -1.09
C GLN A 58 -13.11 -2.72 -0.36
N ASP A 59 -13.09 -3.10 0.89
CA ASP A 59 -14.33 -3.08 1.71
C ASP A 59 -14.86 -1.64 1.81
N LYS A 60 -13.98 -0.66 1.75
CA LYS A 60 -14.40 0.73 1.86
C LYS A 60 -14.88 1.01 3.29
N SER A 61 -14.37 0.19 4.21
CA SER A 61 -14.75 0.33 5.61
C SER A 61 -14.43 1.76 6.09
N GLY A 62 -13.59 2.43 5.32
CA GLY A 62 -13.21 3.79 5.65
C GLY A 62 -11.84 3.83 6.33
N PHE A 63 -11.48 2.71 6.93
CA PHE A 63 -10.21 2.59 7.61
C PHE A 63 -9.50 1.29 7.26
N ILE A 64 -8.30 1.43 6.70
CA ILE A 64 -7.52 0.27 6.31
C ILE A 64 -7.03 -0.45 7.56
N GLU A 65 -7.81 -1.42 7.99
CA GLU A 65 -7.47 -2.19 9.19
C GLU A 65 -6.19 -3.01 8.93
N GLU A 66 -5.57 -3.42 10.02
CA GLU A 66 -4.35 -4.20 9.94
C GLU A 66 -4.49 -5.30 8.89
N GLU A 67 -5.72 -5.81 8.77
CA GLU A 67 -6.00 -6.85 7.81
C GLU A 67 -5.87 -6.32 6.38
N GLU A 68 -6.34 -5.09 6.20
CA GLU A 68 -6.28 -4.46 4.89
C GLU A 68 -4.83 -4.17 4.51
N LEU A 69 -4.06 -3.73 5.50
CA LEU A 69 -2.67 -3.41 5.27
C LEU A 69 -1.96 -4.62 4.65
N LYS A 70 -2.20 -5.78 5.26
CA LYS A 70 -1.59 -7.01 4.78
C LYS A 70 -2.07 -7.28 3.35
N LEU A 71 -3.12 -6.58 2.97
CA LEU A 71 -3.67 -6.73 1.63
C LEU A 71 -3.21 -5.56 0.75
N PHE A 72 -2.05 -5.03 1.11
CA PHE A 72 -1.49 -3.92 0.37
C PHE A 72 -0.98 -4.37 -1.00
N LEU A 73 -1.07 -5.67 -1.22
CA LEU A 73 -0.63 -6.25 -2.49
C LEU A 73 -1.85 -6.59 -3.35
N GLN A 74 -2.98 -6.74 -2.67
CA GLN A 74 -4.22 -7.06 -3.35
C GLN A 74 -4.81 -5.82 -4.01
N ASN A 75 -4.08 -4.72 -3.86
CA ASN A 75 -4.53 -3.45 -4.43
C ASN A 75 -4.17 -3.41 -5.92
N PHE A 76 -2.93 -3.76 -6.20
CA PHE A 76 -2.44 -3.77 -7.57
C PHE A 76 -2.88 -5.04 -8.30
N LYS A 77 -3.70 -5.82 -7.61
CA LYS A 77 -4.19 -7.06 -8.18
C LYS A 77 -5.21 -7.69 -7.22
N ALA A 78 -6.23 -8.30 -7.81
CA ALA A 78 -7.26 -8.94 -7.02
C ALA A 78 -6.90 -10.41 -6.80
N GLY A 79 -5.62 -10.69 -6.90
CA GLY A 79 -5.13 -12.04 -6.72
C GLY A 79 -3.70 -12.04 -6.16
N ALA A 80 -3.34 -10.91 -5.57
CA ALA A 80 -2.01 -10.77 -4.99
C ALA A 80 -1.95 -11.53 -3.67
N ARG A 81 -0.75 -11.70 -3.16
CA ARG A 81 -0.54 -12.40 -1.90
C ARG A 81 -0.84 -11.47 -0.73
N ALA A 82 -0.50 -11.95 0.46
CA ALA A 82 -0.72 -11.19 1.67
C ALA A 82 0.58 -11.06 2.45
N LEU A 83 0.87 -9.85 2.89
CA LEU A 83 2.09 -9.59 3.64
C LEU A 83 2.14 -10.51 4.86
N SER A 84 3.33 -10.63 5.43
CA SER A 84 3.52 -11.48 6.59
C SER A 84 2.99 -10.77 7.85
N ASP A 85 2.70 -11.57 8.86
CA ASP A 85 2.19 -11.04 10.11
C ASP A 85 3.13 -9.95 10.62
N ALA A 86 4.37 -10.03 10.17
CA ALA A 86 5.37 -9.05 10.57
C ALA A 86 5.31 -7.84 9.62
N GLU A 87 5.47 -8.14 8.34
CA GLU A 87 5.45 -7.10 7.33
C GLU A 87 4.29 -6.12 7.60
N THR A 88 3.12 -6.70 7.84
CA THR A 88 1.94 -5.90 8.11
C THR A 88 2.15 -5.05 9.38
N LYS A 89 2.90 -5.62 10.31
CA LYS A 89 3.17 -4.93 11.56
C LYS A 89 4.13 -3.77 11.28
N ALA A 90 5.12 -4.03 10.44
CA ALA A 90 6.09 -3.01 10.09
C ALA A 90 5.43 -1.94 9.23
N PHE A 91 4.46 -2.39 8.43
CA PHE A 91 3.74 -1.48 7.56
C PHE A 91 2.52 -0.88 8.27
N LEU A 92 2.18 -1.48 9.40
CA LEU A 92 1.05 -1.02 10.19
C LEU A 92 1.49 0.13 11.08
N LYS A 93 2.64 -0.05 11.72
CA LYS A 93 3.18 0.96 12.61
C LYS A 93 3.85 2.05 11.78
N ALA A 94 4.43 1.64 10.67
CA ALA A 94 5.11 2.57 9.78
C ALA A 94 4.15 3.70 9.42
N GLY A 95 2.94 3.32 9.04
CA GLY A 95 1.92 4.29 8.66
C GLY A 95 1.11 4.72 9.88
N ASP A 96 0.53 3.72 10.54
CA ASP A 96 -0.30 3.98 11.72
C ASP A 96 0.60 4.42 12.87
N SER A 97 0.44 5.66 13.27
CA SER A 97 1.23 6.21 14.36
C SER A 97 0.41 6.21 15.65
N ASP A 98 -0.87 6.38 15.50
CA ASP A 98 -1.78 6.39 16.67
C ASP A 98 -1.98 4.97 17.20
N GLY A 99 -1.57 3.97 16.43
CA GLY A 99 -1.72 2.59 16.86
C GLY A 99 -3.15 2.32 17.33
N ASP A 100 -4.10 2.56 16.43
CA ASP A 100 -5.50 2.34 16.75
C ASP A 100 -5.95 0.98 16.20
N GLY A 101 -5.21 0.52 15.20
CA GLY A 101 -5.51 -0.76 14.58
C GLY A 101 -5.90 -0.59 13.12
N LYS A 102 -6.01 0.68 12.71
CA LYS A 102 -6.38 1.00 11.35
C LYS A 102 -5.45 2.09 10.82
N ILE A 103 -5.47 2.26 9.50
CA ILE A 103 -4.64 3.26 8.87
C ILE A 103 -5.51 4.12 7.94
N GLY A 104 -5.72 5.36 8.35
CA GLY A 104 -6.53 6.28 7.57
C GLY A 104 -5.77 6.76 6.34
N ILE A 105 -6.34 7.78 5.69
CA ILE A 105 -5.71 8.34 4.50
C ILE A 105 -4.56 9.26 4.92
N ASP A 106 -4.88 10.18 5.81
CA ASP A 106 -3.88 11.13 6.30
C ASP A 106 -2.63 10.36 6.74
N GLU A 107 -2.86 9.12 7.16
CA GLU A 107 -1.76 8.28 7.61
C GLU A 107 -1.14 7.54 6.43
N PHE A 108 -2.01 7.01 5.58
CA PHE A 108 -1.57 6.27 4.41
C PHE A 108 -0.69 7.16 3.51
N ALA A 109 -1.00 8.44 3.53
CA ALA A 109 -0.25 9.40 2.71
C ALA A 109 0.97 9.87 3.50
N ALA A 110 1.04 9.43 4.75
CA ALA A 110 2.16 9.80 5.61
C ALA A 110 3.34 8.87 5.35
N MET A 111 3.06 7.58 5.45
CA MET A 111 4.09 6.57 5.23
C MET A 111 4.78 6.79 3.89
N ILE A 112 4.09 7.49 3.01
CA ILE A 112 4.63 7.77 1.68
C ILE A 112 5.25 9.17 1.68
N LYS A 113 4.54 10.10 2.30
CA LYS A 113 5.01 11.47 2.37
C LYS A 113 6.31 11.52 3.18
N GLY A 114 6.51 10.48 3.97
CA GLY A 114 7.71 10.38 4.79
C GLY A 114 8.49 9.10 4.48
N SER A 5 -8.95 -6.12 -8.85
CA SER A 5 -8.47 -5.86 -10.20
C SER A 5 -7.43 -4.76 -10.19
N MET A 6 -6.50 -4.84 -11.13
CA MET A 6 -5.44 -3.84 -11.24
C MET A 6 -6.02 -2.46 -11.50
N ALA A 7 -6.38 -1.79 -10.42
CA ALA A 7 -6.95 -0.44 -10.52
C ALA A 7 -5.83 0.55 -10.84
N PHE A 8 -4.71 0.38 -10.16
CA PHE A 8 -3.57 1.25 -10.36
C PHE A 8 -3.09 1.20 -11.81
N ALA A 9 -3.57 0.19 -12.52
CA ALA A 9 -3.21 0.02 -13.92
C ALA A 9 -3.44 1.33 -14.67
N SER A 10 -4.32 2.15 -14.10
CA SER A 10 -4.65 3.44 -14.70
C SER A 10 -3.90 4.56 -13.99
N VAL A 11 -3.81 4.42 -12.67
CA VAL A 11 -3.13 5.42 -11.86
C VAL A 11 -1.65 5.45 -12.24
N LEU A 12 -1.00 4.32 -12.01
CA LEU A 12 0.42 4.21 -12.33
C LEU A 12 0.60 3.27 -13.53
N LYS A 13 1.86 3.11 -13.94
CA LYS A 13 2.17 2.25 -15.06
C LYS A 13 2.19 0.80 -14.59
N ASP A 14 1.31 0.01 -15.19
CA ASP A 14 1.22 -1.41 -14.84
C ASP A 14 2.62 -2.03 -14.87
N ALA A 15 3.46 -1.47 -15.71
CA ALA A 15 4.83 -1.95 -15.84
C ALA A 15 5.66 -1.45 -14.65
N GLU A 16 5.34 -0.24 -14.22
CA GLU A 16 6.05 0.36 -13.09
C GLU A 16 5.68 -0.36 -11.79
N VAL A 17 4.39 -0.31 -11.47
CA VAL A 17 3.89 -0.95 -10.27
C VAL A 17 4.33 -2.42 -10.25
N THR A 18 4.27 -3.04 -11.42
CA THR A 18 4.65 -4.43 -11.56
C THR A 18 5.97 -4.69 -10.85
N ALA A 19 6.96 -3.87 -11.19
CA ALA A 19 8.28 -4.00 -10.60
C ALA A 19 8.18 -3.76 -9.09
N ALA A 20 7.16 -3.01 -8.71
CA ALA A 20 6.95 -2.69 -7.31
C ALA A 20 6.35 -3.91 -6.61
N LEU A 21 5.74 -4.77 -7.40
CA LEU A 21 5.13 -5.98 -6.87
C LEU A 21 6.18 -7.07 -6.75
N ASP A 22 7.02 -7.16 -7.77
CA ASP A 22 8.08 -8.16 -7.80
C ASP A 22 9.16 -7.76 -6.78
N GLY A 23 9.11 -6.51 -6.36
CA GLY A 23 10.07 -6.00 -5.40
C GLY A 23 9.72 -6.45 -3.98
N CYS A 24 8.45 -6.76 -3.79
CA CYS A 24 7.96 -7.20 -2.49
C CYS A 24 7.65 -8.69 -2.57
N LYS A 25 7.43 -9.15 -3.80
CA LYS A 25 7.12 -10.55 -4.03
C LYS A 25 7.99 -11.42 -3.12
N ALA A 26 9.18 -10.90 -2.82
CA ALA A 26 10.10 -11.62 -1.98
C ALA A 26 9.57 -11.65 -0.54
N ALA A 27 8.89 -12.74 -0.21
CA ALA A 27 8.32 -12.90 1.11
C ALA A 27 9.32 -12.40 2.16
N GLY A 28 8.79 -11.72 3.16
CA GLY A 28 9.62 -11.19 4.22
C GLY A 28 10.64 -10.18 3.68
N SER A 29 10.33 -9.66 2.49
CA SER A 29 11.21 -8.69 1.85
C SER A 29 10.40 -7.46 1.42
N PHE A 30 9.17 -7.39 1.92
CA PHE A 30 8.30 -6.28 1.58
C PHE A 30 8.87 -4.96 2.08
N ASP A 31 9.21 -4.11 1.12
CA ASP A 31 9.78 -2.81 1.45
C ASP A 31 8.80 -1.71 1.02
N HIS A 32 7.74 -1.58 1.80
CA HIS A 32 6.72 -0.58 1.51
C HIS A 32 7.39 0.72 1.05
N LYS A 33 8.36 1.16 1.84
CA LYS A 33 9.08 2.37 1.53
C LYS A 33 9.59 2.31 0.08
N LYS A 34 10.22 1.17 -0.24
CA LYS A 34 10.75 0.96 -1.57
C LYS A 34 9.62 1.04 -2.58
N PHE A 35 8.64 0.17 -2.40
CA PHE A 35 7.49 0.11 -3.29
C PHE A 35 7.07 1.52 -3.71
N PHE A 36 6.65 2.30 -2.73
CA PHE A 36 6.23 3.67 -2.98
C PHE A 36 7.30 4.45 -3.73
N LYS A 37 8.54 4.21 -3.34
CA LYS A 37 9.67 4.88 -3.96
C LYS A 37 9.86 4.35 -5.38
N ALA A 38 9.34 3.16 -5.61
CA ALA A 38 9.44 2.54 -6.92
C ALA A 38 8.43 3.20 -7.87
N CYS A 39 7.16 3.07 -7.52
CA CYS A 39 6.09 3.64 -8.33
C CYS A 39 6.21 5.16 -8.26
N GLY A 40 6.90 5.63 -7.24
CA GLY A 40 7.10 7.05 -7.06
C GLY A 40 6.13 7.62 -6.01
N LEU A 41 5.12 6.82 -5.70
CA LEU A 41 4.13 7.22 -4.72
C LEU A 41 4.82 7.93 -3.56
N SER A 42 6.06 7.53 -3.31
CA SER A 42 6.84 8.12 -2.24
C SER A 42 7.18 9.57 -2.57
N GLY A 43 6.35 10.47 -2.09
CA GLY A 43 6.55 11.89 -2.33
C GLY A 43 5.49 12.44 -3.29
N LYS A 44 4.67 11.54 -3.79
CA LYS A 44 3.61 11.91 -4.71
C LYS A 44 2.74 12.99 -4.08
N SER A 45 1.73 13.41 -4.82
CA SER A 45 0.82 14.44 -4.35
C SER A 45 -0.18 13.83 -3.35
N THR A 46 -0.47 14.61 -2.31
CA THR A 46 -1.40 14.16 -1.28
C THR A 46 -2.78 13.90 -1.89
N ASP A 47 -2.99 14.48 -3.07
CA ASP A 47 -4.26 14.32 -3.76
C ASP A 47 -4.34 12.91 -4.33
N GLU A 48 -3.40 12.60 -5.22
CA GLU A 48 -3.36 11.31 -5.85
C GLU A 48 -3.23 10.20 -4.79
N VAL A 49 -2.34 10.46 -3.84
CA VAL A 49 -2.11 9.51 -2.76
C VAL A 49 -3.45 8.97 -2.25
N LYS A 50 -4.40 9.88 -2.14
CA LYS A 50 -5.73 9.53 -1.67
C LYS A 50 -6.42 8.65 -2.72
N LYS A 51 -6.24 9.04 -3.98
CA LYS A 51 -6.84 8.30 -5.08
C LYS A 51 -6.20 6.92 -5.16
N ALA A 52 -5.02 6.81 -4.59
CA ALA A 52 -4.29 5.54 -4.59
C ALA A 52 -4.77 4.69 -3.41
N PHE A 53 -5.07 5.36 -2.31
CA PHE A 53 -5.53 4.68 -1.12
C PHE A 53 -6.90 4.04 -1.34
N ALA A 54 -7.60 4.56 -2.35
CA ALA A 54 -8.92 4.06 -2.69
C ALA A 54 -8.78 2.86 -3.63
N ILE A 55 -7.54 2.62 -4.06
CA ILE A 55 -7.26 1.51 -4.95
C ILE A 55 -7.34 0.20 -4.17
N ILE A 56 -6.60 0.15 -3.08
CA ILE A 56 -6.58 -1.03 -2.24
C ILE A 56 -7.97 -1.27 -1.66
N ASP A 57 -8.51 -0.24 -1.05
CA ASP A 57 -9.84 -0.32 -0.45
C ASP A 57 -10.75 -1.13 -1.38
N GLN A 58 -10.99 -2.38 -0.99
CA GLN A 58 -11.84 -3.26 -1.76
C GLN A 58 -13.28 -3.20 -1.24
N ASP A 59 -13.40 -2.87 0.01
CA ASP A 59 -14.75 -2.77 0.64
C ASP A 59 -15.07 -1.32 0.98
N LYS A 60 -14.09 -0.43 0.87
CA LYS A 60 -14.31 0.97 1.18
C LYS A 60 -14.86 1.10 2.60
N SER A 61 -14.13 0.51 3.54
CA SER A 61 -14.55 0.55 4.94
C SER A 61 -14.22 1.91 5.54
N GLY A 62 -13.54 2.73 4.75
CA GLY A 62 -13.16 4.06 5.20
C GLY A 62 -11.72 4.08 5.71
N PHE A 63 -11.23 2.88 6.03
CA PHE A 63 -9.88 2.75 6.54
C PHE A 63 -9.22 1.47 6.01
N ILE A 64 -8.01 1.22 6.50
CA ILE A 64 -7.27 0.04 6.08
C ILE A 64 -6.77 -0.70 7.32
N GLU A 65 -7.70 -1.41 7.96
CA GLU A 65 -7.36 -2.17 9.15
C GLU A 65 -6.19 -3.12 8.87
N GLU A 66 -5.50 -3.48 9.94
CA GLU A 66 -4.36 -4.38 9.83
C GLU A 66 -4.71 -5.58 8.94
N GLU A 67 -5.97 -6.00 9.03
CA GLU A 67 -6.44 -7.12 8.25
C GLU A 67 -6.37 -6.79 6.76
N GLU A 68 -6.68 -5.54 6.45
CA GLU A 68 -6.65 -5.09 5.06
C GLU A 68 -5.24 -4.70 4.66
N LEU A 69 -4.45 -4.31 5.66
CA LEU A 69 -3.08 -3.91 5.42
C LEU A 69 -2.36 -5.00 4.64
N LYS A 70 -2.46 -6.22 5.16
CA LYS A 70 -1.82 -7.36 4.54
C LYS A 70 -2.33 -7.48 3.09
N LEU A 71 -3.45 -6.83 2.83
CA LEU A 71 -4.04 -6.86 1.51
C LEU A 71 -3.54 -5.67 0.70
N PHE A 72 -2.35 -5.21 1.05
CA PHE A 72 -1.74 -4.09 0.37
C PHE A 72 -1.10 -4.51 -0.94
N LEU A 73 -1.32 -5.77 -1.30
CA LEU A 73 -0.77 -6.32 -2.51
C LEU A 73 -1.92 -6.76 -3.43
N GLN A 74 -3.12 -6.71 -2.88
CA GLN A 74 -4.30 -7.10 -3.64
C GLN A 74 -4.92 -5.87 -4.32
N ASN A 75 -4.26 -4.73 -4.13
CA ASN A 75 -4.74 -3.49 -4.72
C ASN A 75 -4.23 -3.39 -6.16
N PHE A 76 -2.95 -3.71 -6.33
CA PHE A 76 -2.34 -3.65 -7.65
C PHE A 76 -2.62 -4.94 -8.43
N LYS A 77 -3.45 -5.79 -7.84
CA LYS A 77 -3.81 -7.04 -8.47
C LYS A 77 -4.86 -7.75 -7.62
N ALA A 78 -5.72 -8.50 -8.30
CA ALA A 78 -6.78 -9.23 -7.63
C ALA A 78 -6.37 -10.70 -7.48
N GLY A 79 -5.31 -10.91 -6.70
CA GLY A 79 -4.81 -12.25 -6.47
C GLY A 79 -3.54 -12.22 -5.62
N ALA A 80 -2.75 -11.17 -5.82
CA ALA A 80 -1.51 -11.01 -5.08
C ALA A 80 -1.73 -11.46 -3.63
N ARG A 81 -0.76 -12.21 -3.13
CA ARG A 81 -0.83 -12.69 -1.77
C ARG A 81 -0.98 -11.53 -0.79
N ALA A 82 -0.92 -11.86 0.49
CA ALA A 82 -1.05 -10.85 1.53
C ALA A 82 0.22 -10.87 2.40
N LEU A 83 0.69 -9.67 2.72
CA LEU A 83 1.88 -9.53 3.53
C LEU A 83 1.79 -10.48 4.72
N SER A 84 2.96 -10.95 5.15
CA SER A 84 3.03 -11.87 6.27
C SER A 84 2.48 -11.21 7.53
N ASP A 85 2.63 -11.90 8.65
CA ASP A 85 2.16 -11.39 9.92
C ASP A 85 3.08 -10.27 10.39
N ALA A 86 4.33 -10.36 9.98
CA ALA A 86 5.32 -9.38 10.34
C ALA A 86 5.31 -8.24 9.32
N GLU A 87 5.28 -8.61 8.05
CA GLU A 87 5.25 -7.64 6.98
C GLU A 87 4.14 -6.62 7.21
N THR A 88 2.95 -7.14 7.45
CA THR A 88 1.80 -6.29 7.70
C THR A 88 2.04 -5.40 8.91
N LYS A 89 2.86 -5.90 9.81
CA LYS A 89 3.19 -5.16 11.02
C LYS A 89 4.13 -4.01 10.68
N ALA A 90 5.09 -4.30 9.81
CA ALA A 90 6.06 -3.31 9.39
C ALA A 90 5.33 -2.17 8.65
N PHE A 91 4.42 -2.58 7.77
CA PHE A 91 3.65 -1.62 7.00
C PHE A 91 2.60 -0.94 7.87
N LEU A 92 2.38 -1.50 9.04
CA LEU A 92 1.40 -0.96 9.96
C LEU A 92 2.03 0.17 10.77
N LYS A 93 3.04 -0.20 11.57
CA LYS A 93 3.73 0.77 12.38
C LYS A 93 4.29 1.87 11.49
N ALA A 94 4.80 1.46 10.34
CA ALA A 94 5.37 2.41 9.38
C ALA A 94 4.44 3.61 9.24
N GLY A 95 3.27 3.35 8.68
CA GLY A 95 2.27 4.40 8.49
C GLY A 95 1.57 4.74 9.80
N ASP A 96 0.87 3.75 10.34
CA ASP A 96 0.15 3.94 11.59
C ASP A 96 1.09 4.57 12.62
N SER A 97 1.04 5.89 12.70
CA SER A 97 1.87 6.62 13.64
C SER A 97 1.15 6.78 14.97
N ASP A 98 -0.02 6.21 15.04
CA ASP A 98 -0.83 6.28 16.29
C ASP A 98 -1.17 4.87 16.78
N GLY A 99 -0.74 3.85 16.05
CA GLY A 99 -1.02 2.47 16.45
C GLY A 99 -2.43 2.36 17.05
N ASP A 100 -3.42 2.51 16.19
CA ASP A 100 -4.81 2.42 16.62
C ASP A 100 -5.39 1.08 16.18
N GLY A 101 -4.77 0.51 15.15
CA GLY A 101 -5.22 -0.77 14.62
C GLY A 101 -5.71 -0.62 13.18
N LYS A 102 -5.49 0.56 12.63
CA LYS A 102 -5.91 0.84 11.26
C LYS A 102 -4.96 1.87 10.65
N ILE A 103 -5.13 2.08 9.34
CA ILE A 103 -4.30 3.03 8.63
C ILE A 103 -5.19 3.92 7.75
N GLY A 104 -5.37 5.14 8.20
CA GLY A 104 -6.19 6.09 7.47
C GLY A 104 -5.43 6.67 6.28
N ILE A 105 -5.98 7.76 5.74
CA ILE A 105 -5.36 8.42 4.61
C ILE A 105 -4.24 9.34 5.10
N ASP A 106 -4.49 9.97 6.23
CA ASP A 106 -3.52 10.89 6.81
C ASP A 106 -2.32 10.08 7.31
N GLU A 107 -2.55 8.78 7.49
CA GLU A 107 -1.50 7.89 7.96
C GLU A 107 -0.87 7.14 6.79
N PHE A 108 -1.72 6.71 5.88
CA PHE A 108 -1.27 5.98 4.71
C PHE A 108 -0.55 6.90 3.73
N ALA A 109 -0.94 8.16 3.77
CA ALA A 109 -0.34 9.16 2.89
C ALA A 109 0.89 9.76 3.56
N ALA A 110 1.05 9.44 4.84
CA ALA A 110 2.18 9.93 5.60
C ALA A 110 3.41 9.09 5.26
N MET A 111 3.27 7.78 5.41
CA MET A 111 4.36 6.86 5.12
C MET A 111 4.96 7.15 3.73
N ILE A 112 4.18 7.84 2.92
CA ILE A 112 4.61 8.18 1.57
C ILE A 112 4.95 9.67 1.51
N LYS A 113 4.18 10.45 2.25
CA LYS A 113 4.39 11.89 2.29
C LYS A 113 5.67 12.19 3.07
N GLY A 114 6.16 11.18 3.76
CA GLY A 114 7.37 11.32 4.55
C GLY A 114 8.47 10.39 4.05
N SER A 5 -7.65 -5.98 -8.91
CA SER A 5 -8.20 -4.67 -9.20
C SER A 5 -7.19 -3.84 -10.00
N MET A 6 -7.54 -3.59 -11.25
CA MET A 6 -6.69 -2.81 -12.12
C MET A 6 -6.99 -1.32 -12.02
N ALA A 7 -7.11 -0.85 -10.78
CA ALA A 7 -7.41 0.55 -10.54
C ALA A 7 -6.16 1.38 -10.81
N PHE A 8 -5.12 1.11 -10.04
CA PHE A 8 -3.86 1.83 -10.19
C PHE A 8 -3.37 1.78 -11.63
N ALA A 9 -3.89 0.82 -12.37
CA ALA A 9 -3.52 0.65 -13.76
C ALA A 9 -3.70 1.98 -14.49
N SER A 10 -4.53 2.83 -13.91
CA SER A 10 -4.80 4.13 -14.51
C SER A 10 -3.89 5.19 -13.85
N VAL A 11 -3.76 5.08 -12.54
CA VAL A 11 -2.93 6.00 -11.79
C VAL A 11 -1.48 5.88 -12.25
N LEU A 12 -0.93 4.70 -12.02
CA LEU A 12 0.45 4.43 -12.40
C LEU A 12 0.47 3.48 -13.59
N LYS A 13 1.68 3.13 -14.02
CA LYS A 13 1.85 2.22 -15.15
C LYS A 13 1.90 0.79 -14.63
N ASP A 14 1.06 -0.05 -15.22
CA ASP A 14 0.99 -1.45 -14.84
C ASP A 14 2.40 -2.04 -14.88
N ALA A 15 3.23 -1.45 -15.73
CA ALA A 15 4.61 -1.91 -15.87
C ALA A 15 5.44 -1.40 -14.69
N GLU A 16 5.07 -0.23 -14.21
CA GLU A 16 5.77 0.39 -13.10
C GLU A 16 5.45 -0.36 -11.80
N VAL A 17 4.16 -0.43 -11.50
CA VAL A 17 3.71 -1.11 -10.29
C VAL A 17 4.15 -2.57 -10.35
N THR A 18 4.13 -3.13 -11.55
CA THR A 18 4.52 -4.50 -11.74
C THR A 18 5.88 -4.77 -11.11
N ALA A 19 6.85 -3.95 -11.49
CA ALA A 19 8.20 -4.08 -10.96
C ALA A 19 8.15 -3.96 -9.43
N ALA A 20 7.20 -3.17 -8.96
CA ALA A 20 7.05 -2.97 -7.53
C ALA A 20 6.41 -4.21 -6.90
N LEU A 21 5.77 -5.00 -7.76
CA LEU A 21 5.12 -6.22 -7.31
C LEU A 21 6.14 -7.37 -7.29
N ASP A 22 7.16 -7.21 -8.11
CA ASP A 22 8.21 -8.22 -8.20
C ASP A 22 9.32 -7.89 -7.20
N GLY A 23 9.34 -6.64 -6.78
CA GLY A 23 10.33 -6.18 -5.83
C GLY A 23 10.03 -6.70 -4.42
N CYS A 24 8.82 -7.21 -4.27
CA CYS A 24 8.39 -7.74 -2.99
C CYS A 24 7.68 -9.08 -3.23
N LYS A 25 8.11 -9.75 -4.29
CA LYS A 25 7.53 -11.03 -4.64
C LYS A 25 7.85 -12.04 -3.54
N ALA A 26 9.11 -12.06 -3.13
CA ALA A 26 9.55 -12.97 -2.09
C ALA A 26 8.95 -12.54 -0.76
N ALA A 27 8.78 -13.52 0.13
CA ALA A 27 8.22 -13.25 1.44
C ALA A 27 9.33 -12.73 2.37
N GLY A 28 8.92 -11.94 3.34
CA GLY A 28 9.86 -11.38 4.30
C GLY A 28 10.93 -10.55 3.58
N SER A 29 10.59 -10.11 2.38
CA SER A 29 11.51 -9.32 1.60
C SER A 29 10.79 -8.10 1.01
N PHE A 30 9.63 -7.82 1.58
CA PHE A 30 8.83 -6.69 1.13
C PHE A 30 9.16 -5.42 1.93
N ASP A 31 9.15 -4.30 1.24
CA ASP A 31 9.44 -3.02 1.87
C ASP A 31 8.42 -1.98 1.41
N HIS A 32 7.32 -1.90 2.14
CA HIS A 32 6.27 -0.95 1.80
C HIS A 32 6.90 0.37 1.35
N LYS A 33 7.72 0.93 2.23
CA LYS A 33 8.38 2.19 1.93
C LYS A 33 8.93 2.14 0.51
N LYS A 34 9.83 1.20 0.28
CA LYS A 34 10.44 1.03 -1.03
C LYS A 34 9.35 1.07 -2.10
N PHE A 35 8.43 0.12 -2.00
CA PHE A 35 7.33 0.03 -2.95
C PHE A 35 6.83 1.42 -3.33
N PHE A 36 6.31 2.12 -2.34
CA PHE A 36 5.79 3.47 -2.56
C PHE A 36 6.80 4.34 -3.30
N LYS A 37 8.08 4.12 -2.97
CA LYS A 37 9.14 4.87 -3.61
C LYS A 37 9.34 4.37 -5.04
N ALA A 38 8.98 3.12 -5.25
CA ALA A 38 9.11 2.51 -6.57
C ALA A 38 8.06 3.13 -7.51
N CYS A 39 6.80 2.93 -7.16
CA CYS A 39 5.72 3.46 -7.96
C CYS A 39 5.79 4.98 -7.92
N GLY A 40 6.50 5.49 -6.92
CA GLY A 40 6.65 6.92 -6.77
C GLY A 40 5.63 7.49 -5.78
N LEU A 41 4.70 6.62 -5.38
CA LEU A 41 3.66 7.02 -4.44
C LEU A 41 4.27 7.92 -3.37
N SER A 42 5.55 7.67 -3.08
CA SER A 42 6.27 8.45 -2.08
C SER A 42 6.47 9.88 -2.58
N GLY A 43 7.05 9.97 -3.77
CA GLY A 43 7.31 11.28 -4.36
C GLY A 43 6.06 11.83 -5.04
N LYS A 44 4.99 11.05 -4.97
CA LYS A 44 3.72 11.47 -5.56
C LYS A 44 3.11 12.59 -4.72
N SER A 45 1.96 13.06 -5.19
CA SER A 45 1.27 14.14 -4.50
C SER A 45 0.28 13.55 -3.48
N THR A 46 0.26 14.17 -2.31
CA THR A 46 -0.63 13.73 -1.24
C THR A 46 -2.07 13.66 -1.74
N ASP A 47 -2.32 14.36 -2.84
CA ASP A 47 -3.64 14.40 -3.43
C ASP A 47 -4.01 13.02 -3.96
N GLU A 48 -3.22 12.59 -4.94
CA GLU A 48 -3.45 11.29 -5.56
C GLU A 48 -3.38 10.19 -4.49
N VAL A 49 -2.45 10.36 -3.57
CA VAL A 49 -2.28 9.39 -2.50
C VAL A 49 -3.65 8.93 -2.00
N LYS A 50 -4.53 9.90 -1.81
CA LYS A 50 -5.87 9.62 -1.34
C LYS A 50 -6.57 8.68 -2.33
N LYS A 51 -6.47 9.06 -3.61
CA LYS A 51 -7.08 8.27 -4.66
C LYS A 51 -6.37 6.92 -4.77
N ALA A 52 -5.15 6.89 -4.26
CA ALA A 52 -4.35 5.68 -4.29
C ALA A 52 -4.82 4.73 -3.19
N PHE A 53 -5.12 5.32 -2.04
CA PHE A 53 -5.59 4.55 -0.90
C PHE A 53 -6.95 3.92 -1.18
N ALA A 54 -7.69 4.56 -2.07
CA ALA A 54 -9.02 4.08 -2.43
C ALA A 54 -8.87 2.89 -3.39
N ILE A 55 -7.63 2.62 -3.76
CA ILE A 55 -7.35 1.52 -4.67
C ILE A 55 -7.38 0.20 -3.89
N ILE A 56 -6.70 0.21 -2.76
CA ILE A 56 -6.65 -0.98 -1.91
C ILE A 56 -8.01 -1.20 -1.26
N ASP A 57 -8.53 -0.14 -0.65
CA ASP A 57 -9.82 -0.23 0.01
C ASP A 57 -10.78 -1.05 -0.86
N GLN A 58 -11.00 -2.28 -0.43
CA GLN A 58 -11.89 -3.17 -1.15
C GLN A 58 -13.33 -2.97 -0.68
N ASP A 59 -13.54 -3.19 0.59
CA ASP A 59 -14.90 -3.02 1.17
C ASP A 59 -15.24 -1.54 1.30
N LYS A 60 -14.34 -0.66 0.86
CA LYS A 60 -14.59 0.77 0.95
C LYS A 60 -15.00 1.13 2.38
N SER A 61 -14.12 0.78 3.31
CA SER A 61 -14.38 1.06 4.72
C SER A 61 -13.81 2.42 5.10
N GLY A 62 -13.04 2.98 4.17
CA GLY A 62 -12.42 4.27 4.40
C GLY A 62 -11.10 4.12 5.17
N PHE A 63 -10.87 2.92 5.65
CA PHE A 63 -9.66 2.64 6.41
C PHE A 63 -9.02 1.32 5.94
N ILE A 64 -7.85 1.05 6.49
CA ILE A 64 -7.13 -0.17 6.14
C ILE A 64 -6.69 -0.88 7.42
N GLU A 65 -7.53 -1.79 7.87
CA GLU A 65 -7.24 -2.55 9.08
C GLU A 65 -5.92 -3.30 8.93
N GLU A 66 -5.45 -3.83 10.05
CA GLU A 66 -4.20 -4.57 10.06
C GLU A 66 -4.27 -5.75 9.08
N GLU A 67 -5.43 -6.40 9.08
CA GLU A 67 -5.64 -7.53 8.20
C GLU A 67 -5.63 -7.09 6.74
N GLU A 68 -6.19 -5.91 6.51
CA GLU A 68 -6.26 -5.36 5.17
C GLU A 68 -4.88 -4.84 4.74
N LEU A 69 -4.10 -4.44 5.73
CA LEU A 69 -2.77 -3.92 5.47
C LEU A 69 -1.99 -4.94 4.65
N LYS A 70 -2.02 -6.18 5.12
CA LYS A 70 -1.33 -7.26 4.44
C LYS A 70 -1.82 -7.37 2.99
N LEU A 71 -2.98 -6.76 2.76
CA LEU A 71 -3.57 -6.78 1.43
C LEU A 71 -3.13 -5.52 0.67
N PHE A 72 -1.96 -5.02 1.03
CA PHE A 72 -1.41 -3.85 0.39
C PHE A 72 -0.92 -4.16 -1.02
N LEU A 73 -1.06 -5.42 -1.40
CA LEU A 73 -0.65 -5.87 -2.71
C LEU A 73 -1.87 -6.34 -3.50
N GLN A 74 -2.99 -6.43 -2.79
CA GLN A 74 -4.23 -6.87 -3.40
C GLN A 74 -4.93 -5.69 -4.08
N ASN A 75 -4.32 -4.53 -3.95
CA ASN A 75 -4.88 -3.32 -4.54
C ASN A 75 -4.43 -3.21 -6.00
N PHE A 76 -3.16 -3.53 -6.21
CA PHE A 76 -2.60 -3.46 -7.55
C PHE A 76 -2.87 -4.76 -8.32
N LYS A 77 -3.66 -5.62 -7.70
CA LYS A 77 -4.01 -6.90 -8.31
C LYS A 77 -5.03 -7.62 -7.43
N ALA A 78 -5.87 -8.41 -8.08
CA ALA A 78 -6.89 -9.16 -7.36
C ALA A 78 -6.42 -10.61 -7.17
N GLY A 79 -5.10 -10.76 -7.16
CA GLY A 79 -4.51 -12.08 -6.99
C GLY A 79 -3.06 -11.97 -6.53
N ALA A 80 -2.75 -10.86 -5.86
CA ALA A 80 -1.41 -10.61 -5.36
C ALA A 80 -1.21 -11.41 -4.07
N ARG A 81 -0.06 -11.19 -3.45
CA ARG A 81 0.27 -11.88 -2.22
C ARG A 81 0.04 -10.95 -1.02
N ALA A 82 -0.07 -11.57 0.15
CA ALA A 82 -0.29 -10.81 1.37
C ALA A 82 1.01 -10.78 2.19
N LEU A 83 1.23 -9.66 2.85
CA LEU A 83 2.42 -9.49 3.67
C LEU A 83 2.28 -10.33 4.94
N SER A 84 3.42 -10.80 5.43
CA SER A 84 3.45 -11.60 6.63
C SER A 84 2.97 -10.78 7.83
N ASP A 85 2.93 -11.43 8.98
CA ASP A 85 2.50 -10.77 10.20
C ASP A 85 3.56 -9.76 10.62
N ALA A 86 4.81 -10.12 10.38
CA ALA A 86 5.93 -9.25 10.73
C ALA A 86 5.99 -8.08 9.74
N GLU A 87 5.78 -8.41 8.48
CA GLU A 87 5.82 -7.41 7.42
C GLU A 87 4.68 -6.41 7.62
N THR A 88 3.49 -6.94 7.84
CA THR A 88 2.32 -6.10 8.03
C THR A 88 2.40 -5.38 9.37
N LYS A 89 3.26 -5.91 10.24
CA LYS A 89 3.44 -5.32 11.55
C LYS A 89 4.11 -3.94 11.40
N ALA A 90 5.26 -3.94 10.76
CA ALA A 90 6.00 -2.71 10.55
C ALA A 90 5.21 -1.81 9.60
N PHE A 91 4.33 -2.44 8.82
CA PHE A 91 3.52 -1.70 7.88
C PHE A 91 2.40 -0.93 8.59
N LEU A 92 2.14 -1.34 9.82
CA LEU A 92 1.10 -0.71 10.62
C LEU A 92 1.67 0.57 11.23
N LYS A 93 2.66 0.40 12.10
CA LYS A 93 3.27 1.53 12.76
C LYS A 93 3.97 2.42 11.71
N ALA A 94 4.21 1.82 10.55
CA ALA A 94 4.85 2.54 9.46
C ALA A 94 4.09 3.84 9.20
N GLY A 95 2.83 3.68 8.82
CA GLY A 95 1.99 4.83 8.54
C GLY A 95 1.07 5.15 9.71
N ASP A 96 0.53 4.09 10.31
CA ASP A 96 -0.37 4.24 11.44
C ASP A 96 0.39 4.88 12.60
N SER A 97 0.51 6.20 12.53
CA SER A 97 1.20 6.95 13.56
C SER A 97 0.40 6.90 14.86
N ASP A 98 -0.83 7.29 14.77
CA ASP A 98 -1.71 7.29 15.98
C ASP A 98 -1.97 5.84 16.42
N GLY A 99 -1.66 4.88 15.58
CA GLY A 99 -1.88 3.48 15.92
C GLY A 99 -3.19 3.31 16.70
N ASP A 100 -4.29 3.50 15.98
CA ASP A 100 -5.60 3.36 16.58
C ASP A 100 -6.15 1.95 16.32
N GLY A 101 -5.48 1.26 15.40
CA GLY A 101 -5.88 -0.09 15.05
C GLY A 101 -6.25 -0.18 13.57
N LYS A 102 -5.99 0.91 12.86
CA LYS A 102 -6.27 0.96 11.44
C LYS A 102 -5.32 1.94 10.76
N ILE A 103 -5.47 2.07 9.45
CA ILE A 103 -4.64 2.96 8.67
C ILE A 103 -5.50 3.73 7.67
N GLY A 104 -5.73 5.00 8.00
CA GLY A 104 -6.54 5.85 7.14
C GLY A 104 -5.70 6.46 6.01
N ILE A 105 -6.25 7.50 5.41
CA ILE A 105 -5.56 8.19 4.33
C ILE A 105 -4.46 9.09 4.91
N ASP A 106 -4.86 9.88 5.89
CA ASP A 106 -3.94 10.79 6.53
C ASP A 106 -2.72 10.01 7.03
N GLU A 107 -2.95 8.74 7.33
CA GLU A 107 -1.90 7.88 7.82
C GLU A 107 -1.18 7.20 6.65
N PHE A 108 -1.98 6.69 5.72
CA PHE A 108 -1.45 6.01 4.55
C PHE A 108 -0.56 6.96 3.75
N ALA A 109 -0.87 8.24 3.83
CA ALA A 109 -0.11 9.25 3.11
C ALA A 109 1.08 9.69 3.96
N ALA A 110 1.11 9.20 5.19
CA ALA A 110 2.17 9.53 6.11
C ALA A 110 3.38 8.63 5.84
N MET A 111 3.13 7.33 5.85
CA MET A 111 4.18 6.36 5.60
C MET A 111 4.93 6.70 4.30
N ILE A 112 4.22 7.37 3.41
CA ILE A 112 4.80 7.74 2.14
C ILE A 112 5.40 9.15 2.25
N LYS A 113 4.64 10.03 2.89
CA LYS A 113 5.08 11.40 3.08
C LYS A 113 6.31 11.43 3.99
N GLY A 114 6.53 10.31 4.67
CA GLY A 114 7.65 10.19 5.57
C GLY A 114 7.38 9.14 6.66
N SER A 5 -6.86 -4.36 -7.04
CA SER A 5 -7.51 -5.04 -8.15
C SER A 5 -7.12 -4.38 -9.47
N MET A 6 -5.82 -4.21 -9.65
CA MET A 6 -5.30 -3.60 -10.87
C MET A 6 -6.03 -2.28 -11.16
N ALA A 7 -6.32 -1.55 -10.10
CA ALA A 7 -7.01 -0.28 -10.23
C ALA A 7 -5.98 0.82 -10.52
N PHE A 8 -4.77 0.61 -10.03
CA PHE A 8 -3.70 1.57 -10.23
C PHE A 8 -3.23 1.56 -11.69
N ALA A 9 -3.79 0.64 -12.46
CA ALA A 9 -3.44 0.52 -13.86
C ALA A 9 -3.72 1.84 -14.57
N SER A 10 -4.54 2.65 -13.92
CA SER A 10 -4.92 3.94 -14.47
C SER A 10 -4.02 5.04 -13.88
N VAL A 11 -3.89 5.00 -12.57
CA VAL A 11 -3.07 5.98 -11.87
C VAL A 11 -1.61 5.83 -12.30
N LEU A 12 -1.06 4.65 -12.01
CA LEU A 12 0.32 4.36 -12.37
C LEU A 12 0.34 3.26 -13.44
N LYS A 13 1.53 3.05 -13.98
CA LYS A 13 1.71 2.03 -15.01
C LYS A 13 1.97 0.68 -14.34
N ASP A 14 1.10 -0.27 -14.65
CA ASP A 14 1.23 -1.61 -14.09
C ASP A 14 2.67 -2.09 -14.26
N ALA A 15 3.22 -1.80 -15.43
CA ALA A 15 4.59 -2.20 -15.74
C ALA A 15 5.55 -1.48 -14.79
N GLU A 16 5.16 -0.27 -14.41
CA GLU A 16 5.97 0.53 -13.50
C GLU A 16 5.85 0.01 -12.08
N VAL A 17 4.63 0.09 -11.55
CA VAL A 17 4.37 -0.38 -10.20
C VAL A 17 4.84 -1.82 -10.05
N THR A 18 4.81 -2.54 -11.17
CA THR A 18 5.23 -3.93 -11.18
C THR A 18 6.59 -4.07 -10.49
N ALA A 19 7.52 -3.22 -10.88
CA ALA A 19 8.85 -3.24 -10.32
C ALA A 19 8.76 -3.20 -8.79
N ALA A 20 7.71 -2.55 -8.32
CA ALA A 20 7.49 -2.42 -6.89
C ALA A 20 6.84 -3.70 -6.37
N LEU A 21 6.02 -4.31 -7.22
CA LEU A 21 5.34 -5.54 -6.86
C LEU A 21 6.36 -6.68 -6.75
N ASP A 22 7.38 -6.60 -7.60
CA ASP A 22 8.43 -7.60 -7.60
C ASP A 22 9.38 -7.35 -6.44
N GLY A 23 9.34 -6.12 -5.93
CA GLY A 23 10.19 -5.73 -4.82
C GLY A 23 9.72 -6.38 -3.51
N CYS A 24 8.55 -7.00 -3.59
CA CYS A 24 7.98 -7.67 -2.43
C CYS A 24 7.60 -9.09 -2.82
N LYS A 25 8.29 -9.60 -3.83
CA LYS A 25 8.03 -10.95 -4.31
C LYS A 25 8.72 -11.95 -3.39
N ALA A 26 9.66 -11.44 -2.60
CA ALA A 26 10.40 -12.29 -1.69
C ALA A 26 9.79 -12.16 -0.28
N ALA A 27 9.01 -13.18 0.08
CA ALA A 27 8.36 -13.20 1.38
C ALA A 27 9.35 -12.70 2.44
N GLY A 28 8.86 -11.81 3.29
CA GLY A 28 9.68 -11.26 4.35
C GLY A 28 10.73 -10.30 3.78
N SER A 29 10.50 -9.88 2.55
CA SER A 29 11.42 -8.98 1.88
C SER A 29 10.67 -7.76 1.35
N PHE A 30 9.43 -7.63 1.81
CA PHE A 30 8.59 -6.51 1.39
C PHE A 30 9.01 -5.22 2.09
N ASP A 31 9.06 -4.15 1.32
CA ASP A 31 9.43 -2.86 1.85
C ASP A 31 8.54 -1.78 1.25
N HIS A 32 7.45 -1.48 1.96
CA HIS A 32 6.51 -0.47 1.51
C HIS A 32 7.27 0.70 0.90
N LYS A 33 8.11 1.31 1.73
CA LYS A 33 8.90 2.46 1.28
C LYS A 33 9.47 2.16 -0.11
N LYS A 34 10.03 0.96 -0.25
CA LYS A 34 10.61 0.56 -1.51
C LYS A 34 9.51 0.49 -2.58
N PHE A 35 8.36 -0.01 -2.16
CA PHE A 35 7.22 -0.13 -3.05
C PHE A 35 6.79 1.25 -3.60
N PHE A 36 6.37 2.10 -2.67
CA PHE A 36 5.92 3.43 -3.03
C PHE A 36 6.99 4.15 -3.88
N LYS A 37 8.23 3.69 -3.71
CA LYS A 37 9.34 4.27 -4.44
C LYS A 37 9.32 3.78 -5.88
N ALA A 38 9.24 2.45 -6.02
CA ALA A 38 9.22 1.84 -7.33
C ALA A 38 7.93 2.23 -8.05
N CYS A 39 6.92 2.55 -7.26
CA CYS A 39 5.64 2.94 -7.80
C CYS A 39 5.63 4.45 -7.98
N GLY A 40 6.44 5.12 -7.17
CA GLY A 40 6.54 6.58 -7.23
C GLY A 40 5.56 7.23 -6.26
N LEU A 41 4.62 6.42 -5.78
CA LEU A 41 3.62 6.91 -4.85
C LEU A 41 4.29 7.81 -3.81
N SER A 42 5.56 7.54 -3.57
CA SER A 42 6.33 8.31 -2.60
C SER A 42 6.49 9.75 -3.09
N GLY A 43 6.91 9.86 -4.35
CA GLY A 43 7.10 11.18 -4.95
C GLY A 43 5.82 11.66 -5.63
N LYS A 44 4.75 10.89 -5.44
CA LYS A 44 3.47 11.23 -6.02
C LYS A 44 2.89 12.45 -5.31
N SER A 45 1.71 12.86 -5.75
CA SER A 45 1.04 14.01 -5.16
C SER A 45 0.19 13.57 -3.97
N THR A 46 -0.01 14.49 -3.05
CA THR A 46 -0.80 14.21 -1.86
C THR A 46 -2.27 14.03 -2.23
N ASP A 47 -2.66 14.66 -3.33
CA ASP A 47 -4.03 14.56 -3.81
C ASP A 47 -4.30 13.14 -4.29
N GLU A 48 -3.58 12.76 -5.34
CA GLU A 48 -3.73 11.43 -5.91
C GLU A 48 -3.62 10.37 -4.81
N VAL A 49 -2.73 10.62 -3.87
CA VAL A 49 -2.51 9.71 -2.77
C VAL A 49 -3.87 9.25 -2.22
N LYS A 50 -4.74 10.23 -1.99
CA LYS A 50 -6.06 9.94 -1.46
C LYS A 50 -6.83 9.08 -2.48
N LYS A 51 -6.56 9.34 -3.75
CA LYS A 51 -7.22 8.60 -4.82
C LYS A 51 -6.59 7.20 -4.92
N ALA A 52 -5.38 7.09 -4.40
CA ALA A 52 -4.67 5.83 -4.43
C ALA A 52 -5.13 4.96 -3.26
N PHE A 53 -5.38 5.61 -2.14
CA PHE A 53 -5.82 4.91 -0.95
C PHE A 53 -7.17 4.23 -1.18
N ALA A 54 -7.87 4.73 -2.19
CA ALA A 54 -9.17 4.18 -2.53
C ALA A 54 -9.00 3.00 -3.47
N ILE A 55 -7.76 2.83 -3.92
CA ILE A 55 -7.44 1.74 -4.84
C ILE A 55 -7.46 0.41 -4.08
N ILE A 56 -6.79 0.42 -2.94
CA ILE A 56 -6.71 -0.77 -2.11
C ILE A 56 -8.11 -1.07 -1.54
N ASP A 57 -8.63 -0.10 -0.81
CA ASP A 57 -9.93 -0.25 -0.21
C ASP A 57 -10.88 -0.95 -1.18
N GLN A 58 -11.11 -2.22 -0.92
CA GLN A 58 -11.98 -3.02 -1.77
C GLN A 58 -13.44 -2.88 -1.32
N ASP A 59 -13.60 -2.41 -0.11
CA ASP A 59 -14.96 -2.22 0.45
C ASP A 59 -15.19 -0.75 0.79
N LYS A 60 -14.13 0.05 0.84
CA LYS A 60 -14.26 1.46 1.17
C LYS A 60 -14.82 1.60 2.58
N SER A 61 -14.39 0.69 3.45
CA SER A 61 -14.84 0.70 4.83
C SER A 61 -14.53 2.05 5.47
N GLY A 62 -13.63 2.79 4.83
CA GLY A 62 -13.24 4.10 5.32
C GLY A 62 -11.77 4.11 5.75
N PHE A 63 -11.32 2.96 6.22
CA PHE A 63 -9.94 2.82 6.66
C PHE A 63 -9.31 1.54 6.10
N ILE A 64 -8.12 1.23 6.59
CA ILE A 64 -7.40 0.05 6.15
C ILE A 64 -7.01 -0.79 7.37
N GLU A 65 -7.98 -1.50 7.90
CA GLU A 65 -7.74 -2.35 9.06
C GLU A 65 -6.56 -3.27 8.81
N GLU A 66 -6.07 -3.86 9.89
CA GLU A 66 -4.94 -4.77 9.81
C GLU A 66 -5.19 -5.84 8.75
N GLU A 67 -6.43 -6.34 8.73
CA GLU A 67 -6.81 -7.36 7.78
C GLU A 67 -6.72 -6.82 6.35
N GLU A 68 -6.84 -5.50 6.24
CA GLU A 68 -6.77 -4.84 4.95
C GLU A 68 -5.32 -4.51 4.59
N LEU A 69 -4.55 -4.19 5.62
CA LEU A 69 -3.14 -3.85 5.43
C LEU A 69 -2.46 -4.96 4.62
N LYS A 70 -2.60 -6.18 5.13
CA LYS A 70 -2.00 -7.33 4.46
C LYS A 70 -2.46 -7.36 3.00
N LEU A 71 -3.57 -6.68 2.74
CA LEU A 71 -4.11 -6.63 1.40
C LEU A 71 -3.57 -5.39 0.69
N PHE A 72 -2.39 -4.96 1.12
CA PHE A 72 -1.76 -3.80 0.53
C PHE A 72 -1.12 -4.14 -0.82
N LEU A 73 -1.30 -5.39 -1.22
CA LEU A 73 -0.75 -5.86 -2.48
C LEU A 73 -1.89 -6.29 -3.40
N GLN A 74 -3.09 -6.31 -2.83
CA GLN A 74 -4.26 -6.71 -3.59
C GLN A 74 -4.89 -5.49 -4.26
N ASN A 75 -4.25 -4.35 -4.07
CA ASN A 75 -4.74 -3.11 -4.65
C ASN A 75 -4.19 -2.97 -6.07
N PHE A 76 -2.90 -3.24 -6.21
CA PHE A 76 -2.25 -3.15 -7.50
C PHE A 76 -2.46 -4.43 -8.31
N LYS A 77 -3.33 -5.27 -7.80
CA LYS A 77 -3.64 -6.53 -8.47
C LYS A 77 -4.69 -7.29 -7.66
N ALA A 78 -5.42 -8.14 -8.36
CA ALA A 78 -6.47 -8.94 -7.73
C ALA A 78 -5.99 -10.38 -7.60
N GLY A 79 -4.68 -10.54 -7.52
CA GLY A 79 -4.09 -11.86 -7.40
C GLY A 79 -2.76 -11.80 -6.65
N ALA A 80 -2.58 -10.72 -5.91
CA ALA A 80 -1.37 -10.53 -5.14
C ALA A 80 -1.55 -11.09 -3.73
N ARG A 81 -0.52 -11.76 -3.25
CA ARG A 81 -0.55 -12.34 -1.92
C ARG A 81 -0.83 -11.27 -0.88
N ALA A 82 -0.69 -11.66 0.38
CA ALA A 82 -0.92 -10.75 1.49
C ALA A 82 0.34 -10.68 2.36
N LEU A 83 0.68 -9.47 2.77
CA LEU A 83 1.84 -9.25 3.60
C LEU A 83 1.76 -10.16 4.83
N SER A 84 2.91 -10.71 5.19
CA SER A 84 2.99 -11.61 6.34
C SER A 84 2.56 -10.86 7.61
N ASP A 85 2.28 -11.63 8.64
CA ASP A 85 1.85 -11.06 9.91
C ASP A 85 2.86 -9.99 10.35
N ALA A 86 4.09 -10.16 9.88
CA ALA A 86 5.14 -9.22 10.20
C ALA A 86 5.14 -8.07 9.20
N GLU A 87 5.22 -8.45 7.93
CA GLU A 87 5.22 -7.47 6.86
C GLU A 87 4.14 -6.40 7.10
N THR A 88 2.98 -6.88 7.50
CA THR A 88 1.86 -6.00 7.78
C THR A 88 2.16 -5.11 8.99
N LYS A 89 2.91 -5.68 9.92
CA LYS A 89 3.28 -4.96 11.13
C LYS A 89 4.20 -3.79 10.76
N ALA A 90 5.10 -4.06 9.84
CA ALA A 90 6.04 -3.05 9.39
C ALA A 90 5.29 -1.95 8.65
N PHE A 91 4.44 -2.38 7.72
CA PHE A 91 3.65 -1.45 6.94
C PHE A 91 2.57 -0.79 7.80
N LEU A 92 2.36 -1.36 8.97
CA LEU A 92 1.36 -0.84 9.89
C LEU A 92 1.97 0.30 10.70
N LYS A 93 3.06 -0.02 11.38
CA LYS A 93 3.75 0.97 12.20
C LYS A 93 4.39 2.02 11.30
N ALA A 94 4.66 1.61 10.06
CA ALA A 94 5.27 2.50 9.09
C ALA A 94 4.32 3.67 8.81
N GLY A 95 3.07 3.32 8.55
CA GLY A 95 2.06 4.32 8.26
C GLY A 95 1.34 4.76 9.54
N ASP A 96 0.72 3.79 10.20
CA ASP A 96 -0.01 4.06 11.43
C ASP A 96 0.98 4.59 12.48
N SER A 97 0.70 5.80 12.95
CA SER A 97 1.54 6.43 13.95
C SER A 97 0.91 6.28 15.34
N ASP A 98 -0.35 5.93 15.33
CA ASP A 98 -1.08 5.75 16.61
C ASP A 98 -1.14 4.26 16.99
N GLY A 99 -0.81 3.39 16.04
CA GLY A 99 -0.84 1.95 16.31
C GLY A 99 -2.17 1.54 16.95
N ASP A 100 -3.22 1.64 16.16
CA ASP A 100 -4.55 1.28 16.64
C ASP A 100 -5.00 0.00 15.94
N GLY A 101 -4.41 -0.25 14.79
CA GLY A 101 -4.75 -1.44 14.01
C GLY A 101 -5.34 -1.07 12.66
N LYS A 102 -5.48 0.23 12.45
CA LYS A 102 -6.03 0.74 11.20
C LYS A 102 -5.14 1.85 10.67
N ILE A 103 -5.07 1.93 9.34
CA ILE A 103 -4.25 2.93 8.69
C ILE A 103 -5.14 3.83 7.83
N GLY A 104 -5.32 5.05 8.30
CA GLY A 104 -6.16 6.01 7.59
C GLY A 104 -5.41 6.58 6.38
N ILE A 105 -5.94 7.69 5.87
CA ILE A 105 -5.33 8.34 4.72
C ILE A 105 -4.20 9.26 5.19
N ASP A 106 -4.43 9.88 6.33
CA ASP A 106 -3.44 10.78 6.90
C ASP A 106 -2.23 9.96 7.38
N GLU A 107 -2.45 8.66 7.51
CA GLU A 107 -1.39 7.77 7.96
C GLU A 107 -0.81 7.01 6.77
N PHE A 108 -1.69 6.66 5.84
CA PHE A 108 -1.27 5.93 4.65
C PHE A 108 -0.61 6.86 3.64
N ALA A 109 -0.97 8.12 3.73
CA ALA A 109 -0.42 9.13 2.83
C ALA A 109 0.87 9.70 3.43
N ALA A 110 1.06 9.41 4.70
CA ALA A 110 2.25 9.89 5.40
C ALA A 110 3.44 9.03 5.02
N MET A 111 3.25 7.71 5.12
CA MET A 111 4.31 6.78 4.79
C MET A 111 4.83 7.02 3.36
N ILE A 112 4.05 7.77 2.61
CA ILE A 112 4.42 8.08 1.24
C ILE A 112 4.80 9.56 1.14
N LYS A 113 4.15 10.37 1.96
CA LYS A 113 4.42 11.80 1.98
C LYS A 113 5.92 12.02 2.21
N GLY A 114 6.48 11.23 3.10
CA GLY A 114 7.89 11.34 3.42
C GLY A 114 8.37 10.12 4.21
#